data_5KD7
#
_entry.id   5KD7
#
_cell.length_a   51.420
_cell.length_b   75.360
_cell.length_c   120.030
_cell.angle_alpha   93.52
_cell.angle_beta   87.14
_cell.angle_gamma   96.50
#
_symmetry.space_group_name_H-M   'P 1'
#
loop_
_entity.id
_entity.type
_entity.pdbx_description
1 polymer 'H-2 class I histocompatibility antigen, D-D alpha chain'
2 polymer Beta-2-microglobulin
3 polymer 'Peptide (PV9) of HIV gp120 MN isolate (IGPGRAFYV)'
4 non-polymer 1,2-ETHANEDIOL
5 non-polymer GLYCEROL
6 water water
#
loop_
_entity_poly.entity_id
_entity_poly.type
_entity_poly.pdbx_seq_one_letter_code
_entity_poly.pdbx_strand_id
1 'polypeptide(L)'
;SHSLRYFVTAVSRPGFGEPRYMEVGYVDNTEFVRFDSDAENPRYEPRARWIEQEGPEYWERETRRAKGNEQSFRVDLRTA
LRYYNQSAGGSHTLQWMAGCDVESDGRLLRGYWQFAYDGCDYIALNEDLKTWTAADMAAQITRRKWEQAGAAERDRAYLE
GECVEWLRRYLKNGNATLLRTDPPKAHVTHHRRPEGDVTLRCWALGFYPADITLTWQLNGEELTQEMELVETRPAGDGTF
QKWASVVVPLGKEQKYTCHVEHEGLPEPLTLRWGK
;
A,C,F,I
2 'polypeptide(L)'
;MIQKTPQIQVYSRHPPENGKPNILNCYVTQFHPPHIEIQMLKNGKKIPKVEMSDMSFSKDWSFYILAHTEFTPTETDTYA
CRVKHASMAEPKTVYWDRDM
;
B,D,G,J
3 'polypeptide(L)' IGPGRAFYV P,E,H,K
#
# COMPACT_ATOMS: atom_id res chain seq x y z
N SER A 1 29.30 -7.50 -52.62
CA SER A 1 30.49 -6.69 -52.42
C SER A 1 31.17 -7.02 -51.09
N HIS A 2 32.47 -6.77 -51.03
CA HIS A 2 33.26 -7.02 -49.84
C HIS A 2 33.95 -5.72 -49.41
N SER A 3 34.51 -5.73 -48.21
CA SER A 3 35.14 -4.51 -47.72
C SER A 3 36.26 -4.85 -46.75
N LEU A 4 37.18 -3.89 -46.62
CA LEU A 4 38.20 -3.86 -45.58
C LEU A 4 38.17 -2.45 -45.01
N ARG A 5 37.82 -2.31 -43.74
CA ARG A 5 37.66 -1.02 -43.10
C ARG A 5 38.37 -1.01 -41.76
N TYR A 6 38.89 0.16 -41.40
CA TYR A 6 39.62 0.37 -40.17
C TYR A 6 38.97 1.52 -39.39
N PHE A 7 38.56 1.23 -38.16
CA PHE A 7 37.89 2.19 -37.29
C PHE A 7 38.87 2.59 -36.20
N VAL A 8 39.14 3.88 -36.11
CA VAL A 8 40.21 4.39 -35.27
C VAL A 8 39.68 5.51 -34.39
N THR A 9 40.13 5.53 -33.14
CA THR A 9 39.65 6.51 -32.17
C THR A 9 40.80 6.95 -31.28
N ALA A 10 40.85 8.25 -31.03
CA ALA A 10 41.72 8.81 -30.01
C ALA A 10 40.88 9.71 -29.11
N VAL A 11 41.00 9.50 -27.80
CA VAL A 11 40.23 10.25 -26.83
C VAL A 11 41.17 10.84 -25.78
N SER A 12 41.07 12.14 -25.59
CA SER A 12 41.92 12.81 -24.62
C SER A 12 41.31 12.75 -23.22
N ARG A 13 42.19 12.83 -22.22
CA ARG A 13 41.79 12.73 -20.81
C ARG A 13 42.80 13.50 -19.99
N PRO A 14 42.78 14.83 -20.08
CA PRO A 14 43.77 15.65 -19.37
C PRO A 14 43.85 15.30 -17.90
N GLY A 15 45.09 15.20 -17.39
CA GLY A 15 45.35 14.80 -16.03
C GLY A 15 45.46 13.31 -15.82
N PHE A 16 45.00 12.50 -16.78
CA PHE A 16 45.06 11.04 -16.71
C PHE A 16 46.00 10.49 -17.78
N GLY A 17 47.08 11.21 -18.07
CA GLY A 17 48.07 10.71 -19.01
C GLY A 17 47.72 11.00 -20.45
N GLU A 18 48.44 10.32 -21.34
CA GLU A 18 48.27 10.52 -22.77
C GLU A 18 46.90 10.01 -23.23
N PRO A 19 46.44 10.46 -24.40
CA PRO A 19 45.10 10.06 -24.86
C PRO A 19 45.01 8.57 -25.15
N ARG A 20 43.83 8.00 -24.91
CA ARG A 20 43.59 6.62 -25.26
C ARG A 20 43.43 6.48 -26.77
N TYR A 21 44.22 5.60 -27.37
CA TYR A 21 44.24 5.40 -28.81
C TYR A 21 43.87 3.96 -29.13
N MET A 22 42.95 3.78 -30.07
CA MET A 22 42.38 2.47 -30.37
C MET A 22 42.20 2.30 -31.87
N GLU A 23 42.49 1.11 -32.37
CA GLU A 23 42.29 0.76 -33.77
C GLU A 23 41.59 -0.58 -33.86
N VAL A 24 40.59 -0.66 -34.72
CA VAL A 24 39.94 -1.92 -35.02
C VAL A 24 39.81 -2.05 -36.54
N GLY A 25 40.06 -3.25 -37.05
CA GLY A 25 39.96 -3.52 -38.49
C GLY A 25 38.96 -4.61 -38.79
N TYR A 26 38.17 -4.42 -39.84
CA TYR A 26 37.10 -5.34 -40.22
C TYR A 26 37.26 -5.78 -41.67
N VAL A 27 36.90 -7.03 -41.93
CA VAL A 27 36.72 -7.54 -43.28
C VAL A 27 35.24 -7.81 -43.49
N ASP A 28 34.67 -7.20 -44.53
CA ASP A 28 33.22 -7.08 -44.69
C ASP A 28 32.70 -6.35 -43.45
N ASN A 29 32.32 -7.10 -42.41
CA ASN A 29 31.93 -6.45 -41.17
C ASN A 29 32.37 -7.27 -39.96
N THR A 30 33.39 -8.10 -40.11
CA THR A 30 33.87 -8.97 -39.06
C THR A 30 35.19 -8.44 -38.52
N GLU A 31 35.29 -8.34 -37.20
CA GLU A 31 36.53 -7.87 -36.58
C GLU A 31 37.60 -8.95 -36.70
N PHE A 32 38.80 -8.58 -37.13
CA PHE A 32 39.93 -9.51 -37.12
C PHE A 32 41.17 -8.99 -36.42
N VAL A 33 41.33 -7.67 -36.23
CA VAL A 33 42.51 -7.12 -35.59
C VAL A 33 42.12 -5.94 -34.71
N ARG A 34 42.94 -5.67 -33.71
CA ARG A 34 42.68 -4.56 -32.81
C ARG A 34 43.98 -4.09 -32.15
N PHE A 35 44.08 -2.77 -31.93
CA PHE A 35 45.15 -2.16 -31.15
C PHE A 35 44.55 -1.23 -30.10
N ASP A 36 45.05 -1.34 -28.88
CA ASP A 36 44.53 -0.55 -27.75
C ASP A 36 45.73 -0.07 -26.93
N SER A 37 45.86 1.25 -26.76
CA SER A 37 47.03 1.79 -26.09
C SER A 37 46.99 1.58 -24.59
N ASP A 38 45.84 1.27 -24.03
CA ASP A 38 45.72 1.02 -22.60
C ASP A 38 45.91 -0.45 -22.24
N ALA A 39 46.27 -1.29 -23.21
CA ALA A 39 46.56 -2.68 -22.92
C ALA A 39 47.92 -2.81 -22.25
N GLU A 40 48.15 -3.99 -21.66
CA GLU A 40 49.48 -4.30 -21.14
C GLU A 40 50.33 -4.82 -22.30
N ASN A 41 51.46 -4.15 -22.55
CA ASN A 41 52.27 -4.37 -23.74
C ASN A 41 51.41 -4.12 -24.97
N PRO A 42 51.16 -2.86 -25.32
CA PRO A 42 50.22 -2.54 -26.41
C PRO A 42 50.80 -2.99 -27.75
N ARG A 43 50.05 -3.86 -28.44
CA ARG A 43 50.45 -4.38 -29.73
C ARG A 43 49.21 -4.61 -30.58
N TYR A 44 49.39 -4.64 -31.89
CA TYR A 44 48.34 -5.09 -32.78
C TYR A 44 48.10 -6.59 -32.54
N GLU A 45 46.85 -6.94 -32.30
CA GLU A 45 46.53 -8.30 -31.85
C GLU A 45 45.47 -8.93 -32.74
N PRO A 46 45.56 -10.23 -32.94
CA PRO A 46 44.53 -10.92 -33.71
C PRO A 46 43.22 -11.03 -32.92
N ARG A 47 42.11 -10.88 -33.62
CA ARG A 47 40.78 -11.05 -33.03
C ARG A 47 39.96 -12.10 -33.76
N ALA A 48 40.56 -12.81 -34.71
CA ALA A 48 39.89 -13.90 -35.40
C ALA A 48 40.90 -15.00 -35.68
N ARG A 49 40.42 -16.24 -35.74
CA ARG A 49 41.32 -17.38 -35.88
C ARG A 49 42.17 -17.30 -37.14
N TRP A 50 41.58 -16.84 -38.26
CA TRP A 50 42.25 -17.01 -39.55
C TRP A 50 43.42 -16.05 -39.72
N ILE A 51 43.37 -14.88 -39.08
CA ILE A 51 44.46 -13.91 -39.22
C ILE A 51 45.70 -14.33 -38.44
N GLU A 52 45.56 -15.18 -37.42
CA GLU A 52 46.72 -15.68 -36.68
C GLU A 52 47.75 -16.35 -37.58
N GLN A 53 47.34 -16.78 -38.77
CA GLN A 53 48.26 -17.37 -39.73
C GLN A 53 49.39 -16.42 -40.10
N GLU A 54 49.14 -15.11 -40.05
CA GLU A 54 50.15 -14.12 -40.40
C GLU A 54 51.37 -14.23 -39.51
N GLY A 55 52.54 -14.03 -40.09
CA GLY A 55 53.80 -14.19 -39.40
C GLY A 55 54.13 -13.02 -38.53
N PRO A 56 55.19 -13.16 -37.74
CA PRO A 56 55.54 -12.10 -36.78
C PRO A 56 55.85 -10.76 -37.42
N GLU A 57 56.36 -10.73 -38.65
CA GLU A 57 56.63 -9.45 -39.29
C GLU A 57 55.35 -8.70 -39.61
N TYR A 58 54.24 -9.41 -39.75
CA TYR A 58 52.96 -8.75 -39.93
C TYR A 58 52.57 -7.96 -38.68
N TRP A 59 52.71 -8.58 -37.51
CA TRP A 59 52.27 -7.93 -36.28
C TRP A 59 53.24 -6.85 -35.84
N GLU A 60 54.53 -7.07 -36.08
CA GLU A 60 55.51 -6.01 -35.82
C GLU A 60 55.28 -4.83 -36.76
N ARG A 61 54.93 -5.09 -38.02
CA ARG A 61 54.68 -4.01 -38.95
C ARG A 61 53.46 -3.19 -38.55
N GLU A 62 52.36 -3.87 -38.23
CA GLU A 62 51.13 -3.17 -37.89
C GLU A 62 51.24 -2.44 -36.56
N THR A 63 51.96 -3.02 -35.59
CA THR A 63 52.20 -2.32 -34.34
C THR A 63 52.99 -1.03 -34.55
N ARG A 64 53.98 -1.07 -35.46
CA ARG A 64 54.71 0.16 -35.80
C ARG A 64 53.77 1.20 -36.40
N ARG A 65 52.92 0.77 -37.33
CA ARG A 65 51.99 1.72 -37.95
C ARG A 65 51.05 2.33 -36.92
N ALA A 66 50.51 1.50 -36.01
CA ALA A 66 49.58 2.01 -35.01
C ALA A 66 50.25 3.03 -34.09
N LYS A 67 51.45 2.72 -33.61
CA LYS A 67 52.20 3.64 -32.76
C LYS A 67 52.56 4.93 -33.50
N GLY A 68 52.85 4.84 -34.80
CA GLY A 68 53.01 6.04 -35.60
C GLY A 68 51.72 6.84 -35.69
N ASN A 69 50.60 6.14 -35.90
CA ASN A 69 49.30 6.82 -35.96
C ASN A 69 48.90 7.43 -34.62
N GLU A 70 49.24 6.76 -33.50
CA GLU A 70 48.90 7.32 -32.20
C GLU A 70 49.56 8.67 -31.98
N GLN A 71 50.83 8.80 -32.40
CA GLN A 71 51.56 10.05 -32.26
C GLN A 71 50.89 11.16 -33.07
N SER A 72 50.48 10.86 -34.30
CA SER A 72 49.82 11.87 -35.12
C SER A 72 48.53 12.34 -34.45
N PHE A 73 47.74 11.40 -33.91
CA PHE A 73 46.48 11.80 -33.28
C PHE A 73 46.73 12.63 -32.01
N ARG A 74 47.84 12.42 -31.31
CA ARG A 74 48.18 13.31 -30.19
C ARG A 74 48.33 14.76 -30.69
N VAL A 75 49.04 14.94 -31.80
CA VAL A 75 49.22 16.28 -32.35
C VAL A 75 47.88 16.86 -32.79
N ASP A 76 47.04 16.02 -33.41
CA ASP A 76 45.77 16.47 -33.96
C ASP A 76 44.81 16.89 -32.86
N LEU A 77 44.82 16.19 -31.73
CA LEU A 77 44.01 16.61 -30.61
C LEU A 77 44.48 17.95 -30.07
N ARG A 78 45.80 18.16 -29.98
CA ARG A 78 46.30 19.45 -29.51
C ARG A 78 45.98 20.56 -30.50
N THR A 79 46.10 20.26 -31.80
CA THR A 79 45.73 21.22 -32.83
C THR A 79 44.24 21.55 -32.77
N ALA A 80 43.41 20.52 -32.65
CA ALA A 80 41.96 20.73 -32.61
C ALA A 80 41.56 21.74 -31.55
N LEU A 81 42.20 21.69 -30.37
CA LEU A 81 41.92 22.67 -29.34
C LEU A 81 42.17 24.09 -29.82
N ARG A 82 43.20 24.29 -30.66
CA ARG A 82 43.47 25.65 -31.13
C ARG A 82 42.43 26.09 -32.16
N TYR A 83 42.08 25.20 -33.09
CA TYR A 83 41.13 25.56 -34.13
C TYR A 83 39.77 25.98 -33.58
N TYR A 84 39.36 25.40 -32.45
CA TYR A 84 38.06 25.67 -31.86
C TYR A 84 38.13 26.50 -30.59
N ASN A 85 39.34 26.91 -30.16
CA ASN A 85 39.52 27.77 -29.00
C ASN A 85 38.90 27.14 -27.75
N GLN A 86 39.12 25.85 -27.58
CA GLN A 86 38.63 25.10 -26.43
C GLN A 86 39.73 25.01 -25.36
N SER A 87 39.30 25.00 -24.10
CA SER A 87 40.23 24.82 -22.99
C SER A 87 40.91 23.46 -23.07
N ALA A 88 42.10 23.37 -22.49
CA ALA A 88 42.88 22.16 -22.52
C ALA A 88 42.58 21.23 -21.36
N GLY A 89 41.45 21.42 -20.67
CA GLY A 89 41.11 20.59 -19.54
C GLY A 89 40.06 19.55 -19.82
N GLY A 90 39.38 19.66 -20.95
CA GLY A 90 38.29 18.75 -21.27
C GLY A 90 38.73 17.54 -22.08
N SER A 91 37.88 16.53 -22.09
CA SER A 91 38.09 15.34 -22.92
C SER A 91 37.48 15.57 -24.28
N HIS A 92 38.23 15.25 -25.33
CA HIS A 92 37.74 15.37 -26.69
C HIS A 92 38.09 14.11 -27.45
N THR A 93 37.30 13.83 -28.48
CA THR A 93 37.46 12.61 -29.25
C THR A 93 37.75 12.96 -30.69
N LEU A 94 38.59 12.14 -31.31
CA LEU A 94 38.86 12.24 -32.74
C LEU A 94 38.69 10.85 -33.32
N GLN A 95 37.97 10.76 -34.43
CA GLN A 95 37.65 9.47 -35.02
C GLN A 95 38.05 9.45 -36.49
N TRP A 96 38.40 8.27 -36.97
CA TRP A 96 38.92 8.07 -38.31
C TRP A 96 38.39 6.77 -38.86
N MET A 97 38.00 6.77 -40.12
CA MET A 97 37.55 5.56 -40.78
C MET A 97 38.11 5.52 -42.19
N ALA A 98 38.73 4.41 -42.55
CA ALA A 98 39.42 4.30 -43.82
C ALA A 98 39.35 2.87 -44.32
N GLY A 99 39.09 2.71 -45.62
CA GLY A 99 39.01 1.38 -46.18
C GLY A 99 38.42 1.41 -47.58
N CYS A 100 38.19 0.21 -48.10
CA CYS A 100 37.80 0.04 -49.49
C CYS A 100 36.68 -0.98 -49.61
N ASP A 101 35.71 -0.68 -50.50
CA ASP A 101 34.70 -1.63 -50.94
C ASP A 101 35.10 -2.13 -52.32
N VAL A 102 35.11 -3.46 -52.50
CA VAL A 102 35.47 -4.03 -53.79
C VAL A 102 34.42 -5.06 -54.20
N GLU A 103 34.24 -5.21 -55.51
CA GLU A 103 33.36 -6.22 -56.07
C GLU A 103 34.15 -7.51 -56.30
N SER A 104 33.45 -8.52 -56.83
CA SER A 104 34.11 -9.79 -57.12
C SER A 104 35.13 -9.62 -58.24
N ASP A 105 34.85 -8.72 -59.19
CA ASP A 105 35.76 -8.44 -60.29
C ASP A 105 36.99 -7.69 -59.76
N GLY A 106 37.18 -7.67 -58.44
CA GLY A 106 38.35 -7.09 -57.83
C GLY A 106 38.40 -5.59 -57.93
N ARG A 107 37.37 -4.99 -58.55
CA ARG A 107 37.36 -3.55 -58.79
C ARG A 107 36.98 -2.80 -57.52
N LEU A 108 37.74 -1.74 -57.24
CA LEU A 108 37.32 -0.81 -56.19
C LEU A 108 35.94 -0.28 -56.51
N LEU A 109 35.03 -0.33 -55.54
CA LEU A 109 33.72 0.28 -55.67
C LEU A 109 33.69 1.67 -55.05
N ARG A 110 34.20 1.78 -53.83
CA ARG A 110 34.25 3.04 -53.10
C ARG A 110 35.46 2.99 -52.17
N GLY A 111 36.07 4.14 -51.97
CA GLY A 111 37.14 4.28 -50.99
C GLY A 111 36.78 5.33 -49.96
N TYR A 112 37.07 5.04 -48.69
CA TYR A 112 36.73 5.92 -47.58
C TYR A 112 37.98 6.37 -46.85
N TRP A 113 37.95 7.63 -46.39
CA TRP A 113 39.02 8.27 -45.62
C TRP A 113 38.45 9.53 -44.97
N GLN A 114 37.75 9.38 -43.84
CA GLN A 114 36.95 10.44 -43.27
C GLN A 114 37.17 10.53 -41.76
N PHE A 115 36.94 11.73 -41.22
CA PHE A 115 37.23 12.02 -39.83
C PHE A 115 36.02 12.68 -39.17
N ALA A 116 36.03 12.62 -37.84
CA ALA A 116 35.05 13.35 -37.05
C ALA A 116 35.71 13.81 -35.76
N TYR A 117 35.37 15.03 -35.34
CA TYR A 117 35.85 15.59 -34.08
C TYR A 117 34.66 15.78 -33.14
N ASP A 118 34.83 15.29 -31.90
CA ASP A 118 33.77 15.32 -30.88
C ASP A 118 32.44 14.82 -31.43
N GLY A 119 32.51 13.82 -32.30
CA GLY A 119 31.32 13.13 -32.79
C GLY A 119 30.66 13.71 -34.02
N CYS A 120 31.23 14.75 -34.62
CA CYS A 120 30.65 15.39 -35.79
C CYS A 120 31.65 15.39 -36.93
N ASP A 121 31.14 15.24 -38.15
CA ASP A 121 31.96 15.24 -39.35
C ASP A 121 32.98 16.37 -39.34
N TYR A 122 34.23 16.04 -39.64
CA TYR A 122 35.29 17.03 -39.78
C TYR A 122 35.70 17.17 -41.23
N ILE A 123 36.38 16.16 -41.79
CA ILE A 123 36.75 16.19 -43.20
C ILE A 123 36.60 14.78 -43.76
N ALA A 124 36.16 14.68 -45.01
CA ALA A 124 36.02 13.38 -45.65
C ALA A 124 36.54 13.44 -47.08
N LEU A 125 37.25 12.38 -47.48
CA LEU A 125 37.65 12.27 -48.88
C LEU A 125 36.43 11.94 -49.72
N ASN A 126 36.25 12.66 -50.83
CA ASN A 126 35.09 12.47 -51.67
C ASN A 126 35.24 11.19 -52.50
N GLU A 127 34.14 10.84 -53.20
CA GLU A 127 34.12 9.60 -53.97
C GLU A 127 35.14 9.60 -55.10
N ASP A 128 35.42 10.78 -55.67
CA ASP A 128 36.46 10.88 -56.69
C ASP A 128 37.84 10.55 -56.14
N LEU A 129 38.01 10.50 -54.82
CA LEU A 129 39.29 10.25 -54.17
C LEU A 129 40.31 11.34 -54.48
N LYS A 130 39.84 12.50 -54.93
CA LYS A 130 40.71 13.62 -55.28
C LYS A 130 40.39 14.90 -54.55
N THR A 131 39.17 15.07 -54.01
CA THR A 131 38.78 16.28 -53.32
C THR A 131 38.31 15.94 -51.92
N TRP A 132 38.33 16.95 -51.05
CA TRP A 132 37.95 16.79 -49.66
C TRP A 132 36.73 17.63 -49.36
N THR A 133 35.81 17.07 -48.58
CA THR A 133 34.65 17.79 -48.07
C THR A 133 34.92 18.21 -46.63
N ALA A 134 34.94 19.51 -46.37
CA ALA A 134 35.26 20.05 -45.07
C ALA A 134 34.00 20.60 -44.42
N ALA A 135 33.67 20.09 -43.24
CA ALA A 135 32.46 20.46 -42.52
C ALA A 135 32.42 21.95 -42.17
N ASP A 136 33.20 22.39 -41.21
CA ASP A 136 33.17 23.79 -40.77
C ASP A 136 34.40 24.53 -41.29
N MET A 137 34.56 25.79 -40.84
CA MET A 137 35.71 26.58 -41.26
C MET A 137 37.02 25.96 -40.80
N ALA A 138 37.02 25.38 -39.59
CA ALA A 138 38.25 24.77 -39.07
C ALA A 138 38.74 23.68 -39.99
N ALA A 139 37.84 22.86 -40.54
CA ALA A 139 38.25 21.79 -41.43
C ALA A 139 38.68 22.32 -42.79
N GLN A 140 38.28 23.54 -43.16
CA GLN A 140 38.73 24.12 -44.43
C GLN A 140 40.21 24.46 -44.37
N ILE A 141 40.69 24.92 -43.20
CA ILE A 141 42.12 25.09 -42.98
C ILE A 141 42.84 23.79 -43.31
N THR A 142 42.43 22.71 -42.64
CA THR A 142 42.99 21.39 -42.92
C THR A 142 42.92 21.06 -44.40
N ARG A 143 41.77 21.35 -45.03
CA ARG A 143 41.64 21.04 -46.44
C ARG A 143 42.69 21.78 -47.26
N ARG A 144 42.98 23.03 -46.89
CA ARG A 144 44.01 23.79 -47.60
C ARG A 144 45.39 23.20 -47.35
N LYS A 145 45.69 22.82 -46.11
CA LYS A 145 46.96 22.15 -45.83
C LYS A 145 47.11 20.91 -46.69
N TRP A 146 46.06 20.07 -46.73
CA TRP A 146 46.16 18.81 -47.44
C TRP A 146 46.10 19.00 -48.95
N GLU A 147 45.52 20.10 -49.42
CA GLU A 147 45.50 20.36 -50.85
C GLU A 147 46.92 20.65 -51.36
N GLN A 148 47.63 21.56 -50.70
CA GLN A 148 48.95 21.91 -51.18
C GLN A 148 49.96 20.80 -50.91
N ALA A 149 49.63 19.86 -50.04
CA ALA A 149 50.54 18.77 -49.70
C ALA A 149 50.29 17.51 -50.50
N GLY A 150 49.30 17.51 -51.39
CA GLY A 150 49.01 16.31 -52.15
C GLY A 150 48.57 15.13 -51.31
N ALA A 151 47.82 15.40 -50.23
CA ALA A 151 47.40 14.33 -49.33
C ALA A 151 46.52 13.31 -50.06
N ALA A 152 45.54 13.80 -50.82
CA ALA A 152 44.58 12.92 -51.48
C ALA A 152 45.27 11.84 -52.30
N GLU A 153 46.34 12.21 -53.03
CA GLU A 153 46.99 11.26 -53.94
C GLU A 153 47.76 10.18 -53.16
N ARG A 154 48.48 10.56 -52.10
CA ARG A 154 49.11 9.55 -51.25
C ARG A 154 48.05 8.62 -50.62
N ASP A 155 46.97 9.19 -50.09
CA ASP A 155 46.00 8.36 -49.39
C ASP A 155 45.22 7.48 -50.37
N ARG A 156 44.81 8.04 -51.51
CA ARG A 156 44.23 7.25 -52.59
C ARG A 156 45.10 6.06 -52.98
N ALA A 157 46.43 6.22 -52.92
CA ALA A 157 47.30 5.10 -53.29
C ALA A 157 47.15 3.93 -52.32
N TYR A 158 46.84 4.21 -51.06
CA TYR A 158 46.49 3.13 -50.15
C TYR A 158 45.14 2.54 -50.49
N LEU A 159 44.16 3.39 -50.85
CA LEU A 159 42.81 2.89 -51.08
C LEU A 159 42.74 2.03 -52.33
N GLU A 160 43.31 2.50 -53.45
CA GLU A 160 43.30 1.72 -54.68
C GLU A 160 44.37 0.64 -54.70
N GLY A 161 45.36 0.76 -53.84
CA GLY A 161 46.53 -0.10 -53.86
C GLY A 161 46.47 -1.13 -52.74
N GLU A 162 47.09 -0.81 -51.59
CA GLU A 162 47.27 -1.79 -50.54
C GLU A 162 45.93 -2.32 -50.01
N CYS A 163 44.92 -1.45 -49.92
CA CYS A 163 43.66 -1.87 -49.31
C CYS A 163 43.01 -2.99 -50.12
N VAL A 164 42.89 -2.80 -51.44
CA VAL A 164 42.30 -3.79 -52.31
C VAL A 164 43.06 -5.10 -52.26
N GLU A 165 44.39 -5.03 -52.27
CA GLU A 165 45.21 -6.23 -52.42
C GLU A 165 45.20 -7.07 -51.14
N TRP A 166 45.26 -6.43 -49.97
CA TRP A 166 45.18 -7.20 -48.74
C TRP A 166 43.79 -7.74 -48.49
N LEU A 167 42.75 -7.05 -48.96
CA LEU A 167 41.39 -7.60 -48.85
C LEU A 167 41.27 -8.93 -49.58
N ARG A 168 41.81 -8.99 -50.81
CA ARG A 168 41.86 -10.24 -51.54
C ARG A 168 42.57 -11.31 -50.73
N ARG A 169 43.73 -10.98 -50.17
CA ARG A 169 44.45 -11.92 -49.32
C ARG A 169 43.60 -12.36 -48.14
N TYR A 170 43.01 -11.40 -47.42
CA TYR A 170 42.22 -11.76 -46.26
C TYR A 170 41.02 -12.61 -46.66
N LEU A 171 40.45 -12.37 -47.83
CA LEU A 171 39.25 -13.11 -48.23
C LEU A 171 39.57 -14.56 -48.58
N LYS A 172 40.77 -14.83 -49.08
CA LYS A 172 41.13 -16.22 -49.34
C LYS A 172 41.56 -16.92 -48.06
N ASN A 173 42.38 -16.26 -47.25
CA ASN A 173 42.89 -16.88 -46.04
C ASN A 173 41.80 -17.05 -44.99
N GLY A 174 40.78 -16.20 -45.00
CA GLY A 174 39.70 -16.32 -44.04
C GLY A 174 38.42 -16.87 -44.63
N ASN A 175 38.50 -17.45 -45.84
CA ASN A 175 37.30 -17.78 -46.61
C ASN A 175 36.33 -18.65 -45.82
N ALA A 176 36.84 -19.67 -45.13
CA ALA A 176 35.97 -20.60 -44.42
C ALA A 176 35.23 -19.95 -43.26
N THR A 177 35.74 -18.82 -42.74
CA THR A 177 35.09 -18.09 -41.66
C THR A 177 34.24 -16.93 -42.15
N LEU A 178 34.72 -16.20 -43.17
CA LEU A 178 34.06 -14.97 -43.60
C LEU A 178 32.87 -15.23 -44.52
N LEU A 179 32.99 -16.22 -45.40
CA LEU A 179 31.94 -16.52 -46.37
C LEU A 179 31.11 -17.73 -45.98
N ARG A 180 31.30 -18.24 -44.76
CA ARG A 180 30.40 -19.25 -44.25
C ARG A 180 28.98 -18.69 -44.15
N THR A 181 28.01 -19.59 -44.05
CA THR A 181 26.67 -19.22 -43.66
C THR A 181 26.24 -20.11 -42.51
N ASP A 182 25.52 -19.52 -41.55
CA ASP A 182 24.88 -20.25 -40.47
C ASP A 182 23.38 -20.00 -40.52
N PRO A 183 22.56 -21.04 -40.58
CA PRO A 183 21.11 -20.87 -40.72
C PRO A 183 20.49 -20.32 -39.44
N PRO A 184 19.38 -19.60 -39.56
CA PRO A 184 18.62 -19.22 -38.37
C PRO A 184 17.86 -20.39 -37.77
N LYS A 185 17.91 -20.49 -36.45
CA LYS A 185 16.96 -21.29 -35.69
C LYS A 185 15.86 -20.36 -35.22
N ALA A 186 14.61 -20.70 -35.55
CA ALA A 186 13.48 -19.84 -35.24
C ALA A 186 12.53 -20.51 -34.25
N HIS A 187 11.93 -19.69 -33.39
CA HIS A 187 10.81 -20.13 -32.57
C HIS A 187 9.89 -18.94 -32.35
N VAL A 188 8.74 -19.19 -31.73
CA VAL A 188 7.69 -18.21 -31.49
C VAL A 188 7.29 -18.29 -30.02
N THR A 189 7.23 -17.15 -29.34
CA THR A 189 6.74 -17.08 -27.97
C THR A 189 5.36 -16.43 -27.92
N HIS A 190 4.60 -16.77 -26.87
CA HIS A 190 3.17 -16.45 -26.74
C HIS A 190 2.95 -15.80 -25.38
N HIS A 191 2.54 -14.54 -25.38
CA HIS A 191 2.32 -13.82 -24.13
C HIS A 191 0.97 -13.11 -24.17
N ARG A 192 0.06 -13.51 -23.28
CA ARG A 192 -1.22 -12.84 -23.17
C ARG A 192 -1.03 -11.42 -22.61
N ARG A 193 -1.57 -10.46 -23.28
CA ARG A 193 -1.51 -9.09 -22.82
C ARG A 193 -2.63 -8.82 -21.82
N PRO A 194 -2.51 -7.74 -21.02
CA PRO A 194 -3.58 -7.44 -20.05
C PRO A 194 -4.93 -7.18 -20.69
N GLU A 195 -4.96 -6.70 -21.93
CA GLU A 195 -6.21 -6.44 -22.63
C GLU A 195 -6.86 -7.71 -23.17
N GLY A 196 -6.26 -8.88 -22.97
CA GLY A 196 -6.82 -10.14 -23.40
C GLY A 196 -6.26 -10.69 -24.70
N ASP A 197 -5.68 -9.85 -25.56
CA ASP A 197 -5.09 -10.34 -26.81
C ASP A 197 -3.68 -10.89 -26.54
N VAL A 198 -3.01 -11.37 -27.60
CA VAL A 198 -1.78 -12.13 -27.42
C VAL A 198 -0.67 -11.54 -28.30
N THR A 199 0.45 -11.21 -27.66
CA THR A 199 1.68 -10.90 -28.37
C THR A 199 2.35 -12.20 -28.81
N LEU A 200 2.53 -12.36 -30.12
CA LEU A 200 3.36 -13.41 -30.68
C LEU A 200 4.69 -12.80 -31.12
N ARG A 201 5.80 -13.37 -30.65
CA ARG A 201 7.13 -12.88 -31.00
C ARG A 201 7.89 -13.99 -31.72
N CYS A 202 8.33 -13.71 -32.93
CA CYS A 202 9.07 -14.65 -33.75
C CYS A 202 10.55 -14.32 -33.64
N TRP A 203 11.34 -15.26 -33.11
CA TRP A 203 12.78 -15.09 -32.94
C TRP A 203 13.54 -15.81 -34.05
N ALA A 204 14.65 -15.22 -34.49
CA ALA A 204 15.62 -15.92 -35.32
C ALA A 204 16.98 -15.78 -34.66
N LEU A 205 17.63 -16.91 -34.41
CA LEU A 205 18.87 -16.93 -33.64
C LEU A 205 20.01 -17.57 -34.43
N GLY A 206 21.23 -17.12 -34.13
CA GLY A 206 22.44 -17.78 -34.59
C GLY A 206 22.66 -17.81 -36.09
N PHE A 207 22.33 -16.73 -36.79
CA PHE A 207 22.52 -16.71 -38.22
C PHE A 207 23.72 -15.84 -38.61
N TYR A 208 24.32 -16.20 -39.74
CA TYR A 208 25.40 -15.44 -40.33
C TYR A 208 25.34 -15.62 -41.84
N PRO A 209 25.50 -14.53 -42.59
CA PRO A 209 25.72 -13.16 -42.13
C PRO A 209 24.46 -12.46 -41.61
N ALA A 210 24.60 -11.16 -41.39
CA ALA A 210 23.66 -10.41 -40.57
C ALA A 210 22.34 -10.17 -41.28
N ASP A 211 22.38 -10.06 -42.61
CA ASP A 211 21.19 -9.70 -43.37
C ASP A 211 20.12 -10.78 -43.24
N ILE A 212 18.88 -10.34 -43.05
CA ILE A 212 17.78 -11.27 -42.82
C ILE A 212 16.49 -10.51 -43.05
N THR A 213 15.44 -11.25 -43.38
CA THR A 213 14.09 -10.72 -43.47
C THR A 213 13.22 -11.50 -42.50
N LEU A 214 12.48 -10.76 -41.67
CA LEU A 214 11.61 -11.35 -40.66
C LEU A 214 10.24 -10.70 -40.78
N THR A 215 9.24 -11.46 -41.25
CA THR A 215 7.90 -10.92 -41.50
C THR A 215 6.82 -11.83 -40.92
N TRP A 216 5.67 -11.23 -40.59
CA TRP A 216 4.49 -11.96 -40.14
C TRP A 216 3.45 -11.98 -41.26
N GLN A 217 2.79 -13.12 -41.43
CA GLN A 217 1.71 -13.26 -42.40
C GLN A 217 0.43 -13.76 -41.74
N LEU A 218 -0.70 -13.43 -42.36
CA LEU A 218 -2.04 -13.88 -41.92
C LEU A 218 -2.68 -14.57 -43.12
N ASN A 219 -2.51 -15.89 -43.19
CA ASN A 219 -2.97 -16.74 -44.29
C ASN A 219 -2.41 -16.31 -45.64
N GLY A 220 -1.40 -15.43 -45.67
CA GLY A 220 -0.76 -15.08 -46.92
C GLY A 220 -0.39 -13.62 -47.14
N GLU A 221 -0.90 -12.72 -46.32
CA GLU A 221 -0.72 -11.28 -46.52
C GLU A 221 0.07 -10.70 -45.36
N GLU A 222 1.14 -9.97 -45.68
CA GLU A 222 2.06 -9.51 -44.64
C GLU A 222 1.39 -8.49 -43.73
N LEU A 223 1.89 -8.40 -42.50
CA LEU A 223 1.31 -7.55 -41.45
C LEU A 223 2.26 -6.48 -40.97
N THR A 224 2.72 -5.60 -41.85
CA THR A 224 3.62 -4.54 -41.39
C THR A 224 2.91 -3.44 -40.60
N GLN A 225 1.60 -3.57 -40.37
CA GLN A 225 0.82 -2.54 -39.69
C GLN A 225 1.05 -2.56 -38.18
N GLU A 226 0.86 -3.71 -37.54
CA GLU A 226 0.97 -3.84 -36.09
C GLU A 226 2.19 -4.68 -35.69
N MET A 227 3.29 -4.54 -36.42
CA MET A 227 4.47 -5.37 -36.23
C MET A 227 5.55 -4.59 -35.50
N GLU A 228 5.88 -5.02 -34.29
CA GLU A 228 7.01 -4.49 -33.54
C GLU A 228 8.27 -5.28 -33.87
N LEU A 229 9.41 -4.64 -33.69
CA LEU A 229 10.65 -5.10 -34.28
C LEU A 229 11.81 -4.63 -33.40
N VAL A 230 12.90 -5.39 -33.42
CA VAL A 230 14.19 -4.88 -32.96
C VAL A 230 15.15 -4.96 -34.13
N GLU A 231 16.16 -4.10 -34.11
CA GLU A 231 17.22 -4.20 -35.10
C GLU A 231 18.08 -5.43 -34.81
N THR A 232 18.59 -6.03 -35.89
CA THR A 232 19.52 -7.14 -35.80
C THR A 232 20.67 -6.80 -34.87
N ARG A 233 20.97 -7.71 -33.96
CA ARG A 233 21.94 -7.45 -32.91
C ARG A 233 22.89 -8.63 -32.78
N PRO A 234 24.10 -8.39 -32.30
CA PRO A 234 25.15 -9.40 -32.38
C PRO A 234 25.23 -10.26 -31.13
N ALA A 235 25.71 -11.48 -31.34
CA ALA A 235 26.14 -12.37 -30.27
C ALA A 235 27.65 -12.34 -30.14
N GLY A 236 28.15 -12.89 -29.03
CA GLY A 236 29.59 -12.93 -28.80
C GLY A 236 30.30 -13.78 -29.85
N ASP A 237 29.68 -14.89 -30.25
CA ASP A 237 30.32 -15.85 -31.14
C ASP A 237 30.27 -15.46 -32.61
N GLY A 238 29.91 -14.22 -32.94
CA GLY A 238 29.92 -13.81 -34.33
C GLY A 238 28.66 -14.07 -35.12
N THR A 239 27.59 -14.54 -34.47
CA THR A 239 26.30 -14.72 -35.11
C THR A 239 25.33 -13.64 -34.64
N PHE A 240 24.15 -13.61 -35.25
CA PHE A 240 23.22 -12.52 -35.03
C PHE A 240 21.85 -13.07 -34.62
N GLN A 241 20.96 -12.14 -34.25
CA GLN A 241 19.62 -12.51 -33.78
C GLN A 241 18.67 -11.34 -33.99
N LYS A 242 17.39 -11.67 -34.12
CA LYS A 242 16.37 -10.67 -34.43
C LYS A 242 15.00 -11.20 -34.01
N TRP A 243 14.05 -10.29 -33.77
CA TRP A 243 12.68 -10.71 -33.57
C TRP A 243 11.71 -9.65 -34.05
N ALA A 244 10.53 -10.12 -34.44
CA ALA A 244 9.40 -9.28 -34.80
C ALA A 244 8.14 -9.82 -34.13
N SER A 245 7.26 -8.92 -33.70
CA SER A 245 6.07 -9.35 -32.97
C SER A 245 4.81 -8.67 -33.51
N VAL A 246 3.70 -9.40 -33.43
CA VAL A 246 2.36 -8.87 -33.70
C VAL A 246 1.46 -9.20 -32.53
N VAL A 247 0.34 -8.47 -32.44
CA VAL A 247 -0.69 -8.69 -31.43
C VAL A 247 -1.88 -9.34 -32.11
N VAL A 248 -2.33 -10.47 -31.58
CA VAL A 248 -3.34 -11.29 -32.24
C VAL A 248 -4.41 -11.63 -31.21
N PRO A 249 -5.59 -12.07 -31.66
CA PRO A 249 -6.63 -12.47 -30.72
C PRO A 249 -6.38 -13.86 -30.15
N LEU A 250 -6.64 -14.00 -28.86
CA LEU A 250 -6.48 -15.28 -28.19
C LEU A 250 -7.31 -16.37 -28.87
N GLY A 251 -6.71 -17.55 -29.05
CA GLY A 251 -7.37 -18.66 -29.69
C GLY A 251 -7.29 -18.68 -31.19
N LYS A 252 -6.85 -17.59 -31.83
CA LYS A 252 -6.65 -17.55 -33.27
C LYS A 252 -5.17 -17.50 -33.65
N GLU A 253 -4.29 -18.00 -32.78
CA GLU A 253 -2.85 -17.87 -33.04
C GLU A 253 -2.45 -18.62 -34.31
N GLN A 254 -2.94 -19.86 -34.47
CA GLN A 254 -2.52 -20.72 -35.57
C GLN A 254 -2.95 -20.17 -36.95
N LYS A 255 -3.51 -18.97 -37.03
CA LYS A 255 -3.82 -18.31 -38.29
C LYS A 255 -2.68 -17.42 -38.76
N TYR A 256 -1.63 -17.25 -37.97
CA TYR A 256 -0.55 -16.34 -38.27
C TYR A 256 0.73 -17.10 -38.56
N THR A 257 1.48 -16.66 -39.56
CA THR A 257 2.70 -17.32 -39.99
C THR A 257 3.88 -16.36 -39.86
N CYS A 258 4.98 -16.86 -39.32
CA CYS A 258 6.24 -16.14 -39.35
C CYS A 258 7.09 -16.66 -40.50
N HIS A 259 7.67 -15.73 -41.26
CA HIS A 259 8.50 -16.06 -42.41
C HIS A 259 9.90 -15.51 -42.16
N VAL A 260 10.91 -16.37 -42.40
CA VAL A 260 12.31 -16.01 -42.25
C VAL A 260 13.01 -16.30 -43.57
N GLU A 261 13.70 -15.29 -44.09
CA GLU A 261 14.52 -15.45 -45.29
C GLU A 261 15.98 -15.18 -44.92
N HIS A 262 16.87 -16.09 -45.30
CA HIS A 262 18.28 -15.94 -44.99
C HIS A 262 19.12 -16.75 -45.96
N GLU A 263 20.37 -16.32 -46.13
CA GLU A 263 21.30 -16.98 -47.04
C GLU A 263 21.51 -18.45 -46.69
N GLY A 264 21.63 -18.75 -45.39
CA GLY A 264 21.84 -20.11 -44.89
C GLY A 264 20.66 -21.04 -45.00
N LEU A 265 19.55 -20.56 -45.55
CA LEU A 265 18.40 -21.40 -45.80
C LEU A 265 18.21 -21.56 -47.30
N PRO A 266 18.00 -22.78 -47.80
CA PRO A 266 17.71 -22.92 -49.23
C PRO A 266 16.38 -22.30 -49.59
N GLU A 267 15.39 -22.44 -48.72
CA GLU A 267 14.06 -21.86 -48.87
C GLU A 267 13.67 -21.20 -47.56
N PRO A 268 12.77 -20.20 -47.63
CA PRO A 268 12.35 -19.51 -46.41
C PRO A 268 11.79 -20.45 -45.36
N LEU A 269 11.94 -20.07 -44.09
CA LEU A 269 11.36 -20.79 -42.97
C LEU A 269 9.96 -20.26 -42.69
N THR A 270 8.98 -21.16 -42.69
CA THR A 270 7.64 -20.89 -42.22
C THR A 270 7.45 -21.57 -40.87
N LEU A 271 6.85 -20.85 -39.93
CA LEU A 271 6.54 -21.42 -38.62
C LEU A 271 5.38 -20.66 -38.00
N ARG A 272 4.62 -21.35 -37.16
CA ARG A 272 3.47 -20.79 -36.48
C ARG A 272 3.48 -21.23 -35.02
N TRP A 273 2.60 -20.63 -34.23
CA TRP A 273 2.49 -21.03 -32.83
C TRP A 273 1.43 -22.11 -32.70
N ILE B 2 28.63 16.36 -28.44
CA ILE B 2 27.24 16.38 -28.86
C ILE B 2 26.37 15.63 -27.85
N GLN B 3 26.95 14.60 -27.25
CA GLN B 3 26.29 13.74 -26.26
C GLN B 3 25.05 13.05 -26.82
N LYS B 4 25.21 11.77 -27.17
CA LYS B 4 24.12 10.91 -27.60
C LYS B 4 23.85 9.85 -26.52
N THR B 5 22.54 9.54 -26.31
CA THR B 5 22.08 8.68 -25.22
C THR B 5 22.14 7.22 -25.62
N PRO B 6 22.79 6.37 -24.83
CA PRO B 6 22.94 4.97 -25.24
C PRO B 6 21.62 4.23 -25.26
N GLN B 7 21.45 3.38 -26.27
CA GLN B 7 20.34 2.44 -26.34
C GLN B 7 20.86 1.09 -25.85
N ILE B 8 20.08 0.43 -25.00
CA ILE B 8 20.51 -0.73 -24.24
C ILE B 8 19.56 -1.89 -24.52
N GLN B 9 20.12 -3.04 -24.90
CA GLN B 9 19.33 -4.23 -25.18
C GLN B 9 19.98 -5.42 -24.49
N VAL B 10 19.15 -6.24 -23.83
CA VAL B 10 19.60 -7.38 -23.05
C VAL B 10 18.92 -8.62 -23.62
N TYR B 11 19.70 -9.67 -23.88
CA TYR B 11 19.18 -10.89 -24.51
C TYR B 11 20.19 -12.02 -24.39
N SER B 12 19.68 -13.25 -24.40
CA SER B 12 20.49 -14.46 -24.28
C SER B 12 20.85 -15.01 -25.66
N ARG B 13 21.91 -15.83 -25.69
CA ARG B 13 22.35 -16.39 -26.97
C ARG B 13 21.34 -17.42 -27.45
N HIS B 14 20.76 -18.18 -26.54
CA HIS B 14 19.80 -19.24 -26.83
C HIS B 14 18.53 -19.04 -26.01
N PRO B 15 17.42 -19.64 -26.43
CA PRO B 15 16.24 -19.67 -25.59
C PRO B 15 16.59 -20.24 -24.23
N PRO B 16 16.13 -19.60 -23.16
CA PRO B 16 16.51 -20.06 -21.82
C PRO B 16 15.85 -21.40 -21.49
N GLU B 17 16.67 -22.35 -21.08
CA GLU B 17 16.20 -23.60 -20.48
C GLU B 17 16.96 -23.75 -19.17
N ASN B 18 16.24 -24.05 -18.10
CA ASN B 18 16.87 -24.22 -16.80
C ASN B 18 17.88 -25.35 -16.83
N GLY B 19 19.07 -25.09 -16.31
CA GLY B 19 20.13 -26.07 -16.31
C GLY B 19 21.04 -26.05 -17.52
N LYS B 20 20.64 -25.38 -18.61
CA LYS B 20 21.43 -25.35 -19.84
C LYS B 20 22.31 -24.10 -19.87
N PRO B 21 23.64 -24.26 -19.89
CA PRO B 21 24.54 -23.10 -20.01
C PRO B 21 24.20 -22.22 -21.21
N ASN B 22 24.32 -20.90 -21.00
CA ASN B 22 23.87 -19.90 -21.95
C ASN B 22 24.82 -18.71 -21.85
N ILE B 23 24.63 -17.72 -22.71
CA ILE B 23 25.35 -16.45 -22.63
C ILE B 23 24.34 -15.33 -22.62
N LEU B 24 24.51 -14.39 -21.70
CA LEU B 24 23.66 -13.20 -21.63
C LEU B 24 24.44 -12.02 -22.18
N ASN B 25 23.79 -11.23 -23.03
CA ASN B 25 24.43 -10.12 -23.72
C ASN B 25 23.77 -8.80 -23.36
N CYS B 26 24.60 -7.78 -23.20
CA CYS B 26 24.15 -6.40 -23.02
C CYS B 26 24.70 -5.56 -24.16
N TYR B 27 23.85 -5.20 -25.11
CA TYR B 27 24.28 -4.54 -26.33
C TYR B 27 23.94 -3.05 -26.24
N VAL B 28 24.98 -2.22 -26.15
CA VAL B 28 24.85 -0.79 -25.89
C VAL B 28 25.27 -0.04 -27.14
N THR B 29 24.36 0.77 -27.70
CA THR B 29 24.59 1.43 -28.98
C THR B 29 24.27 2.91 -28.89
N GLN B 30 24.77 3.65 -29.88
CA GLN B 30 24.36 5.01 -30.23
C GLN B 30 24.82 6.06 -29.21
N PHE B 31 25.95 5.88 -28.54
CA PHE B 31 26.29 6.82 -27.49
C PHE B 31 27.58 7.57 -27.81
N HIS B 32 27.69 8.76 -27.23
CA HIS B 32 28.89 9.57 -27.29
C HIS B 32 28.84 10.55 -26.15
N PRO B 33 29.97 10.79 -25.46
CA PRO B 33 31.37 10.37 -25.63
C PRO B 33 31.57 8.88 -25.37
N PRO B 34 32.74 8.34 -25.75
CA PRO B 34 32.93 6.88 -25.61
C PRO B 34 33.05 6.38 -24.19
N HIS B 35 33.39 7.24 -23.23
CA HIS B 35 33.46 6.80 -21.85
C HIS B 35 32.08 6.34 -21.38
N ILE B 36 32.03 5.14 -20.80
CA ILE B 36 30.78 4.54 -20.36
C ILE B 36 31.12 3.43 -19.37
N GLU B 37 30.16 3.13 -18.48
CA GLU B 37 30.32 2.10 -17.48
C GLU B 37 29.15 1.14 -17.60
N ILE B 38 29.46 -0.14 -17.75
CA ILE B 38 28.46 -1.17 -17.99
C ILE B 38 28.63 -2.25 -16.93
N GLN B 39 27.54 -2.55 -16.23
CA GLN B 39 27.48 -3.64 -15.28
C GLN B 39 26.35 -4.57 -15.70
N MET B 40 26.54 -5.85 -15.43
CA MET B 40 25.47 -6.81 -15.51
C MET B 40 25.17 -7.27 -14.10
N LEU B 41 23.89 -7.34 -13.75
CA LEU B 41 23.45 -7.63 -12.39
C LEU B 41 22.67 -8.92 -12.37
N LYS B 42 22.88 -9.71 -11.32
CA LYS B 42 22.11 -10.92 -11.05
C LYS B 42 21.54 -10.82 -9.64
N ASN B 43 20.21 -10.88 -9.53
CA ASN B 43 19.53 -10.81 -8.24
C ASN B 43 19.91 -9.55 -7.47
N GLY B 44 20.05 -8.45 -8.22
CA GLY B 44 20.37 -7.16 -7.64
C GLY B 44 21.82 -6.93 -7.29
N LYS B 45 22.74 -7.82 -7.68
CA LYS B 45 24.14 -7.70 -7.31
C LYS B 45 25.01 -7.82 -8.55
N LYS B 46 26.10 -7.03 -8.57
CA LYS B 46 26.98 -6.98 -9.72
C LYS B 46 27.59 -8.35 -10.03
N ILE B 47 27.55 -8.74 -11.29
CA ILE B 47 28.21 -9.96 -11.75
C ILE B 47 29.68 -9.64 -11.93
N PRO B 48 30.59 -10.37 -11.27
CA PRO B 48 32.02 -10.03 -11.39
C PRO B 48 32.63 -10.36 -12.74
N LYS B 49 32.32 -11.53 -13.32
CA LYS B 49 32.98 -12.00 -14.53
C LYS B 49 32.17 -11.58 -15.75
N VAL B 50 32.39 -10.35 -16.18
CA VAL B 50 31.78 -9.80 -17.39
C VAL B 50 32.89 -9.37 -18.33
N GLU B 51 32.76 -9.71 -19.59
CA GLU B 51 33.72 -9.35 -20.62
C GLU B 51 33.10 -8.35 -21.59
N MET B 52 33.95 -7.48 -22.13
CA MET B 52 33.57 -6.47 -23.11
C MET B 52 34.20 -6.79 -24.46
N SER B 53 33.63 -6.19 -25.51
CA SER B 53 34.21 -6.21 -26.84
C SER B 53 35.08 -4.98 -27.12
N ASP B 54 35.34 -4.17 -26.10
CA ASP B 54 36.33 -3.09 -26.14
C ASP B 54 36.00 -1.99 -27.15
N MET B 55 34.87 -2.11 -27.84
CA MET B 55 34.16 -0.98 -28.45
C MET B 55 34.59 -0.62 -29.87
N SER B 56 33.71 0.06 -30.58
CA SER B 56 33.90 0.52 -31.95
C SER B 56 32.84 1.58 -32.21
N PHE B 57 32.74 2.05 -33.45
CA PHE B 57 31.72 3.01 -33.79
C PHE B 57 31.11 2.69 -35.16
N SER B 58 30.08 3.45 -35.49
CA SER B 58 29.20 3.18 -36.62
C SER B 58 29.43 4.22 -37.70
N LYS B 59 28.92 3.89 -38.89
CA LYS B 59 28.87 4.79 -40.04
C LYS B 59 28.58 6.23 -39.61
N ASP B 60 27.69 6.40 -38.64
CA ASP B 60 27.23 7.70 -38.19
C ASP B 60 28.03 8.25 -37.01
N TRP B 61 29.11 7.57 -36.63
CA TRP B 61 30.12 7.96 -35.64
C TRP B 61 29.72 7.64 -34.19
N SER B 62 28.50 7.21 -33.91
CA SER B 62 28.13 6.89 -32.54
C SER B 62 28.73 5.54 -32.13
N PHE B 63 29.04 5.42 -30.84
CA PHE B 63 29.77 4.29 -30.30
C PHE B 63 28.83 3.16 -29.87
N TYR B 64 29.37 1.95 -29.89
CA TYR B 64 28.63 0.77 -29.47
C TYR B 64 29.61 -0.24 -28.89
N ILE B 65 29.10 -1.09 -28.00
CA ILE B 65 29.92 -2.07 -27.32
C ILE B 65 29.01 -3.22 -26.89
N LEU B 66 29.58 -4.42 -26.81
CA LEU B 66 28.84 -5.62 -26.44
C LEU B 66 29.44 -6.21 -25.17
N ALA B 67 28.67 -6.24 -24.10
CA ALA B 67 29.03 -6.93 -22.88
C ALA B 67 28.35 -8.28 -22.85
N HIS B 68 28.98 -9.24 -22.18
CA HIS B 68 28.44 -10.58 -22.16
C HIS B 68 29.00 -11.31 -20.96
N THR B 69 28.27 -12.32 -20.53
CA THR B 69 28.62 -13.11 -19.36
C THR B 69 27.99 -14.48 -19.52
N GLU B 70 28.66 -15.49 -18.98
CA GLU B 70 28.15 -16.86 -19.03
C GLU B 70 27.26 -17.10 -17.83
N PHE B 71 26.16 -17.82 -18.05
CA PHE B 71 25.20 -18.06 -16.98
C PHE B 71 24.37 -19.28 -17.31
N THR B 72 23.80 -19.89 -16.27
CA THR B 72 22.88 -21.01 -16.41
C THR B 72 21.55 -20.63 -15.78
N PRO B 73 20.45 -20.58 -16.54
CA PRO B 73 19.18 -20.09 -15.99
C PRO B 73 18.66 -21.04 -14.91
N THR B 74 18.33 -20.49 -13.75
CA THR B 74 17.57 -21.23 -12.76
C THR B 74 16.15 -20.69 -12.72
N GLU B 75 15.35 -21.22 -11.80
CA GLU B 75 13.97 -20.81 -11.73
C GLU B 75 13.78 -19.49 -10.98
N THR B 76 14.78 -19.05 -10.21
CA THR B 76 14.65 -17.90 -9.33
C THR B 76 15.59 -16.74 -9.64
N ASP B 77 16.55 -16.89 -10.55
CA ASP B 77 17.49 -15.82 -10.80
CA ASP B 77 17.50 -15.82 -10.81
C ASP B 77 16.90 -14.78 -11.75
N THR B 78 17.29 -13.52 -11.55
CA THR B 78 16.87 -12.41 -12.39
C THR B 78 18.11 -11.63 -12.81
N TYR B 79 18.08 -11.08 -14.02
CA TYR B 79 19.26 -10.41 -14.55
C TYR B 79 18.90 -9.06 -15.11
N ALA B 80 19.86 -8.13 -15.02
CA ALA B 80 19.71 -6.80 -15.59
C ALA B 80 21.07 -6.30 -16.08
N CYS B 81 21.02 -5.23 -16.87
CA CYS B 81 22.20 -4.51 -17.31
C CYS B 81 22.06 -3.05 -16.90
N ARG B 82 23.12 -2.49 -16.35
CA ARG B 82 23.09 -1.13 -15.80
C ARG B 82 24.20 -0.33 -16.43
N VAL B 83 23.87 0.88 -16.90
CA VAL B 83 24.79 1.71 -17.67
C VAL B 83 24.81 3.11 -17.07
N LYS B 84 26.03 3.58 -16.75
CA LYS B 84 26.28 4.97 -16.39
C LYS B 84 27.01 5.65 -17.54
N HIS B 85 26.48 6.81 -17.95
CA HIS B 85 27.01 7.55 -19.08
C HIS B 85 26.72 9.03 -18.86
N ALA B 86 27.62 9.89 -19.33
CA ALA B 86 27.54 11.31 -19.04
C ALA B 86 26.27 11.95 -19.59
N SER B 87 25.65 11.36 -20.60
CA SER B 87 24.44 11.94 -21.16
C SER B 87 23.19 11.68 -20.30
N MET B 88 23.33 11.04 -19.13
CA MET B 88 22.20 10.70 -18.29
C MET B 88 22.51 11.07 -16.85
N ALA B 89 21.55 11.73 -16.20
CA ALA B 89 21.73 12.08 -14.79
C ALA B 89 21.78 10.84 -13.92
N GLU B 90 20.98 9.82 -14.25
CA GLU B 90 20.92 8.58 -13.49
C GLU B 90 21.41 7.39 -14.30
N PRO B 91 21.99 6.39 -13.63
CA PRO B 91 22.20 5.10 -14.29
C PRO B 91 20.91 4.59 -14.89
N LYS B 92 21.04 3.79 -15.95
CA LYS B 92 19.92 3.22 -16.67
C LYS B 92 20.00 1.71 -16.56
N THR B 93 18.89 1.09 -16.16
CA THR B 93 18.82 -0.35 -15.97
C THR B 93 17.76 -0.91 -16.92
N VAL B 94 18.12 -1.99 -17.62
CA VAL B 94 17.20 -2.72 -18.47
C VAL B 94 17.20 -4.14 -17.97
N TYR B 95 16.03 -4.64 -17.61
CA TYR B 95 15.90 -5.97 -17.06
C TYR B 95 15.75 -6.99 -18.17
N TRP B 96 16.37 -8.15 -17.98
CA TRP B 96 16.21 -9.25 -18.92
C TRP B 96 14.90 -9.97 -18.65
N ASP B 97 14.12 -10.18 -19.69
CA ASP B 97 12.83 -10.87 -19.59
C ASP B 97 12.97 -12.19 -20.35
N ARG B 98 13.22 -13.26 -19.61
CA ARG B 98 13.46 -14.57 -20.21
C ARG B 98 12.23 -15.17 -20.86
N ASP B 99 11.08 -14.49 -20.83
CA ASP B 99 9.87 -15.01 -21.46
C ASP B 99 9.56 -14.35 -22.79
N MET B 100 10.20 -13.23 -23.11
CA MET B 100 10.01 -12.59 -24.39
C MET B 100 10.41 -13.51 -25.54
N ILE C 1 45.90 -4.90 -44.22
CA ILE C 1 46.87 -3.95 -43.70
C ILE C 1 46.16 -2.61 -43.54
N GLY C 2 46.46 -1.90 -42.45
CA GLY C 2 45.77 -0.69 -42.12
C GLY C 2 46.36 0.55 -42.75
N PRO C 3 45.67 1.68 -42.62
CA PRO C 3 46.17 2.93 -43.18
C PRO C 3 47.10 3.66 -42.22
N GLY C 4 47.93 4.51 -42.79
CA GLY C 4 48.94 5.23 -42.04
C GLY C 4 48.74 6.72 -42.20
N ARG C 5 48.79 7.45 -41.10
CA ARG C 5 48.66 8.89 -41.15
C ARG C 5 49.97 9.50 -41.60
N ALA C 6 49.92 10.38 -42.61
CA ALA C 6 51.10 11.08 -43.07
C ALA C 6 50.89 12.58 -43.13
N PHE C 7 49.70 13.07 -42.83
CA PHE C 7 49.43 14.50 -42.82
C PHE C 7 48.70 14.87 -41.54
N TYR C 8 48.96 16.04 -41.02
CA TYR C 8 48.34 16.50 -39.80
C TYR C 8 47.14 17.38 -40.08
N VAL C 9 46.25 17.50 -39.12
CA VAL C 9 45.09 18.35 -39.31
C VAL C 9 45.50 19.77 -39.06
N SER D 1 7.53 35.34 -0.48
CA SER D 1 6.62 34.60 0.38
C SER D 1 7.33 34.00 1.58
N HIS D 2 6.58 33.29 2.41
CA HIS D 2 7.12 32.56 3.55
C HIS D 2 6.53 31.17 3.58
N SER D 3 7.25 30.26 4.23
CA SER D 3 6.89 28.85 4.18
C SER D 3 7.00 28.22 5.56
N LEU D 4 6.11 27.27 5.82
CA LEU D 4 6.27 26.32 6.91
C LEU D 4 6.11 24.94 6.28
N ARG D 5 7.08 24.06 6.53
CA ARG D 5 6.96 22.71 6.01
C ARG D 5 7.76 21.76 6.89
N TYR D 6 7.34 20.50 6.85
CA TYR D 6 7.91 19.45 7.68
C TYR D 6 8.44 18.34 6.78
N PHE D 7 9.63 17.84 7.10
CA PHE D 7 10.31 16.82 6.30
C PHE D 7 10.47 15.59 7.16
N VAL D 8 9.80 14.51 6.78
CA VAL D 8 9.64 13.33 7.63
C VAL D 8 10.21 12.11 6.91
N THR D 9 11.02 11.34 7.62
CA THR D 9 11.62 10.13 7.05
C THR D 9 11.45 8.96 7.99
N ALA D 10 11.06 7.80 7.45
CA ALA D 10 11.14 6.53 8.17
C ALA D 10 12.05 5.58 7.38
N VAL D 11 13.06 5.03 8.03
CA VAL D 11 14.04 4.17 7.40
C VAL D 11 14.07 2.84 8.13
N SER D 12 13.76 1.76 7.44
CA SER D 12 13.81 0.44 8.05
C SER D 12 15.24 -0.07 8.08
N ARG D 13 15.56 -0.82 9.13
CA ARG D 13 16.88 -1.43 9.30
C ARG D 13 16.70 -2.85 9.83
N PRO D 14 16.46 -3.80 8.94
CA PRO D 14 16.29 -5.20 9.37
C PRO D 14 17.49 -5.67 10.20
N GLY D 15 17.19 -6.32 11.33
CA GLY D 15 18.20 -6.83 12.23
C GLY D 15 18.62 -5.89 13.34
N PHE D 16 18.34 -4.60 13.21
CA PHE D 16 18.75 -3.59 14.19
C PHE D 16 17.57 -2.77 14.65
N GLY D 17 16.47 -3.46 14.98
CA GLY D 17 15.35 -2.83 15.64
C GLY D 17 14.34 -2.21 14.70
N GLU D 18 13.46 -1.42 15.31
CA GLU D 18 12.40 -0.74 14.58
C GLU D 18 12.99 0.37 13.71
N PRO D 19 12.27 0.80 12.68
CA PRO D 19 12.81 1.81 11.76
C PRO D 19 13.14 3.10 12.50
N ARG D 20 14.15 3.81 11.97
CA ARG D 20 14.47 5.13 12.45
C ARG D 20 13.44 6.10 11.88
N TYR D 21 12.96 7.01 12.72
CA TYR D 21 11.89 7.94 12.34
C TYR D 21 12.33 9.35 12.67
N MET D 22 12.20 10.25 11.71
CA MET D 22 12.68 11.61 11.89
C MET D 22 11.66 12.62 11.37
N GLU D 23 11.48 13.69 12.14
CA GLU D 23 10.73 14.86 11.67
C GLU D 23 11.61 16.09 11.86
N VAL D 24 11.58 16.97 10.86
CA VAL D 24 12.33 18.22 10.90
C VAL D 24 11.41 19.29 10.33
N GLY D 25 11.27 20.40 11.06
CA GLY D 25 10.40 21.48 10.66
C GLY D 25 11.20 22.71 10.27
N TYR D 26 10.71 23.41 9.25
CA TYR D 26 11.38 24.62 8.79
C TYR D 26 10.36 25.75 8.62
N VAL D 27 10.80 26.96 8.95
CA VAL D 27 10.13 28.19 8.56
C VAL D 27 11.02 28.86 7.53
N ASP D 28 10.43 29.29 6.42
CA ASP D 28 11.18 29.60 5.21
C ASP D 28 12.06 28.39 4.87
N ASN D 29 13.36 28.49 5.12
CA ASN D 29 14.24 27.35 4.91
C ASN D 29 15.15 27.11 6.11
N THR D 30 14.76 27.61 7.27
CA THR D 30 15.53 27.45 8.49
C THR D 30 14.87 26.43 9.40
N GLU D 31 15.66 25.43 9.81
CA GLU D 31 15.21 24.41 10.75
C GLU D 31 14.88 25.05 12.10
N PHE D 32 13.75 24.64 12.69
CA PHE D 32 13.41 25.13 14.02
C PHE D 32 12.92 24.06 14.98
N VAL D 33 12.56 22.87 14.51
CA VAL D 33 12.15 21.76 15.37
C VAL D 33 12.68 20.46 14.77
N ARG D 34 12.98 19.48 15.64
CA ARG D 34 13.47 18.17 15.23
C ARG D 34 12.95 17.09 16.16
N PHE D 35 12.54 15.97 15.59
CA PHE D 35 12.26 14.75 16.34
C PHE D 35 13.10 13.61 15.78
N ASP D 36 13.72 12.84 16.68
CA ASP D 36 14.61 11.75 16.28
C ASP D 36 14.34 10.57 17.20
N SER D 37 13.78 9.49 16.65
CA SER D 37 13.50 8.30 17.46
C SER D 37 14.78 7.67 18.01
N ASP D 38 15.93 7.95 17.40
CA ASP D 38 17.19 7.40 17.89
C ASP D 38 17.81 8.25 19.00
N ALA D 39 17.30 9.44 19.25
CA ALA D 39 17.76 10.21 20.39
C ALA D 39 17.52 9.43 21.68
N GLU D 40 18.33 9.72 22.69
CA GLU D 40 18.04 9.23 24.03
C GLU D 40 16.86 10.04 24.57
N ASN D 41 15.79 9.35 24.97
CA ASN D 41 14.52 9.96 25.32
C ASN D 41 14.00 10.78 24.14
N PRO D 42 13.27 10.15 23.21
CA PRO D 42 12.87 10.82 21.96
C PRO D 42 11.70 11.76 22.18
N ARG D 43 11.91 13.05 21.90
CA ARG D 43 10.90 14.08 22.02
C ARG D 43 11.16 15.15 20.97
N TYR D 44 10.12 15.91 20.65
CA TYR D 44 10.31 17.07 19.77
C TYR D 44 11.20 18.07 20.48
N GLU D 45 12.23 18.56 19.78
CA GLU D 45 13.21 19.40 20.43
C GLU D 45 13.31 20.76 19.74
N PRO D 46 13.53 21.83 20.48
CA PRO D 46 13.73 23.13 19.83
C PRO D 46 15.08 23.18 19.13
N ARG D 47 15.11 23.80 17.95
CA ARG D 47 16.33 23.95 17.17
C ARG D 47 16.64 25.40 16.82
N ALA D 48 15.78 26.34 17.21
CA ALA D 48 16.07 27.77 17.14
C ALA D 48 15.77 28.39 18.48
N ARG D 49 16.39 29.54 18.76
CA ARG D 49 16.20 30.15 20.06
C ARG D 49 14.79 30.71 20.20
N TRP D 50 14.16 31.14 19.09
CA TRP D 50 12.86 31.80 19.17
C TRP D 50 11.69 30.84 19.35
N ILE D 51 11.88 29.54 19.07
CA ILE D 51 10.82 28.57 19.35
C ILE D 51 10.94 28.04 20.78
N GLU D 52 12.04 28.31 21.47
CA GLU D 52 12.14 27.93 22.87
C GLU D 52 11.10 28.63 23.73
N GLN D 53 10.47 29.69 23.20
CA GLN D 53 9.43 30.44 23.90
C GLN D 53 8.19 29.60 24.19
N GLU D 54 7.93 28.55 23.41
CA GLU D 54 6.73 27.75 23.58
C GLU D 54 6.74 27.03 24.93
N GLY D 55 5.54 26.86 25.48
CA GLY D 55 5.40 26.26 26.79
C GLY D 55 5.45 24.75 26.73
N PRO D 56 5.49 24.13 27.91
CA PRO D 56 5.63 22.67 27.96
C PRO D 56 4.55 21.91 27.19
N GLU D 57 3.33 22.45 27.09
CA GLU D 57 2.29 21.75 26.36
C GLU D 57 2.54 21.72 24.86
N TYR D 58 3.19 22.75 24.31
CA TYR D 58 3.53 22.71 22.90
C TYR D 58 4.41 21.50 22.60
N TRP D 59 5.41 21.27 23.44
CA TRP D 59 6.37 20.19 23.20
C TRP D 59 5.74 18.83 23.42
N GLU D 60 4.91 18.67 24.46
CA GLU D 60 4.24 17.40 24.70
C GLU D 60 3.24 17.10 23.59
N ARG D 61 2.61 18.13 23.03
CA ARG D 61 1.67 17.94 21.94
C ARG D 61 2.38 17.49 20.66
N GLU D 62 3.48 18.14 20.31
CA GLU D 62 4.17 17.78 19.08
C GLU D 62 4.84 16.42 19.21
N THR D 63 5.38 16.11 20.39
CA THR D 63 5.92 14.77 20.63
C THR D 63 4.86 13.70 20.42
N ARG D 64 3.67 13.88 21.02
CA ARG D 64 2.60 12.90 20.83
C ARG D 64 2.29 12.72 19.34
N ARG D 65 2.14 13.84 18.62
CA ARG D 65 1.83 13.74 17.19
C ARG D 65 2.92 12.96 16.44
N ALA D 66 4.18 13.22 16.77
CA ALA D 66 5.28 12.52 16.10
C ALA D 66 5.27 11.04 16.43
N LYS D 67 5.18 10.70 17.72
CA LYS D 67 5.16 9.30 18.11
C LYS D 67 3.98 8.56 17.50
N GLY D 68 2.85 9.25 17.29
CA GLY D 68 1.76 8.65 16.55
C GLY D 68 2.07 8.51 15.08
N ASN D 69 2.67 9.55 14.48
CA ASN D 69 3.12 9.47 13.10
C ASN D 69 4.12 8.33 12.91
N GLU D 70 5.02 8.15 13.88
CA GLU D 70 6.00 7.07 13.79
C GLU D 70 5.32 5.73 13.66
N GLN D 71 4.25 5.50 14.44
CA GLN D 71 3.54 4.22 14.35
C GLN D 71 2.92 4.03 12.98
N SER D 72 2.43 5.12 12.37
CA SER D 72 1.77 5.02 11.07
C SER D 72 2.77 4.67 9.97
N PHE D 73 3.97 5.25 10.01
CA PHE D 73 4.98 4.93 9.02
C PHE D 73 5.47 3.49 9.15
N ARG D 74 5.51 2.95 10.38
CA ARG D 74 5.85 1.53 10.53
C ARG D 74 4.86 0.65 9.79
N VAL D 75 3.57 0.96 9.90
CA VAL D 75 2.57 0.19 9.14
C VAL D 75 2.79 0.38 7.66
N ASP D 76 3.13 1.60 7.25
CA ASP D 76 3.24 1.91 5.83
C ASP D 76 4.41 1.19 5.20
N LEU D 77 5.53 1.09 5.93
CA LEU D 77 6.69 0.36 5.43
C LEU D 77 6.36 -1.11 5.23
N ARG D 78 5.59 -1.71 6.13
CA ARG D 78 5.23 -3.11 5.94
C ARG D 78 4.24 -3.25 4.79
N THR D 79 3.40 -2.24 4.57
CA THR D 79 2.45 -2.29 3.47
C THR D 79 3.16 -2.16 2.12
N ALA D 80 4.15 -1.27 2.04
CA ALA D 80 4.91 -1.12 0.79
C ALA D 80 5.54 -2.43 0.38
N LEU D 81 6.14 -3.16 1.34
CA LEU D 81 6.69 -4.48 1.05
C LEU D 81 5.66 -5.37 0.39
N ARG D 82 4.42 -5.37 0.88
CA ARG D 82 3.39 -6.21 0.29
C ARG D 82 3.01 -5.69 -1.11
N TYR D 83 2.82 -4.38 -1.23
CA TYR D 83 2.49 -3.80 -2.54
C TYR D 83 3.53 -4.16 -3.59
N TYR D 84 4.81 -4.18 -3.22
CA TYR D 84 5.92 -4.36 -4.15
C TYR D 84 6.47 -5.79 -4.14
N ASN D 85 5.85 -6.69 -3.37
CA ASN D 85 6.27 -8.08 -3.31
C ASN D 85 7.76 -8.17 -2.98
N GLN D 86 8.16 -7.38 -2.00
CA GLN D 86 9.52 -7.34 -1.49
C GLN D 86 9.59 -8.12 -0.18
N SER D 87 10.75 -8.73 0.08
CA SER D 87 10.96 -9.42 1.34
C SER D 87 11.25 -8.42 2.44
N ALA D 88 11.20 -8.89 3.69
CA ALA D 88 11.52 -8.05 4.83
C ALA D 88 13.03 -7.94 5.08
N GLY D 89 13.86 -8.30 4.11
CA GLY D 89 15.30 -8.40 4.33
C GLY D 89 16.11 -7.13 4.11
N GLY D 90 15.82 -6.37 3.05
CA GLY D 90 16.57 -5.16 2.75
C GLY D 90 16.03 -3.94 3.49
N SER D 91 16.78 -2.85 3.40
CA SER D 91 16.38 -1.59 4.00
C SER D 91 15.59 -0.74 3.01
N HIS D 92 14.56 -0.06 3.50
CA HIS D 92 13.71 0.77 2.67
C HIS D 92 13.40 2.07 3.39
N THR D 93 13.01 3.08 2.64
CA THR D 93 12.81 4.42 3.16
C THR D 93 11.50 4.99 2.68
N LEU D 94 10.70 5.49 3.61
CA LEU D 94 9.53 6.29 3.30
C LEU D 94 9.81 7.73 3.68
N GLN D 95 9.52 8.65 2.78
CA GLN D 95 9.72 10.05 3.04
C GLN D 95 8.43 10.80 2.75
N TRP D 96 8.29 11.93 3.42
CA TRP D 96 7.05 12.68 3.44
C TRP D 96 7.37 14.15 3.62
N MET D 97 6.78 14.99 2.80
CA MET D 97 6.96 16.43 2.89
C MET D 97 5.59 17.08 2.86
N ALA D 98 5.34 17.97 3.81
CA ALA D 98 4.06 18.64 3.96
C ALA D 98 4.29 20.05 4.44
N GLY D 99 3.48 20.99 3.95
CA GLY D 99 3.62 22.36 4.40
C GLY D 99 2.79 23.31 3.55
N CYS D 100 2.95 24.60 3.84
CA CYS D 100 2.19 25.64 3.18
C CYS D 100 3.11 26.78 2.73
N ASP D 101 2.90 27.25 1.51
CA ASP D 101 3.47 28.51 1.03
C ASP D 101 2.37 29.55 1.05
N VAL D 102 2.58 30.65 1.76
CA VAL D 102 1.60 31.73 1.84
C VAL D 102 2.33 33.06 1.73
N GLU D 103 1.72 34.00 0.99
CA GLU D 103 2.26 35.34 0.81
C GLU D 103 1.79 36.26 1.93
N SER D 104 2.29 37.50 1.92
CA SER D 104 1.79 38.51 2.83
C SER D 104 0.32 38.82 2.58
N ASP D 105 -0.20 38.45 1.40
CA ASP D 105 -1.64 38.48 1.17
C ASP D 105 -2.40 37.66 2.20
N GLY D 106 -1.74 36.69 2.83
CA GLY D 106 -2.27 36.01 3.99
C GLY D 106 -2.69 34.58 3.74
N ARG D 107 -2.97 34.21 2.50
CA ARG D 107 -3.54 32.89 2.23
C ARG D 107 -2.65 32.10 1.27
N LEU D 108 -3.12 30.90 0.93
CA LEU D 108 -2.27 29.84 0.39
C LEU D 108 -1.83 30.14 -1.03
N LEU D 109 -0.52 30.25 -1.22
CA LEU D 109 0.06 30.26 -2.56
C LEU D 109 0.22 28.85 -3.09
N ARG D 110 0.61 27.92 -2.23
CA ARG D 110 0.83 26.53 -2.61
C ARG D 110 0.82 25.69 -1.34
N GLY D 111 0.14 24.56 -1.38
CA GLY D 111 0.16 23.60 -0.28
C GLY D 111 0.82 22.31 -0.75
N TYR D 112 1.52 21.65 0.18
CA TYR D 112 2.32 20.46 -0.09
C TYR D 112 1.91 19.30 0.79
N TRP D 113 1.88 18.11 0.20
CA TRP D 113 1.56 16.88 0.91
C TRP D 113 1.93 15.69 0.02
N GLN D 114 3.16 15.19 0.12
CA GLN D 114 3.69 14.28 -0.89
C GLN D 114 4.65 13.27 -0.28
N PHE D 115 4.73 12.09 -0.90
CA PHE D 115 5.49 10.96 -0.38
C PHE D 115 6.42 10.42 -1.45
N ALA D 116 7.50 9.78 -1.00
CA ALA D 116 8.37 9.00 -1.88
C ALA D 116 8.72 7.69 -1.20
N TYR D 117 8.80 6.62 -2.01
CA TYR D 117 9.23 5.32 -1.55
C TYR D 117 10.58 4.98 -2.18
N ASP D 118 11.55 4.62 -1.34
CA ASP D 118 12.90 4.30 -1.80
C ASP D 118 13.44 5.38 -2.73
N GLY D 119 13.13 6.64 -2.40
CA GLY D 119 13.67 7.79 -3.10
C GLY D 119 12.96 8.17 -4.38
N CYS D 120 11.90 7.46 -4.77
CA CYS D 120 11.12 7.80 -5.95
C CYS D 120 9.74 8.26 -5.53
N ASP D 121 9.24 9.31 -6.19
CA ASP D 121 7.89 9.81 -5.95
C ASP D 121 6.91 8.66 -5.84
N TYR D 122 6.02 8.74 -4.85
CA TYR D 122 5.00 7.73 -4.64
C TYR D 122 3.62 8.31 -4.90
N ILE D 123 3.11 9.15 -4.02
CA ILE D 123 1.85 9.86 -4.26
C ILE D 123 2.03 11.30 -3.78
N ALA D 124 1.33 12.22 -4.45
CA ALA D 124 1.48 13.63 -4.11
C ALA D 124 0.14 14.35 -4.27
N LEU D 125 -0.14 15.30 -3.37
CA LEU D 125 -1.35 16.11 -3.46
C LEU D 125 -1.14 17.22 -4.48
N ASN D 126 -2.03 17.31 -5.46
CA ASN D 126 -1.89 18.29 -6.53
C ASN D 126 -2.14 19.69 -6.01
N GLU D 127 -2.02 20.68 -6.90
CA GLU D 127 -2.18 22.07 -6.47
C GLU D 127 -3.62 22.38 -6.12
N ASP D 128 -4.60 21.70 -6.72
CA ASP D 128 -5.99 21.92 -6.39
C ASP D 128 -6.33 21.47 -4.97
N LEU D 129 -5.44 20.71 -4.33
CA LEU D 129 -5.65 20.18 -2.99
C LEU D 129 -6.90 19.31 -2.94
N LYS D 130 -7.23 18.66 -4.05
CA LYS D 130 -8.42 17.80 -4.18
C LYS D 130 -8.13 16.45 -4.82
N THR D 131 -7.14 16.33 -5.70
CA THR D 131 -6.84 15.08 -6.38
C THR D 131 -5.38 14.72 -6.18
N TRP D 132 -5.06 13.43 -6.33
CA TRP D 132 -3.74 12.91 -6.05
C TRP D 132 -3.06 12.44 -7.33
N THR D 133 -1.73 12.59 -7.39
CA THR D 133 -0.93 12.08 -8.49
C THR D 133 -0.20 10.83 -8.00
N ALA D 134 -0.57 9.68 -8.55
CA ALA D 134 0.01 8.40 -8.16
C ALA D 134 0.95 7.94 -9.25
N ALA D 135 2.21 7.68 -8.89
CA ALA D 135 3.23 7.31 -9.85
C ALA D 135 2.97 5.93 -10.46
N ASP D 136 3.23 4.87 -9.70
CA ASP D 136 3.13 3.51 -10.19
C ASP D 136 1.81 2.87 -9.75
N MET D 137 1.66 1.58 -10.08
CA MET D 137 0.43 0.86 -9.77
C MET D 137 0.20 0.73 -8.28
N ALA D 138 1.28 0.62 -7.51
CA ALA D 138 1.15 0.51 -6.05
C ALA D 138 0.52 1.78 -5.48
N ALA D 139 1.05 2.94 -5.86
CA ALA D 139 0.48 4.20 -5.41
C ALA D 139 -0.97 4.35 -5.84
N GLN D 140 -1.37 3.69 -6.94
CA GLN D 140 -2.75 3.82 -7.38
C GLN D 140 -3.71 3.09 -6.45
N ILE D 141 -3.25 2.00 -5.82
CA ILE D 141 -4.01 1.41 -4.72
C ILE D 141 -4.22 2.43 -3.62
N THR D 142 -3.14 3.08 -3.18
CA THR D 142 -3.25 4.11 -2.15
C THR D 142 -4.22 5.20 -2.56
N ARG D 143 -4.07 5.70 -3.80
CA ARG D 143 -4.92 6.79 -4.27
C ARG D 143 -6.39 6.39 -4.22
N ARG D 144 -6.71 5.16 -4.63
CA ARG D 144 -8.09 4.72 -4.58
C ARG D 144 -8.60 4.63 -3.14
N LYS D 145 -7.70 4.33 -2.19
CA LYS D 145 -8.10 4.25 -0.79
C LYS D 145 -8.30 5.63 -0.18
N TRP D 146 -7.48 6.59 -0.61
CA TRP D 146 -7.57 7.96 -0.09
C TRP D 146 -8.65 8.77 -0.76
N GLU D 147 -9.05 8.42 -1.99
CA GLU D 147 -10.25 9.04 -2.55
C GLU D 147 -11.49 8.56 -1.82
N GLN D 148 -11.57 7.25 -1.59
CA GLN D 148 -12.73 6.69 -0.90
C GLN D 148 -12.87 7.24 0.51
N ALA D 149 -11.75 7.59 1.14
CA ALA D 149 -11.74 7.98 2.55
C ALA D 149 -11.82 9.49 2.76
N GLY D 150 -11.86 10.29 1.70
CA GLY D 150 -11.85 11.74 1.87
C GLY D 150 -10.54 12.29 2.40
N ALA D 151 -9.40 11.70 2.01
CA ALA D 151 -8.12 12.03 2.65
C ALA D 151 -7.65 13.43 2.26
N ALA D 152 -7.83 13.82 1.00
CA ALA D 152 -7.39 15.15 0.58
C ALA D 152 -8.13 16.24 1.35
N GLU D 153 -9.38 16.02 1.73
CA GLU D 153 -10.11 17.07 2.42
C GLU D 153 -9.54 17.31 3.81
N ARG D 154 -9.34 16.23 4.59
CA ARG D 154 -8.79 16.39 5.94
C ARG D 154 -7.38 16.96 5.89
N ASP D 155 -6.58 16.50 4.92
CA ASP D 155 -5.23 17.04 4.77
C ASP D 155 -5.25 18.49 4.30
N ARG D 156 -6.14 18.82 3.37
CA ARG D 156 -6.30 20.22 2.96
C ARG D 156 -6.62 21.10 4.16
N ALA D 157 -7.42 20.59 5.10
CA ALA D 157 -7.75 21.38 6.28
C ALA D 157 -6.51 21.81 7.05
N TYR D 158 -5.55 20.90 7.20
CA TYR D 158 -4.27 21.26 7.82
C TYR D 158 -3.55 22.34 7.03
N LEU D 159 -3.43 22.13 5.70
CA LEU D 159 -2.64 23.04 4.88
C LEU D 159 -3.22 24.45 4.85
N GLU D 160 -4.55 24.57 4.73
CA GLU D 160 -5.20 25.87 4.66
C GLU D 160 -5.53 26.45 6.03
N GLY D 161 -5.69 25.60 7.04
CA GLY D 161 -6.06 26.01 8.38
C GLY D 161 -4.85 26.12 9.28
N GLU D 162 -4.53 25.04 9.99
CA GLU D 162 -3.51 25.09 11.04
C GLU D 162 -2.15 25.54 10.50
N CYS D 163 -1.73 25.04 9.33
CA CYS D 163 -0.40 25.38 8.82
C CYS D 163 -0.23 26.87 8.65
N VAL D 164 -1.22 27.54 8.04
CA VAL D 164 -1.10 28.98 7.82
C VAL D 164 -1.16 29.74 9.14
N GLU D 165 -2.09 29.38 10.03
CA GLU D 165 -2.21 30.10 11.30
C GLU D 165 -0.91 30.02 12.10
N TRP D 166 -0.34 28.82 12.22
CA TRP D 166 0.90 28.67 12.98
C TRP D 166 2.09 29.34 12.28
N LEU D 167 2.08 29.42 10.95
CA LEU D 167 3.17 30.12 10.27
C LEU D 167 3.11 31.62 10.59
N ARG D 168 1.91 32.21 10.61
CA ARG D 168 1.81 33.59 11.05
C ARG D 168 2.39 33.76 12.46
N ARG D 169 2.11 32.80 13.34
CA ARG D 169 2.62 32.89 14.71
C ARG D 169 4.15 32.76 14.75
N TYR D 170 4.71 31.82 13.98
CA TYR D 170 6.17 31.68 13.95
C TYR D 170 6.84 32.92 13.37
N LEU D 171 6.29 33.47 12.27
CA LEU D 171 6.88 34.66 11.67
C LEU D 171 6.85 35.84 12.63
N LYS D 172 5.78 35.97 13.42
CA LYS D 172 5.71 37.05 14.39
C LYS D 172 6.72 36.84 15.51
N ASN D 173 6.71 35.67 16.15
CA ASN D 173 7.60 35.46 17.29
C ASN D 173 9.06 35.37 16.85
N GLY D 174 9.32 34.76 15.69
CA GLY D 174 10.69 34.59 15.25
C GLY D 174 11.18 35.72 14.38
N ASN D 175 10.49 36.85 14.45
CA ASN D 175 10.71 37.96 13.53
C ASN D 175 12.17 38.39 13.51
N ALA D 176 12.75 38.61 14.68
CA ALA D 176 14.08 39.22 14.76
C ALA D 176 15.17 38.39 14.12
N THR D 177 14.97 37.08 13.98
CA THR D 177 15.96 36.25 13.31
C THR D 177 15.55 35.82 11.92
N LEU D 178 14.27 35.49 11.69
CA LEU D 178 13.88 34.90 10.42
C LEU D 178 13.81 35.93 9.30
N LEU D 179 13.61 37.21 9.63
CA LEU D 179 13.43 38.28 8.66
C LEU D 179 14.55 39.31 8.74
N ARG D 180 15.57 39.02 9.54
CA ARG D 180 16.78 39.82 9.49
C ARG D 180 17.45 39.67 8.13
N THR D 181 18.35 40.60 7.83
CA THR D 181 19.18 40.56 6.63
C THR D 181 20.62 40.84 7.02
N ASP D 182 21.50 39.88 6.77
CA ASP D 182 22.94 40.03 6.99
C ASP D 182 23.65 40.12 5.66
N PRO D 183 24.22 41.27 5.29
CA PRO D 183 24.91 41.37 4.01
C PRO D 183 26.14 40.48 3.98
N PRO D 184 26.53 40.00 2.80
CA PRO D 184 27.77 39.22 2.69
C PRO D 184 29.01 40.10 2.76
N LYS D 185 30.06 39.55 3.35
CA LYS D 185 31.38 40.12 3.24
C LYS D 185 32.11 39.40 2.13
N ALA D 186 32.61 40.15 1.16
CA ALA D 186 33.21 39.60 -0.04
C ALA D 186 34.70 39.83 -0.05
N HIS D 187 35.42 38.90 -0.68
CA HIS D 187 36.84 39.10 -0.98
C HIS D 187 37.21 38.19 -2.13
N VAL D 188 38.32 38.52 -2.79
CA VAL D 188 38.86 37.77 -3.92
C VAL D 188 40.21 37.18 -3.54
N THR D 189 40.40 35.88 -3.76
CA THR D 189 41.69 35.22 -3.60
C THR D 189 42.32 34.89 -4.96
N HIS D 190 43.62 34.57 -4.92
CA HIS D 190 44.45 34.42 -6.11
C HIS D 190 45.31 33.18 -5.97
N HIS D 191 45.24 32.27 -6.95
CA HIS D 191 46.08 31.08 -6.93
C HIS D 191 46.71 30.86 -8.30
N ARG D 192 48.03 30.66 -8.33
CA ARG D 192 48.72 30.34 -9.56
C ARG D 192 48.51 28.85 -9.87
N ARG D 193 47.97 28.56 -11.05
CA ARG D 193 47.83 27.18 -11.47
C ARG D 193 49.14 26.70 -12.09
N PRO D 194 49.39 25.38 -12.05
CA PRO D 194 50.61 24.86 -12.69
C PRO D 194 50.65 25.04 -14.20
N GLU D 195 49.51 25.16 -14.86
CA GLU D 195 49.49 25.37 -16.31
C GLU D 195 49.96 26.76 -16.72
N GLY D 196 50.39 27.60 -15.78
CA GLY D 196 50.86 28.94 -16.08
C GLY D 196 49.81 30.02 -15.97
N ASP D 197 48.58 29.70 -15.55
CA ASP D 197 47.52 30.68 -15.42
C ASP D 197 47.11 30.82 -13.95
N VAL D 198 46.01 31.53 -13.73
CA VAL D 198 45.64 32.00 -12.39
C VAL D 198 44.16 31.73 -12.15
N THR D 199 43.86 31.08 -11.04
CA THR D 199 42.48 31.00 -10.56
C THR D 199 42.16 32.24 -9.74
N LEU D 200 41.11 32.94 -10.11
CA LEU D 200 40.53 34.00 -9.28
C LEU D 200 39.29 33.45 -8.59
N ARG D 201 39.24 33.56 -7.26
CA ARG D 201 38.10 33.04 -6.50
C ARG D 201 37.44 34.17 -5.72
N CYS D 202 36.14 34.37 -5.95
CA CYS D 202 35.37 35.43 -5.30
C CYS D 202 34.50 34.81 -4.22
N TRP D 203 34.70 35.23 -2.98
CA TRP D 203 34.04 34.65 -1.82
C TRP D 203 32.95 35.57 -1.31
N ALA D 204 31.84 34.98 -0.87
CA ALA D 204 30.78 35.70 -0.17
C ALA D 204 30.57 34.99 1.16
N LEU D 205 30.72 35.72 2.27
CA LEU D 205 30.72 35.12 3.59
C LEU D 205 29.65 35.71 4.50
N GLY D 206 29.13 34.86 5.38
CA GLY D 206 28.29 35.32 6.48
C GLY D 206 27.05 36.08 6.08
N PHE D 207 26.33 35.63 5.06
CA PHE D 207 25.15 36.36 4.60
C PHE D 207 23.87 35.59 4.95
N TYR D 208 22.79 36.35 5.06
CA TYR D 208 21.47 35.81 5.34
C TYR D 208 20.46 36.78 4.76
N PRO D 209 19.42 36.30 4.08
CA PRO D 209 19.15 34.88 3.79
C PRO D 209 20.04 34.31 2.69
N ALA D 210 19.76 33.05 2.30
CA ALA D 210 20.64 32.28 1.44
C ALA D 210 20.66 32.75 -0.02
N ASP D 211 19.60 33.38 -0.50
CA ASP D 211 19.56 33.80 -1.90
C ASP D 211 20.67 34.80 -2.19
N ILE D 212 21.39 34.58 -3.28
CA ILE D 212 22.53 35.42 -3.61
C ILE D 212 22.92 35.16 -5.04
N THR D 213 23.37 36.20 -5.72
CA THR D 213 23.91 36.10 -7.07
C THR D 213 25.38 36.46 -7.03
N LEU D 214 26.20 35.68 -7.73
CA LEU D 214 27.65 35.75 -7.66
C LEU D 214 28.19 35.47 -9.05
N THR D 215 28.66 36.52 -9.74
CA THR D 215 29.03 36.42 -11.15
C THR D 215 30.38 37.07 -11.42
N TRP D 216 31.02 36.60 -12.49
CA TRP D 216 32.27 37.17 -12.99
C TRP D 216 32.04 37.80 -14.36
N GLN D 217 32.73 38.91 -14.62
CA GLN D 217 32.62 39.62 -15.89
C GLN D 217 34.00 39.95 -16.42
N LEU D 218 34.25 39.55 -17.67
CA LEU D 218 35.47 39.85 -18.39
C LEU D 218 35.20 41.00 -19.34
N ASN D 219 35.74 42.18 -19.02
CA ASN D 219 35.42 43.41 -19.75
C ASN D 219 33.91 43.65 -19.79
N GLY D 220 33.29 43.58 -18.61
CA GLY D 220 31.87 43.84 -18.51
C GLY D 220 30.96 42.89 -19.26
N GLU D 221 31.48 41.77 -19.74
CA GLU D 221 30.67 40.81 -20.47
C GLU D 221 30.60 39.48 -19.71
N GLU D 222 29.64 38.66 -20.10
CA GLU D 222 29.32 37.48 -19.29
C GLU D 222 30.40 36.41 -19.42
N LEU D 223 30.36 35.47 -18.47
CA LEU D 223 31.49 34.60 -18.20
C LEU D 223 31.08 33.33 -17.47
N THR D 224 29.95 32.73 -17.83
CA THR D 224 29.59 31.42 -17.31
C THR D 224 30.41 30.29 -17.95
N GLN D 225 31.44 30.64 -18.74
CA GLN D 225 32.31 29.69 -19.41
C GLN D 225 33.10 28.88 -18.41
N GLU D 226 34.27 29.38 -18.01
CA GLU D 226 35.13 28.66 -17.08
C GLU D 226 34.80 28.97 -15.62
N MET D 227 33.63 29.54 -15.33
CA MET D 227 33.29 29.89 -13.95
C MET D 227 32.85 28.63 -13.19
N GLU D 228 33.57 28.30 -12.12
CA GLU D 228 33.16 27.24 -11.22
C GLU D 228 32.45 27.83 -10.01
N LEU D 229 31.39 27.14 -9.56
CA LEU D 229 30.59 27.54 -8.42
C LEU D 229 30.52 26.40 -7.41
N VAL D 230 30.37 26.76 -6.16
CA VAL D 230 29.90 25.81 -5.15
C VAL D 230 28.49 26.22 -4.79
N GLU D 231 27.66 25.24 -4.50
CA GLU D 231 26.32 25.56 -4.05
C GLU D 231 26.39 26.24 -2.70
N THR D 232 25.43 27.11 -2.45
CA THR D 232 25.43 27.85 -1.19
C THR D 232 25.41 26.88 -0.02
N ARG D 233 26.28 27.11 0.95
CA ARG D 233 26.44 26.19 2.05
C ARG D 233 26.34 26.91 3.38
N PRO D 234 25.95 26.20 4.43
CA PRO D 234 25.78 26.85 5.74
C PRO D 234 27.08 26.95 6.51
N ALA D 235 27.16 27.99 7.34
CA ALA D 235 28.15 28.04 8.42
C ALA D 235 27.55 27.54 9.72
N GLY D 236 26.31 27.08 9.70
CA GLY D 236 25.53 26.62 10.85
C GLY D 236 25.49 27.63 12.00
N ASP D 237 25.94 28.87 11.76
CA ASP D 237 25.72 29.97 12.68
C ASP D 237 24.56 30.85 12.23
N GLY D 238 23.72 30.32 11.33
CA GLY D 238 22.64 31.07 10.75
C GLY D 238 22.95 31.70 9.42
N THR D 239 24.22 31.94 9.13
CA THR D 239 24.61 32.57 7.88
C THR D 239 25.17 31.55 6.89
N PHE D 240 25.35 32.00 5.65
CA PHE D 240 25.75 31.11 4.57
C PHE D 240 27.02 31.61 3.91
N GLN D 241 27.55 30.80 2.99
CA GLN D 241 28.71 31.22 2.23
C GLN D 241 28.69 30.57 0.85
N LYS D 242 29.30 31.27 -0.11
CA LYS D 242 29.37 30.81 -1.49
C LYS D 242 30.64 31.37 -2.11
N TRP D 243 31.14 30.70 -3.13
CA TRP D 243 32.22 31.28 -3.92
C TRP D 243 32.05 30.90 -5.39
N ALA D 244 32.72 31.67 -6.24
CA ALA D 244 32.67 31.51 -7.67
C ALA D 244 34.05 31.85 -8.21
N SER D 245 34.59 31.01 -9.08
CA SER D 245 35.96 31.15 -9.54
C SER D 245 36.01 31.05 -11.05
N VAL D 246 36.95 31.79 -11.63
CA VAL D 246 37.30 31.66 -13.04
C VAL D 246 38.80 31.42 -13.14
N VAL D 247 39.21 30.83 -14.26
CA VAL D 247 40.62 30.65 -14.57
C VAL D 247 41.04 31.75 -15.53
N VAL D 248 42.17 32.38 -15.24
CA VAL D 248 42.55 33.64 -15.84
C VAL D 248 44.03 33.59 -16.22
N PRO D 249 44.41 34.03 -17.41
CA PRO D 249 45.85 34.07 -17.75
C PRO D 249 46.61 35.04 -16.84
N LEU D 250 47.87 34.70 -16.59
CA LEU D 250 48.69 35.46 -15.65
C LEU D 250 49.02 36.84 -16.20
N GLY D 251 48.95 37.84 -15.33
CA GLY D 251 49.24 39.21 -15.71
C GLY D 251 48.04 40.00 -16.20
N LYS D 252 46.94 39.34 -16.55
CA LYS D 252 45.73 40.01 -16.99
C LYS D 252 44.58 39.72 -16.02
N GLU D 253 44.90 39.70 -14.72
CA GLU D 253 43.88 39.46 -13.72
C GLU D 253 42.92 40.63 -13.60
N GLN D 254 43.41 41.86 -13.78
CA GLN D 254 42.58 43.04 -13.57
C GLN D 254 41.43 43.15 -14.56
N LYS D 255 41.42 42.34 -15.63
CA LYS D 255 40.31 42.38 -16.58
C LYS D 255 39.01 41.87 -15.99
N TYR D 256 39.08 41.12 -14.89
CA TYR D 256 37.96 40.35 -14.39
C TYR D 256 37.34 41.01 -13.16
N THR D 257 36.02 41.08 -13.14
CA THR D 257 35.29 41.69 -12.04
C THR D 257 34.32 40.69 -11.45
N CYS D 258 34.24 40.66 -10.12
CA CYS D 258 33.25 39.87 -9.41
C CYS D 258 32.12 40.78 -8.92
N HIS D 259 30.89 40.30 -9.04
CA HIS D 259 29.70 41.07 -8.75
C HIS D 259 28.80 40.29 -7.79
N VAL D 260 28.45 40.92 -6.67
CA VAL D 260 27.65 40.28 -5.63
C VAL D 260 26.33 41.02 -5.52
N GLU D 261 25.23 40.27 -5.57
CA GLU D 261 23.90 40.81 -5.34
C GLU D 261 23.25 40.05 -4.21
N HIS D 262 22.65 40.80 -3.28
CA HIS D 262 22.05 40.19 -2.10
C HIS D 262 21.11 41.21 -1.47
N GLU D 263 20.10 40.69 -0.77
CA GLU D 263 19.08 41.57 -0.16
C GLU D 263 19.69 42.58 0.80
N GLY D 264 20.82 42.24 1.41
CA GLY D 264 21.50 43.13 2.33
C GLY D 264 22.41 44.16 1.70
N LEU D 265 22.46 44.23 0.37
CA LEU D 265 23.33 45.18 -0.29
C LEU D 265 22.48 46.19 -1.05
N PRO D 266 22.32 47.40 -0.52
CA PRO D 266 21.54 48.42 -1.25
C PRO D 266 22.19 48.85 -2.55
N GLU D 267 23.51 48.76 -2.65
CA GLU D 267 24.22 48.97 -3.90
C GLU D 267 24.99 47.71 -4.24
N PRO D 268 25.25 47.45 -5.52
CA PRO D 268 25.99 46.23 -5.87
C PRO D 268 27.44 46.33 -5.42
N LEU D 269 27.97 45.21 -4.97
CA LEU D 269 29.40 45.09 -4.73
C LEU D 269 30.08 44.74 -6.04
N THR D 270 31.26 45.32 -6.26
CA THR D 270 32.15 44.90 -7.33
C THR D 270 33.54 44.74 -6.75
N LEU D 271 34.21 43.65 -7.11
CA LEU D 271 35.57 43.38 -6.66
C LEU D 271 36.45 43.03 -7.86
N ARG D 272 37.72 43.46 -7.78
CA ARG D 272 38.74 43.15 -8.77
C ARG D 272 39.98 42.62 -8.06
N TRP D 273 40.82 41.92 -8.81
CA TRP D 273 42.16 41.64 -8.35
C TRP D 273 43.15 42.39 -9.24
N MET E 1 17.40 -0.36 -5.07
CA MET E 1 16.86 0.13 -6.33
C MET E 1 17.73 1.26 -6.89
N ILE E 2 17.39 2.51 -6.53
CA ILE E 2 18.11 3.67 -7.02
C ILE E 2 19.24 4.02 -6.06
N GLN E 3 20.21 4.77 -6.56
CA GLN E 3 21.43 5.07 -5.80
C GLN E 3 21.97 6.41 -6.30
N LYS E 4 21.78 7.46 -5.51
CA LYS E 4 22.38 8.76 -5.80
C LYS E 4 23.67 8.90 -4.99
N THR E 5 24.73 9.40 -5.66
CA THR E 5 26.10 9.53 -5.14
C THR E 5 26.26 10.83 -4.39
N PRO E 6 26.85 10.80 -3.19
CA PRO E 6 26.97 12.04 -2.40
C PRO E 6 28.02 12.98 -2.95
N GLN E 7 27.76 14.26 -2.78
CA GLN E 7 28.75 15.29 -3.05
C GLN E 7 29.20 15.87 -1.72
N ILE E 8 30.49 16.20 -1.64
CA ILE E 8 31.15 16.50 -0.39
C ILE E 8 31.87 17.85 -0.50
N GLN E 9 31.68 18.70 0.51
CA GLN E 9 32.42 19.94 0.67
C GLN E 9 32.97 20.00 2.09
N VAL E 10 34.22 20.41 2.20
CA VAL E 10 34.92 20.52 3.47
C VAL E 10 35.44 21.95 3.58
N TYR E 11 35.12 22.62 4.68
CA TYR E 11 35.41 24.05 4.81
C TYR E 11 35.21 24.47 6.26
N SER E 12 35.73 25.64 6.58
CA SER E 12 35.61 26.20 7.91
C SER E 12 34.50 27.26 7.94
N ARG E 13 33.93 27.46 9.13
CA ARG E 13 32.88 28.47 9.28
C ARG E 13 33.41 29.85 8.97
N HIS E 14 34.41 30.26 9.72
CA HIS E 14 35.16 31.49 9.61
C HIS E 14 36.42 31.27 8.77
N PRO E 15 36.91 32.33 8.13
CA PRO E 15 38.20 32.22 7.44
C PRO E 15 39.26 31.73 8.39
N PRO E 16 40.14 30.83 7.94
CA PRO E 16 41.08 30.19 8.87
C PRO E 16 42.24 31.11 9.21
N GLU E 17 42.55 31.19 10.50
CA GLU E 17 43.69 31.95 10.99
C GLU E 17 44.44 31.06 11.99
N ASN E 18 45.73 30.83 11.74
CA ASN E 18 46.53 29.97 12.59
C ASN E 18 46.48 30.44 14.04
N GLY E 19 46.04 29.56 14.94
CA GLY E 19 45.95 29.89 16.33
C GLY E 19 44.59 30.35 16.82
N LYS E 20 43.60 30.50 15.93
CA LYS E 20 42.29 31.01 16.31
C LYS E 20 41.24 29.92 16.21
N PRO E 21 40.51 29.63 17.28
CA PRO E 21 39.51 28.55 17.24
C PRO E 21 38.50 28.72 16.12
N ASN E 22 38.03 27.59 15.63
CA ASN E 22 37.23 27.54 14.41
C ASN E 22 36.48 26.22 14.42
N ILE E 23 35.64 26.02 13.42
CA ILE E 23 34.92 24.77 13.22
C ILE E 23 35.06 24.35 11.77
N LEU E 24 35.31 23.07 11.55
CA LEU E 24 35.44 22.50 10.22
C LEU E 24 34.16 21.76 9.87
N ASN E 25 33.59 22.07 8.71
CA ASN E 25 32.37 21.44 8.25
C ASN E 25 32.69 20.42 7.16
N CYS E 26 31.98 19.29 7.20
CA CYS E 26 31.94 18.33 6.11
C CYS E 26 30.48 18.25 5.69
N TYR E 27 30.15 18.90 4.57
CA TYR E 27 28.78 19.05 4.10
C TYR E 27 28.54 18.01 3.01
N VAL E 28 27.70 17.03 3.29
CA VAL E 28 27.45 15.88 2.41
C VAL E 28 26.02 15.96 1.93
N THR E 29 25.84 15.95 0.60
CA THR E 29 24.55 16.22 -0.01
C THR E 29 24.24 15.22 -1.12
N GLN E 30 22.95 15.16 -1.47
CA GLN E 30 22.48 14.63 -2.75
C GLN E 30 22.57 13.10 -2.82
N PHE E 31 22.55 12.42 -1.69
CA PHE E 31 22.79 10.98 -1.70
C PHE E 31 21.53 10.20 -1.35
N HIS E 32 21.54 8.93 -1.78
CA HIS E 32 20.53 7.95 -1.45
C HIS E 32 21.13 6.57 -1.67
N PRO E 33 20.91 5.62 -0.74
CA PRO E 33 20.03 5.61 0.44
C PRO E 33 20.56 6.48 1.58
N PRO E 34 19.74 6.70 2.62
CA PRO E 34 20.18 7.58 3.72
C PRO E 34 21.30 7.00 4.57
N HIS E 35 21.53 5.69 4.55
CA HIS E 35 22.61 5.12 5.37
C HIS E 35 23.96 5.56 4.82
N ILE E 36 24.75 6.22 5.66
CA ILE E 36 26.03 6.80 5.26
C ILE E 36 26.93 6.84 6.49
N GLU E 37 28.23 6.69 6.27
CA GLU E 37 29.20 6.76 7.35
C GLU E 37 30.23 7.83 7.03
N ILE E 38 30.48 8.72 8.00
CA ILE E 38 31.28 9.92 7.81
C ILE E 38 32.33 9.99 8.92
N GLN E 39 33.59 10.15 8.52
CA GLN E 39 34.68 10.37 9.45
C GLN E 39 35.38 11.68 9.11
N MET E 40 35.72 12.45 10.14
CA MET E 40 36.59 13.60 9.96
C MET E 40 37.97 13.26 10.52
N LEU E 41 39.01 13.63 9.76
CA LEU E 41 40.37 13.18 10.02
C LEU E 41 41.29 14.36 10.24
N LYS E 42 42.27 14.15 11.13
CA LYS E 42 43.31 15.13 11.42
C LYS E 42 44.65 14.40 11.31
N ASN E 43 45.43 14.77 10.29
CA ASN E 43 46.70 14.11 10.00
C ASN E 43 46.49 12.59 9.82
N GLY E 44 45.36 12.23 9.22
CA GLY E 44 45.05 10.85 8.94
C GLY E 44 44.32 10.11 10.05
N LYS E 45 44.24 10.66 11.25
CA LYS E 45 43.64 9.98 12.38
C LYS E 45 42.19 10.41 12.55
N LYS E 46 41.35 9.46 12.98
CA LYS E 46 39.95 9.77 13.23
C LYS E 46 39.82 10.74 14.40
N ILE E 47 39.08 11.81 14.18
CA ILE E 47 38.75 12.77 15.23
C ILE E 47 37.60 12.17 16.02
N PRO E 48 37.74 11.99 17.33
CA PRO E 48 36.72 11.24 18.08
C PRO E 48 35.39 11.97 18.21
N LYS E 49 35.39 13.23 18.67
CA LYS E 49 34.14 13.96 18.87
C LYS E 49 33.80 14.75 17.60
N VAL E 50 33.10 14.11 16.68
CA VAL E 50 32.57 14.76 15.49
C VAL E 50 31.05 14.72 15.59
N GLU E 51 30.44 15.90 15.68
CA GLU E 51 29.02 16.01 15.90
C GLU E 51 28.26 16.08 14.58
N MET E 52 27.15 15.34 14.51
CA MET E 52 26.26 15.36 13.37
C MET E 52 25.15 16.39 13.61
N SER E 53 24.69 17.01 12.52
CA SER E 53 23.65 18.01 12.61
C SER E 53 23.01 18.22 11.24
N ASP E 54 21.69 18.40 11.23
CA ASP E 54 20.97 18.73 10.00
C ASP E 54 20.76 17.52 9.11
N MET E 55 20.52 16.35 9.71
CA MET E 55 20.12 15.18 8.95
C MET E 55 18.74 15.42 8.35
N SER E 56 18.66 15.54 7.03
CA SER E 56 17.39 15.85 6.40
C SER E 56 17.50 15.54 4.90
N PHE E 57 16.63 16.16 4.11
CA PHE E 57 16.55 15.87 2.69
C PHE E 57 15.90 17.04 1.98
N SER E 58 16.07 17.07 0.67
CA SER E 58 15.66 18.20 -0.15
C SER E 58 14.35 17.88 -0.86
N LYS E 59 13.88 18.82 -1.68
CA LYS E 59 12.61 18.62 -2.36
C LYS E 59 12.68 17.55 -3.45
N ASP E 60 13.87 17.24 -3.96
CA ASP E 60 14.04 16.11 -4.87
C ASP E 60 14.19 14.78 -4.13
N TRP E 61 13.92 14.78 -2.82
CA TRP E 61 13.96 13.63 -1.90
C TRP E 61 15.37 13.18 -1.53
N SER E 62 16.43 13.75 -2.11
CA SER E 62 17.77 13.28 -1.78
C SER E 62 18.22 13.82 -0.43
N PHE E 63 18.98 13.02 0.29
CA PHE E 63 19.34 13.32 1.66
C PHE E 63 20.59 14.20 1.73
N TYR E 64 20.70 14.95 2.83
CA TYR E 64 21.91 15.70 3.11
C TYR E 64 22.16 15.71 4.62
N ILE E 65 23.44 15.80 4.98
CA ILE E 65 23.87 15.84 6.36
C ILE E 65 25.10 16.74 6.45
N LEU E 66 25.32 17.29 7.63
CA LEU E 66 26.37 18.28 7.87
C LEU E 66 27.13 17.85 9.11
N ALA E 67 28.35 17.36 8.92
CA ALA E 67 29.20 16.97 10.03
C ALA E 67 30.16 18.11 10.36
N HIS E 68 30.57 18.17 11.61
CA HIS E 68 31.39 19.30 12.05
C HIS E 68 32.11 18.95 13.33
N THR E 69 33.33 19.47 13.45
CA THR E 69 34.11 19.33 14.67
C THR E 69 34.78 20.67 14.95
N GLU E 70 35.13 20.88 16.21
CA GLU E 70 35.96 22.03 16.55
C GLU E 70 37.41 21.74 16.20
N PHE E 71 38.14 22.80 15.87
CA PHE E 71 39.57 22.65 15.57
C PHE E 71 40.20 24.04 15.57
N THR E 72 41.52 24.04 15.70
CA THR E 72 42.31 25.27 15.62
C THR E 72 43.39 25.10 14.56
N PRO E 73 43.30 25.82 13.45
CA PRO E 73 44.22 25.58 12.33
C PRO E 73 45.66 25.94 12.70
N THR E 74 46.58 25.03 12.39
CA THR E 74 48.00 25.31 12.42
C THR E 74 48.53 25.25 10.98
N GLU E 75 49.79 25.65 10.82
CA GLU E 75 50.38 25.64 9.49
C GLU E 75 50.74 24.23 9.02
N THR E 76 50.75 23.24 9.91
CA THR E 76 51.18 21.89 9.55
C THR E 76 50.08 20.84 9.60
N ASP E 77 48.99 21.09 10.32
CA ASP E 77 47.93 20.10 10.48
C ASP E 77 47.06 20.04 9.23
N THR E 78 46.82 18.82 8.74
CA THR E 78 45.89 18.59 7.64
C THR E 78 44.58 18.00 8.18
N TYR E 79 43.48 18.31 7.50
CA TYR E 79 42.18 17.79 7.87
C TYR E 79 41.47 17.26 6.64
N ALA E 80 40.74 16.16 6.81
CA ALA E 80 40.01 15.57 5.70
C ALA E 80 38.68 15.04 6.22
N CYS E 81 37.81 14.69 5.27
CA CYS E 81 36.54 14.09 5.59
C CYS E 81 36.36 12.86 4.72
N ARG E 82 36.23 11.70 5.34
CA ARG E 82 36.13 10.44 4.64
C ARG E 82 34.69 9.96 4.69
N VAL E 83 34.09 9.76 3.52
CA VAL E 83 32.71 9.32 3.39
C VAL E 83 32.69 7.97 2.69
N LYS E 84 31.88 7.05 3.21
CA LYS E 84 31.59 5.80 2.52
C LYS E 84 30.09 5.60 2.42
N HIS E 85 29.65 5.17 1.24
CA HIS E 85 28.24 5.11 0.90
C HIS E 85 28.07 4.00 -0.14
N ALA E 86 26.88 3.37 -0.11
CA ALA E 86 26.63 2.25 -1.02
C ALA E 86 26.74 2.65 -2.49
N SER E 87 26.64 3.94 -2.80
CA SER E 87 26.72 4.37 -4.18
C SER E 87 28.13 4.32 -4.74
N MET E 88 29.13 4.14 -3.90
CA MET E 88 30.52 4.17 -4.32
C MET E 88 31.20 2.90 -3.84
N ALA E 89 32.09 2.36 -4.69
CA ALA E 89 32.83 1.16 -4.30
C ALA E 89 33.88 1.45 -3.24
N GLU E 90 34.42 2.66 -3.25
CA GLU E 90 35.52 3.12 -2.43
C GLU E 90 35.06 4.17 -1.43
N PRO E 91 35.67 4.23 -0.25
CA PRO E 91 35.45 5.40 0.63
C PRO E 91 36.11 6.63 0.03
N LYS E 92 35.31 7.66 -0.19
CA LYS E 92 35.80 8.91 -0.77
C LYS E 92 36.39 9.79 0.34
N THR E 93 37.59 10.31 0.12
CA THR E 93 38.24 11.20 1.06
C THR E 93 38.46 12.54 0.38
N VAL E 94 37.96 13.61 1.00
CA VAL E 94 38.13 14.97 0.51
C VAL E 94 38.90 15.74 1.57
N TYR E 95 40.01 16.35 1.16
CA TYR E 95 40.87 17.07 2.09
C TYR E 95 40.44 18.52 2.19
N TRP E 96 40.67 19.09 3.35
CA TRP E 96 40.42 20.50 3.55
C TRP E 96 41.51 21.32 2.88
N ASP E 97 41.10 22.27 2.05
CA ASP E 97 42.00 23.21 1.40
C ASP E 97 41.71 24.60 1.96
N ARG E 98 42.63 25.10 2.81
CA ARG E 98 42.42 26.39 3.45
C ARG E 98 42.57 27.54 2.46
N ASP E 99 43.52 27.42 1.52
CA ASP E 99 43.79 28.42 0.47
C ASP E 99 42.68 28.49 -0.58
N MET E 100 41.62 27.73 -0.33
CA MET E 100 40.40 27.69 -1.13
C MET E 100 40.06 28.99 -1.86
N ILE F 1 2.97 24.25 13.97
CA ILE F 1 2.52 22.91 14.31
C ILE F 1 2.62 22.02 13.05
N GLY F 2 3.00 20.77 13.23
CA GLY F 2 3.23 19.86 12.12
C GLY F 2 2.05 18.97 11.80
N PRO F 3 2.14 18.25 10.67
CA PRO F 3 1.01 17.45 10.20
C PRO F 3 0.91 16.09 10.89
N GLY F 4 -0.33 15.62 10.99
CA GLY F 4 -0.63 14.29 11.48
C GLY F 4 -1.07 13.43 10.32
N ARG F 5 -0.67 12.16 10.35
CA ARG F 5 -0.94 11.27 9.23
C ARG F 5 -2.43 11.03 8.99
N ALA F 6 -3.09 10.23 9.83
CA ALA F 6 -4.52 9.93 9.76
C ALA F 6 -4.95 8.94 8.68
N PHE F 7 -4.17 8.75 7.62
CA PHE F 7 -4.56 7.83 6.55
C PHE F 7 -3.38 6.93 6.19
N TYR F 8 -3.58 5.63 6.18
CA TYR F 8 -2.53 4.69 5.84
C TYR F 8 -2.33 4.49 4.34
N VAL F 9 -1.12 4.15 3.94
CA VAL F 9 -0.88 3.92 2.52
C VAL F 9 -1.48 2.58 2.12
N SER G 1 -20.80 -26.26 17.90
CA SER G 1 -22.26 -26.24 17.79
C SER G 1 -22.71 -26.83 16.46
N HIS G 2 -24.02 -27.00 16.31
CA HIS G 2 -24.61 -27.50 15.08
C HIS G 2 -25.85 -26.68 14.76
N SER G 3 -26.22 -26.68 13.48
CA SER G 3 -27.33 -25.85 13.04
C SER G 3 -28.13 -26.56 11.98
N LEU G 4 -29.43 -26.28 11.98
CA LEU G 4 -30.33 -26.66 10.89
C LEU G 4 -30.93 -25.37 10.35
N ARG G 5 -30.68 -25.09 9.06
CA ARG G 5 -31.20 -23.89 8.43
C ARG G 5 -31.84 -24.24 7.09
N TYR G 6 -32.76 -23.38 6.68
CA TYR G 6 -33.43 -23.50 5.39
C TYR G 6 -33.35 -22.16 4.67
N PHE G 7 -32.84 -22.19 3.44
CA PHE G 7 -32.68 -20.99 2.62
C PHE G 7 -33.68 -21.06 1.48
N VAL G 8 -34.50 -20.03 1.33
CA VAL G 8 -35.62 -20.05 0.41
C VAL G 8 -35.60 -18.80 -0.46
N THR G 9 -35.78 -18.98 -1.76
CA THR G 9 -35.82 -17.88 -2.72
C THR G 9 -37.04 -18.04 -3.59
N ALA G 10 -37.76 -16.95 -3.79
CA ALA G 10 -38.78 -16.84 -4.82
C ALA G 10 -38.40 -15.67 -5.71
N VAL G 11 -38.24 -15.94 -7.01
CA VAL G 11 -37.84 -14.93 -7.98
C VAL G 11 -38.97 -14.80 -8.99
N SER G 12 -39.59 -13.63 -9.05
CA SER G 12 -40.61 -13.41 -10.06
C SER G 12 -39.94 -13.21 -11.41
N ARG G 13 -40.66 -13.60 -12.46
CA ARG G 13 -40.13 -13.53 -13.82
C ARG G 13 -41.29 -13.21 -14.75
N PRO G 14 -41.79 -11.97 -14.71
CA PRO G 14 -42.95 -11.59 -15.54
C PRO G 14 -42.79 -12.00 -16.99
N GLY G 15 -43.65 -12.90 -17.45
CA GLY G 15 -43.61 -13.41 -18.80
C GLY G 15 -43.21 -14.86 -18.93
N PHE G 16 -42.68 -15.47 -17.88
CA PHE G 16 -42.17 -16.83 -17.92
C PHE G 16 -42.80 -17.66 -16.81
N GLY G 17 -44.10 -17.48 -16.60
CA GLY G 17 -44.84 -18.30 -15.65
C GLY G 17 -44.73 -17.77 -14.23
N GLU G 18 -45.07 -18.65 -13.30
CA GLU G 18 -45.05 -18.31 -11.89
C GLU G 18 -43.61 -18.16 -11.43
N PRO G 19 -43.39 -17.40 -10.35
CA PRO G 19 -42.02 -17.22 -9.84
C PRO G 19 -41.32 -18.55 -9.59
N ARG G 20 -40.04 -18.57 -9.91
CA ARG G 20 -39.21 -19.71 -9.53
C ARG G 20 -39.12 -19.78 -8.02
N TYR G 21 -39.38 -20.96 -7.48
CA TYR G 21 -39.40 -21.18 -6.04
C TYR G 21 -38.37 -22.24 -5.70
N MET G 22 -37.46 -21.91 -4.79
CA MET G 22 -36.36 -22.78 -4.41
C MET G 22 -36.28 -22.87 -2.89
N GLU G 23 -36.06 -24.07 -2.37
CA GLU G 23 -35.82 -24.27 -0.96
C GLU G 23 -34.62 -25.19 -0.80
N VAL G 24 -33.69 -24.80 0.05
CA VAL G 24 -32.50 -25.61 0.32
C VAL G 24 -32.35 -25.74 1.82
N GLY G 25 -32.09 -26.94 2.29
CA GLY G 25 -31.83 -27.21 3.70
C GLY G 25 -30.36 -27.52 3.94
N TYR G 26 -29.85 -27.06 5.08
CA TYR G 26 -28.45 -27.28 5.43
C TYR G 26 -28.34 -27.77 6.86
N VAL G 27 -27.45 -28.73 7.08
CA VAL G 27 -27.01 -29.09 8.43
C VAL G 27 -25.55 -28.67 8.54
N ASP G 28 -25.23 -27.94 9.62
CA ASP G 28 -24.01 -27.16 9.73
C ASP G 28 -23.95 -26.18 8.55
N ASN G 29 -23.17 -26.51 7.53
CA ASN G 29 -23.23 -25.78 6.26
C ASN G 29 -23.29 -26.73 5.08
N THR G 30 -23.65 -27.99 5.33
CA THR G 30 -23.71 -29.00 4.28
C THR G 30 -25.15 -29.15 3.83
N GLU G 31 -25.39 -28.88 2.56
CA GLU G 31 -26.68 -29.12 1.93
C GLU G 31 -27.11 -30.57 2.12
N PHE G 32 -28.43 -30.80 2.22
CA PHE G 32 -28.88 -32.18 2.32
C PHE G 32 -30.27 -32.40 1.72
N VAL G 33 -31.09 -31.34 1.60
CA VAL G 33 -32.35 -31.42 0.87
C VAL G 33 -32.51 -30.17 0.01
N ARG G 34 -33.21 -30.32 -1.11
CA ARG G 34 -33.45 -29.20 -2.02
C ARG G 34 -34.75 -29.40 -2.79
N PHE G 35 -35.52 -28.31 -2.90
CA PHE G 35 -36.75 -28.26 -3.68
C PHE G 35 -36.59 -27.18 -4.73
N ASP G 36 -37.00 -27.48 -5.96
CA ASP G 36 -36.84 -26.55 -7.08
C ASP G 36 -38.11 -26.62 -7.91
N SER G 37 -38.81 -25.50 -8.02
CA SER G 37 -40.08 -25.50 -8.74
C SER G 37 -39.88 -25.81 -10.22
N ASP G 38 -38.75 -25.38 -10.79
CA ASP G 38 -38.49 -25.58 -12.21
C ASP G 38 -37.97 -26.98 -12.53
N ALA G 39 -37.85 -27.86 -11.53
CA ALA G 39 -37.54 -29.25 -11.82
C ALA G 39 -38.67 -29.87 -12.64
N GLU G 40 -38.32 -30.89 -13.42
CA GLU G 40 -39.30 -31.49 -14.32
C GLU G 40 -40.40 -32.24 -13.58
N ASN G 41 -40.19 -32.56 -12.30
CA ASN G 41 -41.29 -32.96 -11.42
C ASN G 41 -41.00 -32.42 -10.03
N PRO G 42 -41.51 -31.25 -9.71
CA PRO G 42 -41.06 -30.52 -8.50
C PRO G 42 -41.37 -31.28 -7.22
N ARG G 43 -40.32 -31.55 -6.45
CA ARG G 43 -40.45 -32.26 -5.19
C ARG G 43 -39.13 -32.15 -4.43
N TYR G 44 -39.21 -32.47 -3.14
CA TYR G 44 -38.03 -32.45 -2.28
C TYR G 44 -37.15 -33.65 -2.60
N GLU G 45 -35.95 -33.39 -3.11
CA GLU G 45 -35.05 -34.46 -3.46
C GLU G 45 -33.88 -34.52 -2.51
N PRO G 46 -33.34 -35.71 -2.23
CA PRO G 46 -32.18 -35.81 -1.35
C PRO G 46 -30.93 -35.24 -2.02
N ARG G 47 -30.08 -34.61 -1.20
CA ARG G 47 -28.85 -34.01 -1.67
C ARG G 47 -27.60 -34.58 -1.02
N ALA G 48 -27.74 -35.26 0.11
CA ALA G 48 -26.71 -36.09 0.72
C ALA G 48 -27.22 -37.53 0.78
N ARG G 49 -26.32 -38.45 1.11
CA ARG G 49 -26.69 -39.87 1.12
C ARG G 49 -27.43 -40.28 2.38
N TRP G 50 -27.23 -39.57 3.49
CA TRP G 50 -27.79 -40.02 4.76
C TRP G 50 -29.25 -39.63 4.96
N ILE G 51 -29.77 -38.67 4.18
CA ILE G 51 -31.20 -38.35 4.26
C ILE G 51 -32.02 -39.26 3.36
N GLU G 52 -31.39 -40.01 2.46
CA GLU G 52 -32.09 -41.00 1.64
C GLU G 52 -32.65 -42.14 2.48
N GLN G 53 -32.26 -42.20 3.76
CA GLN G 53 -32.80 -43.19 4.68
C GLN G 53 -34.29 -42.98 4.94
N GLU G 54 -34.75 -41.73 4.94
CA GLU G 54 -36.11 -41.42 5.36
C GLU G 54 -37.14 -42.04 4.42
N GLY G 55 -38.29 -42.43 4.99
CA GLY G 55 -39.33 -43.08 4.26
C GLY G 55 -40.04 -42.15 3.29
N PRO G 56 -40.92 -42.71 2.46
CA PRO G 56 -41.62 -41.86 1.47
C PRO G 56 -42.48 -40.78 2.09
N GLU G 57 -43.07 -41.01 3.26
CA GLU G 57 -43.93 -40.01 3.89
C GLU G 57 -43.14 -38.76 4.27
N TYR G 58 -41.86 -38.89 4.59
CA TYR G 58 -41.02 -37.73 4.83
C TYR G 58 -40.96 -36.83 3.61
N TRP G 59 -40.80 -37.44 2.43
CA TRP G 59 -40.62 -36.63 1.23
C TRP G 59 -41.93 -36.04 0.73
N GLU G 60 -43.02 -36.80 0.82
CA GLU G 60 -44.32 -36.24 0.46
C GLU G 60 -44.71 -35.10 1.40
N ARG G 61 -44.42 -35.24 2.69
CA ARG G 61 -44.76 -34.19 3.65
C ARG G 61 -43.98 -32.91 3.35
N GLU G 62 -42.67 -33.02 3.17
CA GLU G 62 -41.86 -31.83 2.89
C GLU G 62 -42.25 -31.20 1.57
N THR G 63 -42.56 -32.03 0.56
CA THR G 63 -43.01 -31.50 -0.73
C THR G 63 -44.30 -30.70 -0.57
N ARG G 64 -45.27 -31.22 0.18
CA ARG G 64 -46.50 -30.46 0.41
C ARG G 64 -46.20 -29.14 1.10
N ARG G 65 -45.38 -29.18 2.15
CA ARG G 65 -45.00 -27.95 2.83
C ARG G 65 -44.40 -26.95 1.86
N ALA G 66 -43.45 -27.41 1.03
CA ALA G 66 -42.78 -26.52 0.09
C ALA G 66 -43.79 -25.92 -0.89
N LYS G 67 -44.70 -26.73 -1.43
CA LYS G 67 -45.66 -26.23 -2.40
C LYS G 67 -46.64 -25.25 -1.79
N GLY G 68 -46.94 -25.40 -0.50
CA GLY G 68 -47.76 -24.40 0.18
C GLY G 68 -46.99 -23.13 0.47
N ASN G 69 -45.69 -23.26 0.78
CA ASN G 69 -44.88 -22.05 0.93
C ASN G 69 -44.77 -21.32 -0.40
N GLU G 70 -44.66 -22.05 -1.51
CA GLU G 70 -44.60 -21.39 -2.80
C GLU G 70 -45.82 -20.50 -3.00
N GLN G 71 -47.02 -21.02 -2.69
CA GLN G 71 -48.24 -20.23 -2.79
C GLN G 71 -48.17 -18.97 -1.94
N SER G 72 -47.66 -19.09 -0.71
CA SER G 72 -47.50 -17.91 0.14
C SER G 72 -46.56 -16.89 -0.50
N PHE G 73 -45.42 -17.35 -1.03
CA PHE G 73 -44.49 -16.41 -1.63
C PHE G 73 -45.08 -15.72 -2.85
N ARG G 74 -45.90 -16.42 -3.64
CA ARG G 74 -46.53 -15.75 -4.78
C ARG G 74 -47.41 -14.59 -4.30
N VAL G 75 -48.10 -14.75 -3.18
CA VAL G 75 -48.91 -13.66 -2.64
C VAL G 75 -47.99 -12.53 -2.15
N ASP G 76 -46.96 -12.88 -1.38
CA ASP G 76 -46.04 -11.87 -0.85
C ASP G 76 -45.37 -11.05 -1.97
N LEU G 77 -45.04 -11.69 -3.10
CA LEU G 77 -44.40 -10.91 -4.16
C LEU G 77 -45.33 -9.86 -4.71
N ARG G 78 -46.62 -10.19 -4.85
CA ARG G 78 -47.59 -9.20 -5.32
C ARG G 78 -47.79 -8.11 -4.28
N THR G 79 -47.92 -8.49 -3.01
CA THR G 79 -48.02 -7.52 -1.93
C THR G 79 -46.84 -6.54 -1.94
N ALA G 80 -45.62 -7.06 -2.17
CA ALA G 80 -44.43 -6.20 -2.12
C ALA G 80 -44.48 -5.13 -3.20
N LEU G 81 -44.90 -5.48 -4.41
CA LEU G 81 -45.05 -4.47 -5.46
C LEU G 81 -45.94 -3.32 -5.01
N ARG G 82 -47.01 -3.63 -4.27
CA ARG G 82 -47.92 -2.57 -3.82
C ARG G 82 -47.25 -1.69 -2.76
N TYR G 83 -46.56 -2.31 -1.81
CA TYR G 83 -45.90 -1.54 -0.75
C TYR G 83 -44.90 -0.55 -1.30
N TYR G 84 -44.15 -0.93 -2.32
CA TYR G 84 -43.09 -0.09 -2.85
C TYR G 84 -43.46 0.58 -4.17
N ASN G 85 -44.71 0.44 -4.59
CA ASN G 85 -45.20 1.10 -5.80
C ASN G 85 -44.29 0.81 -6.98
N GLN G 86 -44.07 -0.47 -7.24
CA GLN G 86 -43.23 -0.91 -8.35
C GLN G 86 -44.10 -1.44 -9.48
N SER G 87 -43.50 -1.52 -10.66
CA SER G 87 -44.18 -2.02 -11.84
C SER G 87 -44.22 -3.54 -11.84
N ALA G 88 -45.31 -4.09 -12.37
CA ALA G 88 -45.51 -5.53 -12.38
C ALA G 88 -44.72 -6.23 -13.50
N GLY G 89 -43.83 -5.53 -14.18
CA GLY G 89 -43.08 -6.15 -15.26
C GLY G 89 -41.66 -6.50 -14.88
N GLY G 90 -41.24 -6.11 -13.68
CA GLY G 90 -39.87 -6.33 -13.25
C GLY G 90 -39.69 -7.62 -12.46
N SER G 91 -38.49 -8.20 -12.56
CA SER G 91 -38.14 -9.33 -11.73
C SER G 91 -37.82 -8.83 -10.32
N HIS G 92 -38.24 -9.61 -9.33
CA HIS G 92 -38.03 -9.25 -7.94
C HIS G 92 -37.81 -10.53 -7.16
N THR G 93 -37.10 -10.42 -6.05
CA THR G 93 -36.71 -11.58 -5.29
C THR G 93 -37.17 -11.44 -3.84
N LEU G 94 -37.65 -12.54 -3.29
CA LEU G 94 -37.96 -12.64 -1.88
C LEU G 94 -37.15 -13.79 -1.31
N GLN G 95 -36.32 -13.51 -0.32
CA GLN G 95 -35.51 -14.54 0.32
C GLN G 95 -35.95 -14.71 1.76
N TRP G 96 -35.77 -15.92 2.26
CA TRP G 96 -36.25 -16.31 3.57
C TRP G 96 -35.21 -17.22 4.20
N MET G 97 -34.93 -16.98 5.48
CA MET G 97 -33.90 -17.72 6.20
C MET G 97 -34.49 -18.07 7.56
N ALA G 98 -34.70 -19.36 7.81
CA ALA G 98 -35.28 -19.83 9.05
C ALA G 98 -34.49 -21.04 9.51
N GLY G 99 -34.25 -21.11 10.82
CA GLY G 99 -33.45 -22.20 11.35
C GLY G 99 -33.12 -21.99 12.81
N CYS G 100 -32.30 -22.92 13.34
CA CYS G 100 -31.99 -22.96 14.76
C CYS G 100 -30.53 -23.35 14.96
N ASP G 101 -29.86 -22.61 15.85
CA ASP G 101 -28.50 -22.93 16.30
C ASP G 101 -28.61 -23.56 17.68
N VAL G 102 -28.03 -24.74 17.85
CA VAL G 102 -28.02 -25.40 19.15
C VAL G 102 -26.60 -25.87 19.46
N GLU G 103 -26.14 -25.57 20.66
CA GLU G 103 -24.87 -26.11 21.14
C GLU G 103 -25.15 -27.44 21.81
N SER G 104 -24.33 -28.43 21.50
CA SER G 104 -24.57 -29.79 21.98
C SER G 104 -24.64 -29.81 23.50
N ASP G 105 -25.72 -30.41 24.00
CA ASP G 105 -26.38 -30.13 25.26
C ASP G 105 -27.86 -30.17 24.91
N GLY G 106 -28.16 -29.90 23.64
CA GLY G 106 -29.47 -30.08 23.07
C GLY G 106 -30.40 -28.91 23.16
N ARG G 107 -29.92 -27.73 23.53
CA ARG G 107 -30.80 -26.60 23.77
C ARG G 107 -30.46 -25.43 22.86
N LEU G 108 -31.47 -24.58 22.63
CA LEU G 108 -31.39 -23.53 21.64
C LEU G 108 -30.35 -22.49 22.03
N LEU G 109 -29.45 -22.20 21.08
CA LEU G 109 -28.52 -21.09 21.18
C LEU G 109 -29.13 -19.83 20.59
N ARG G 110 -29.65 -19.92 19.38
CA ARG G 110 -30.30 -18.81 18.70
C ARG G 110 -31.24 -19.37 17.64
N GLY G 111 -32.42 -18.77 17.53
CA GLY G 111 -33.36 -19.09 16.48
C GLY G 111 -33.32 -18.03 15.40
N TYR G 112 -33.65 -18.42 14.18
CA TYR G 112 -33.55 -17.54 13.02
C TYR G 112 -34.85 -17.55 12.23
N TRP G 113 -35.30 -16.37 11.84
CA TRP G 113 -36.47 -16.23 10.99
C TRP G 113 -36.49 -14.82 10.37
N GLN G 114 -35.87 -14.66 9.21
CA GLN G 114 -35.68 -13.32 8.65
C GLN G 114 -35.93 -13.33 7.15
N PHE G 115 -36.18 -12.15 6.62
CA PHE G 115 -36.56 -11.99 5.23
C PHE G 115 -35.78 -10.86 4.58
N ALA G 116 -35.65 -10.98 3.27
CA ALA G 116 -35.03 -9.95 2.44
C ALA G 116 -35.87 -9.75 1.20
N TYR G 117 -36.04 -8.49 0.81
CA TYR G 117 -36.69 -8.14 -0.45
C TYR G 117 -35.66 -7.46 -1.34
N ASP G 118 -35.50 -7.99 -2.56
CA ASP G 118 -34.51 -7.48 -3.54
C ASP G 118 -33.14 -7.29 -2.89
N GLY G 119 -32.71 -8.30 -2.14
CA GLY G 119 -31.40 -8.31 -1.52
C GLY G 119 -31.24 -7.47 -0.27
N CYS G 120 -32.27 -6.77 0.19
CA CYS G 120 -32.16 -5.90 1.35
C CYS G 120 -33.01 -6.45 2.48
N ASP G 121 -32.49 -6.33 3.71
CA ASP G 121 -33.20 -6.83 4.88
C ASP G 121 -34.61 -6.28 4.92
N TYR G 122 -35.58 -7.16 5.10
CA TYR G 122 -36.97 -6.72 5.19
C TYR G 122 -37.44 -6.76 6.65
N ILE G 123 -37.68 -7.95 7.18
CA ILE G 123 -38.09 -8.11 8.57
C ILE G 123 -37.31 -9.29 9.16
N ALA G 124 -36.98 -9.18 10.46
CA ALA G 124 -36.25 -10.22 11.15
C ALA G 124 -36.81 -10.44 12.54
N LEU G 125 -36.80 -11.71 12.97
CA LEU G 125 -37.10 -12.09 14.33
C LEU G 125 -35.88 -11.86 15.23
N ASN G 126 -36.03 -11.05 16.26
CA ASN G 126 -34.92 -10.75 17.14
C ASN G 126 -34.54 -11.98 17.97
N GLU G 127 -33.38 -11.89 18.63
CA GLU G 127 -32.87 -13.03 19.38
C GLU G 127 -33.81 -13.48 20.48
N ASP G 128 -34.64 -12.57 21.00
CA ASP G 128 -35.57 -12.96 22.05
C ASP G 128 -36.74 -13.79 21.52
N LEU G 129 -36.85 -13.92 20.20
CA LEU G 129 -37.92 -14.68 19.54
C LEU G 129 -39.30 -14.16 19.92
N LYS G 130 -39.38 -12.89 20.32
CA LYS G 130 -40.64 -12.26 20.68
C LYS G 130 -40.93 -11.00 19.89
N THR G 131 -39.91 -10.27 19.45
CA THR G 131 -40.08 -9.00 18.76
C THR G 131 -39.44 -9.07 17.37
N TRP G 132 -39.86 -8.13 16.52
CA TRP G 132 -39.45 -8.08 15.12
C TRP G 132 -38.70 -6.78 14.82
N THR G 133 -37.59 -6.89 14.09
CA THR G 133 -36.88 -5.74 13.56
C THR G 133 -37.37 -5.47 12.14
N ALA G 134 -37.86 -4.26 11.90
CA ALA G 134 -38.37 -3.88 10.59
C ALA G 134 -37.47 -2.81 9.99
N ALA G 135 -36.99 -3.08 8.78
CA ALA G 135 -36.09 -2.13 8.13
C ALA G 135 -36.81 -0.82 7.82
N ASP G 136 -37.86 -0.87 7.00
CA ASP G 136 -38.48 0.35 6.49
C ASP G 136 -39.99 0.37 6.79
N MET G 137 -40.66 1.35 6.19
CA MET G 137 -42.07 1.56 6.49
C MET G 137 -42.93 0.41 5.99
N ALA G 138 -42.58 -0.18 4.85
CA ALA G 138 -43.30 -1.36 4.39
C ALA G 138 -43.16 -2.52 5.38
N ALA G 139 -41.93 -2.78 5.82
CA ALA G 139 -41.74 -3.85 6.78
C ALA G 139 -42.44 -3.57 8.11
N GLN G 140 -42.72 -2.29 8.41
CA GLN G 140 -43.42 -1.97 9.64
C GLN G 140 -44.90 -2.27 9.53
N ILE G 141 -45.47 -2.13 8.32
CA ILE G 141 -46.81 -2.63 8.07
C ILE G 141 -46.89 -4.11 8.40
N THR G 142 -45.91 -4.88 7.91
CA THR G 142 -45.89 -6.32 8.15
C THR G 142 -45.75 -6.63 9.63
N ARG G 143 -44.82 -5.94 10.30
CA ARG G 143 -44.62 -6.19 11.72
C ARG G 143 -45.90 -5.92 12.50
N ARG G 144 -46.63 -4.87 12.13
CA ARG G 144 -47.90 -4.58 12.78
C ARG G 144 -48.89 -5.71 12.55
N LYS G 145 -48.92 -6.25 11.32
CA LYS G 145 -49.83 -7.37 11.05
C LYS G 145 -49.42 -8.62 11.82
N TRP G 146 -48.13 -8.83 12.03
CA TRP G 146 -47.67 -10.04 12.68
C TRP G 146 -47.72 -9.95 14.19
N GLU G 147 -47.68 -8.75 14.75
CA GLU G 147 -47.87 -8.62 16.18
C GLU G 147 -49.30 -9.01 16.56
N GLN G 148 -50.28 -8.58 15.77
CA GLN G 148 -51.67 -8.93 16.02
C GLN G 148 -51.91 -10.41 15.79
N ALA G 149 -51.40 -10.96 14.69
CA ALA G 149 -51.60 -12.38 14.40
C ALA G 149 -50.83 -13.28 15.35
N GLY G 150 -50.02 -12.72 16.26
CA GLY G 150 -49.19 -13.52 17.13
C GLY G 150 -48.20 -14.38 16.39
N ALA G 151 -47.65 -13.88 15.28
CA ALA G 151 -46.77 -14.69 14.46
C ALA G 151 -45.52 -15.12 15.22
N ALA G 152 -44.95 -14.21 16.02
CA ALA G 152 -43.74 -14.53 16.76
C ALA G 152 -43.92 -15.78 17.61
N GLU G 153 -45.09 -15.94 18.26
CA GLU G 153 -45.30 -17.10 19.10
C GLU G 153 -45.45 -18.38 18.28
N ARG G 154 -46.08 -18.29 17.11
CA ARG G 154 -46.28 -19.50 16.30
C ARG G 154 -44.98 -19.98 15.68
N ASP G 155 -44.23 -19.07 15.07
CA ASP G 155 -42.95 -19.46 14.50
C ASP G 155 -41.95 -19.89 15.59
N ARG G 156 -42.04 -19.25 16.77
CA ARG G 156 -41.19 -19.65 17.89
CA ARG G 156 -41.19 -19.65 17.90
C ARG G 156 -41.33 -21.14 18.19
N ALA G 157 -42.55 -21.67 18.10
CA ALA G 157 -42.77 -23.08 18.41
C ALA G 157 -41.99 -23.98 17.46
N TYR G 158 -41.84 -23.58 16.21
CA TYR G 158 -41.05 -24.36 15.27
C TYR G 158 -39.57 -24.30 15.64
N LEU G 159 -39.04 -23.09 15.84
CA LEU G 159 -37.63 -22.93 16.17
C LEU G 159 -37.27 -23.62 17.48
N GLU G 160 -38.15 -23.50 18.48
CA GLU G 160 -37.88 -24.12 19.78
C GLU G 160 -38.24 -25.59 19.82
N GLY G 161 -39.12 -26.05 18.94
CA GLY G 161 -39.61 -27.41 19.01
C GLY G 161 -39.10 -28.32 17.91
N GLU G 162 -39.79 -28.33 16.76
CA GLU G 162 -39.49 -29.31 15.74
C GLU G 162 -38.12 -29.09 15.10
N CYS G 163 -37.66 -27.84 15.01
CA CYS G 163 -36.34 -27.57 14.45
C CYS G 163 -35.25 -28.30 15.23
N VAL G 164 -35.33 -28.26 16.56
CA VAL G 164 -34.31 -28.89 17.38
C VAL G 164 -34.41 -30.41 17.31
N GLU G 165 -35.64 -30.94 17.39
CA GLU G 165 -35.81 -32.40 17.36
C GLU G 165 -35.25 -33.00 16.08
N TRP G 166 -35.55 -32.39 14.93
CA TRP G 166 -35.18 -32.99 13.66
C TRP G 166 -33.70 -32.83 13.35
N LEU G 167 -33.08 -31.73 13.78
CA LEU G 167 -31.63 -31.62 13.67
C LEU G 167 -30.95 -32.72 14.48
N ARG G 168 -31.48 -33.01 15.66
CA ARG G 168 -30.94 -34.10 16.48
C ARG G 168 -30.99 -35.43 15.74
N ARG G 169 -32.10 -35.69 15.05
CA ARG G 169 -32.18 -36.92 14.27
C ARG G 169 -31.26 -36.88 13.07
N TYR G 170 -31.20 -35.71 12.40
CA TYR G 170 -30.38 -35.59 11.20
C TYR G 170 -28.90 -35.83 11.51
N LEU G 171 -28.44 -35.34 12.67
CA LEU G 171 -27.05 -35.54 13.06
C LEU G 171 -26.73 -37.01 13.24
N LYS G 172 -27.64 -37.76 13.87
CA LYS G 172 -27.39 -39.18 14.09
C LYS G 172 -27.36 -39.94 12.77
N ASN G 173 -28.39 -39.76 11.94
CA ASN G 173 -28.45 -40.50 10.68
C ASN G 173 -27.29 -40.14 9.75
N GLY G 174 -26.72 -38.94 9.90
CA GLY G 174 -25.68 -38.51 8.99
C GLY G 174 -24.32 -38.40 9.64
N ASN G 175 -24.17 -39.06 10.79
CA ASN G 175 -22.96 -38.88 11.59
C ASN G 175 -21.70 -39.25 10.80
N ALA G 176 -21.78 -40.29 9.98
CA ALA G 176 -20.58 -40.75 9.27
C ALA G 176 -20.08 -39.74 8.23
N THR G 177 -21.00 -39.01 7.59
CA THR G 177 -20.60 -38.07 6.54
C THR G 177 -20.50 -36.64 7.03
N LEU G 178 -21.34 -36.24 7.99
CA LEU G 178 -21.35 -34.85 8.46
C LEU G 178 -20.15 -34.55 9.36
N LEU G 179 -19.77 -35.49 10.22
CA LEU G 179 -18.68 -35.29 11.16
C LEU G 179 -17.37 -35.96 10.71
N ARG G 180 -17.29 -36.38 9.45
CA ARG G 180 -16.02 -36.87 8.92
C ARG G 180 -14.99 -35.74 8.90
N THR G 181 -13.71 -36.14 8.87
CA THR G 181 -12.63 -35.20 8.64
C THR G 181 -11.73 -35.76 7.54
N ASP G 182 -11.53 -34.97 6.48
CA ASP G 182 -10.51 -35.27 5.50
C ASP G 182 -9.33 -34.34 5.74
N PRO G 183 -8.13 -34.86 5.95
CA PRO G 183 -6.99 -34.00 6.27
C PRO G 183 -6.52 -33.26 5.05
N PRO G 184 -5.87 -32.11 5.23
CA PRO G 184 -5.28 -31.40 4.10
C PRO G 184 -4.06 -32.12 3.56
N LYS G 185 -3.90 -32.07 2.23
CA LYS G 185 -2.64 -32.38 1.58
C LYS G 185 -1.96 -31.06 1.26
N ALA G 186 -0.70 -30.93 1.66
CA ALA G 186 -0.02 -29.63 1.60
C ALA G 186 1.27 -29.73 0.80
N HIS G 187 1.59 -28.66 0.09
CA HIS G 187 2.86 -28.55 -0.60
C HIS G 187 3.23 -27.08 -0.71
N VAL G 188 4.49 -26.83 -1.05
CA VAL G 188 5.03 -25.48 -1.14
C VAL G 188 5.58 -25.28 -2.55
N THR G 189 5.14 -24.22 -3.21
CA THR G 189 5.71 -23.78 -4.47
C THR G 189 6.49 -22.49 -4.25
N HIS G 190 7.43 -22.21 -5.16
CA HIS G 190 8.15 -20.94 -5.14
C HIS G 190 7.96 -20.22 -6.48
N HIS G 191 8.13 -18.90 -6.44
CA HIS G 191 7.81 -18.06 -7.60
C HIS G 191 8.81 -16.93 -7.67
N ARG G 192 9.30 -16.68 -8.88
CA ARG G 192 10.44 -15.79 -9.09
C ARG G 192 10.07 -14.37 -8.74
N ARG G 193 11.05 -13.65 -8.19
CA ARG G 193 10.99 -12.26 -7.82
C ARG G 193 12.34 -11.64 -8.13
N PRO G 194 12.39 -10.34 -8.42
CA PRO G 194 13.67 -9.67 -8.65
C PRO G 194 14.39 -9.33 -7.35
N GLU G 195 15.64 -8.88 -7.51
CA GLU G 195 16.44 -8.31 -6.43
C GLU G 195 16.87 -9.33 -5.40
N GLY G 196 16.95 -10.61 -5.75
CA GLY G 196 17.28 -11.62 -4.77
C GLY G 196 16.16 -12.03 -3.83
N ASP G 197 14.90 -11.88 -4.22
CA ASP G 197 13.76 -12.34 -3.43
C ASP G 197 13.10 -13.54 -4.09
N VAL G 198 12.19 -14.18 -3.37
CA VAL G 198 11.38 -15.26 -3.93
C VAL G 198 10.08 -15.37 -3.13
N THR G 199 8.99 -15.69 -3.82
CA THR G 199 7.72 -15.93 -3.15
C THR G 199 7.58 -17.41 -2.82
N LEU G 200 7.28 -17.69 -1.55
CA LEU G 200 6.96 -19.04 -1.09
C LEU G 200 5.46 -19.12 -0.84
N ARG G 201 4.78 -20.04 -1.51
CA ARG G 201 3.34 -20.22 -1.37
C ARG G 201 3.07 -21.61 -0.83
N CYS G 202 2.33 -21.68 0.28
CA CYS G 202 1.96 -22.94 0.92
C CYS G 202 0.51 -23.25 0.58
N TRP G 203 0.27 -24.44 0.04
CA TRP G 203 -1.08 -24.82 -0.37
C TRP G 203 -1.63 -25.93 0.51
N ALA G 204 -2.94 -25.92 0.74
CA ALA G 204 -3.62 -27.02 1.39
C ALA G 204 -4.88 -27.33 0.61
N LEU G 205 -5.07 -28.59 0.23
CA LEU G 205 -6.16 -29.00 -0.66
C LEU G 205 -6.85 -30.25 -0.14
N GLY G 206 -8.11 -30.42 -0.55
CA GLY G 206 -8.86 -31.62 -0.19
C GLY G 206 -9.15 -31.81 1.28
N PHE G 207 -9.24 -30.74 2.06
CA PHE G 207 -9.54 -30.89 3.48
C PHE G 207 -11.02 -30.61 3.77
N TYR G 208 -11.53 -31.20 4.84
CA TYR G 208 -12.90 -30.99 5.31
C TYR G 208 -12.92 -31.24 6.80
N PRO G 209 -13.60 -30.36 7.57
CA PRO G 209 -14.36 -29.19 7.14
C PRO G 209 -13.52 -27.98 6.75
N ALA G 210 -14.19 -26.84 6.50
CA ALA G 210 -13.54 -25.68 5.90
C ALA G 210 -12.55 -25.02 6.84
N ASP G 211 -12.75 -25.17 8.15
CA ASP G 211 -11.90 -24.49 9.12
C ASP G 211 -10.47 -25.01 9.06
N ILE G 212 -9.52 -24.09 8.96
CA ILE G 212 -8.11 -24.44 8.84
C ILE G 212 -7.29 -23.24 9.28
N THR G 213 -6.10 -23.49 9.81
CA THR G 213 -5.15 -22.44 10.18
C THR G 213 -3.86 -22.62 9.38
N LEU G 214 -3.58 -21.66 8.51
CA LEU G 214 -2.45 -21.72 7.58
C LEU G 214 -1.54 -20.53 7.86
N THR G 215 -0.35 -20.79 8.42
CA THR G 215 0.54 -19.71 8.80
C THR G 215 1.97 -20.00 8.37
N TRP G 216 2.72 -18.93 8.11
CA TRP G 216 4.16 -19.02 7.90
C TRP G 216 4.88 -18.57 9.16
N GLN G 217 5.97 -19.26 9.50
CA GLN G 217 6.77 -18.89 10.65
C GLN G 217 8.22 -18.77 10.23
N LEU G 218 8.92 -17.84 10.86
CA LEU G 218 10.33 -17.66 10.57
C LEU G 218 11.14 -18.38 11.65
N ASN G 219 11.57 -17.66 12.68
CA ASN G 219 12.34 -18.28 13.75
C ASN G 219 11.50 -18.31 15.00
N GLY G 220 10.37 -19.01 14.94
CA GLY G 220 9.44 -19.14 16.04
C GLY G 220 8.26 -18.21 16.00
N GLU G 221 8.35 -17.11 15.25
CA GLU G 221 7.33 -16.08 15.23
C GLU G 221 6.50 -16.18 13.96
N GLU G 222 5.19 -15.98 14.10
CA GLU G 222 4.29 -16.02 12.96
C GLU G 222 4.41 -14.75 12.12
N LEU G 223 4.20 -14.90 10.83
CA LEU G 223 4.39 -13.81 9.87
C LEU G 223 3.05 -13.24 9.42
N THR G 224 2.17 -12.87 10.37
CA THR G 224 0.81 -12.51 10.00
C THR G 224 0.73 -11.18 9.29
N GLN G 225 1.59 -10.22 9.64
CA GLN G 225 1.61 -8.96 8.90
C GLN G 225 2.07 -9.17 7.46
N GLU G 226 3.14 -9.94 7.26
CA GLU G 226 3.71 -10.10 5.93
C GLU G 226 2.92 -11.05 5.05
N MET G 227 2.13 -11.94 5.64
CA MET G 227 1.56 -13.08 4.94
C MET G 227 0.46 -12.64 3.98
N GLU G 228 0.42 -13.26 2.81
CA GLU G 228 -0.66 -13.07 1.86
C GLU G 228 -1.57 -14.30 1.87
N LEU G 229 -2.85 -14.08 1.57
CA LEU G 229 -3.89 -15.05 1.86
C LEU G 229 -5.02 -14.95 0.84
N VAL G 230 -5.55 -16.09 0.41
CA VAL G 230 -6.80 -16.15 -0.34
C VAL G 230 -7.88 -16.71 0.57
N GLU G 231 -9.11 -16.26 0.34
CA GLU G 231 -10.23 -16.84 1.07
C GLU G 231 -10.31 -18.34 0.77
N THR G 232 -10.75 -19.11 1.76
CA THR G 232 -10.98 -20.52 1.54
C THR G 232 -12.03 -20.70 0.45
N ARG G 233 -11.86 -21.73 -0.37
CA ARG G 233 -12.73 -21.92 -1.52
C ARG G 233 -13.06 -23.40 -1.68
N PRO G 234 -14.22 -23.72 -2.28
CA PRO G 234 -14.70 -25.10 -2.28
C PRO G 234 -14.41 -25.86 -3.56
N ALA G 235 -14.52 -27.18 -3.48
CA ALA G 235 -14.48 -28.06 -4.63
C ALA G 235 -15.83 -28.74 -4.78
N GLY G 236 -16.04 -29.37 -5.94
CA GLY G 236 -17.24 -30.19 -6.12
C GLY G 236 -17.30 -31.33 -5.11
N ASP G 237 -16.13 -31.77 -4.62
CA ASP G 237 -16.01 -32.74 -3.54
C ASP G 237 -16.78 -32.35 -2.29
N GLY G 238 -17.03 -31.06 -2.08
CA GLY G 238 -17.35 -30.61 -0.75
C GLY G 238 -16.14 -30.41 0.15
N THR G 239 -14.94 -30.62 -0.38
CA THR G 239 -13.68 -30.30 0.28
C THR G 239 -13.25 -28.88 -0.07
N PHE G 240 -12.22 -28.40 0.60
CA PHE G 240 -11.85 -27.00 0.48
C PHE G 240 -10.37 -26.87 0.14
N GLN G 241 -9.97 -25.61 -0.07
CA GLN G 241 -8.69 -25.23 -0.63
C GLN G 241 -8.29 -23.89 -0.06
N LYS G 242 -6.99 -23.70 0.15
CA LYS G 242 -6.49 -22.44 0.67
C LYS G 242 -4.99 -22.37 0.43
N TRP G 243 -4.46 -21.16 0.34
CA TRP G 243 -3.01 -20.98 0.34
C TRP G 243 -2.62 -19.70 1.03
N ALA G 244 -1.38 -19.70 1.52
CA ALA G 244 -0.75 -18.58 2.20
C ALA G 244 0.65 -18.41 1.63
N SER G 245 1.07 -17.17 1.41
CA SER G 245 2.35 -16.92 0.77
C SER G 245 3.10 -15.81 1.49
N VAL G 246 4.43 -15.84 1.37
CA VAL G 246 5.32 -14.82 1.91
C VAL G 246 6.43 -14.56 0.91
N VAL G 247 7.06 -13.39 1.02
CA VAL G 247 8.20 -13.05 0.18
C VAL G 247 9.45 -13.12 1.04
N VAL G 248 10.48 -13.77 0.50
CA VAL G 248 11.63 -14.27 1.28
C VAL G 248 12.90 -14.05 0.49
N PRO G 249 14.02 -13.80 1.18
CA PRO G 249 15.30 -13.73 0.46
C PRO G 249 15.73 -15.11 -0.04
N LEU G 250 16.23 -15.14 -1.28
CA LEU G 250 16.90 -16.34 -1.78
C LEU G 250 18.10 -16.65 -0.92
N GLY G 251 18.22 -17.91 -0.51
CA GLY G 251 19.27 -18.30 0.41
C GLY G 251 18.85 -18.34 1.86
N LYS G 252 17.61 -17.97 2.17
CA LYS G 252 17.09 -18.08 3.53
C LYS G 252 15.76 -18.81 3.59
N GLU G 253 15.37 -19.48 2.49
CA GLU G 253 14.06 -20.13 2.44
C GLU G 253 13.92 -21.20 3.52
N GLN G 254 15.02 -21.87 3.88
CA GLN G 254 14.93 -22.97 4.82
C GLN G 254 14.64 -22.50 6.23
N LYS G 255 14.84 -21.22 6.52
CA LYS G 255 14.42 -20.65 7.79
C LYS G 255 12.90 -20.56 7.93
N TYR G 256 12.15 -20.66 6.82
CA TYR G 256 10.73 -20.38 6.82
C TYR G 256 9.92 -21.66 6.82
N THR G 257 8.93 -21.74 7.70
CA THR G 257 8.12 -22.93 7.87
C THR G 257 6.65 -22.60 7.65
N CYS G 258 5.97 -23.45 6.89
CA CYS G 258 4.53 -23.37 6.75
C CYS G 258 3.88 -24.30 7.77
N HIS G 259 2.93 -23.76 8.53
CA HIS G 259 2.21 -24.53 9.54
C HIS G 259 0.76 -24.67 9.12
N VAL G 260 0.25 -25.90 9.20
CA VAL G 260 -1.13 -26.22 8.84
C VAL G 260 -1.79 -26.88 10.03
N GLU G 261 -2.96 -26.40 10.41
CA GLU G 261 -3.71 -26.94 11.53
C GLU G 261 -5.14 -27.26 11.11
N HIS G 262 -5.58 -28.49 11.38
CA HIS G 262 -6.86 -28.97 10.91
C HIS G 262 -7.33 -30.13 11.76
N GLU G 263 -8.66 -30.27 11.88
CA GLU G 263 -9.22 -31.31 12.74
C GLU G 263 -8.78 -32.70 12.29
N GLY G 264 -8.70 -32.91 10.99
CA GLY G 264 -8.32 -34.22 10.47
C GLY G 264 -6.87 -34.58 10.62
N LEU G 265 -6.01 -33.67 11.11
CA LEU G 265 -4.61 -34.02 11.31
C LEU G 265 -4.38 -34.47 12.73
N PRO G 266 -3.78 -35.64 12.93
CA PRO G 266 -3.31 -35.99 14.28
C PRO G 266 -2.39 -34.91 14.82
N GLU G 267 -1.26 -34.71 14.14
CA GLU G 267 -0.33 -33.63 14.41
C GLU G 267 -0.43 -32.57 13.32
N PRO G 268 -0.30 -31.29 13.67
CA PRO G 268 -0.25 -30.26 12.64
C PRO G 268 0.94 -30.48 11.71
N LEU G 269 0.77 -30.05 10.46
CA LEU G 269 1.79 -30.26 9.42
C LEU G 269 2.83 -29.14 9.44
N THR G 270 4.08 -29.51 9.19
CA THR G 270 5.19 -28.58 9.07
C THR G 270 5.85 -28.79 7.71
N LEU G 271 5.96 -27.70 6.93
CA LEU G 271 6.48 -27.76 5.58
C LEU G 271 7.50 -26.65 5.34
N ARG G 272 8.50 -26.97 4.53
CA ARG G 272 9.47 -26.00 4.04
C ARG G 272 9.59 -26.16 2.53
N TRP G 273 10.15 -25.15 1.88
CA TRP G 273 10.44 -25.28 0.45
C TRP G 273 11.42 -26.42 0.18
N GLY G 274 12.34 -26.69 1.10
CA GLY G 274 13.17 -27.87 0.96
C GLY G 274 12.31 -29.13 0.89
N LYS G 275 11.97 -29.67 2.06
CA LYS G 275 10.93 -30.69 2.18
C LYS G 275 10.52 -30.85 3.64
N MET H 1 -33.62 -1.48 -5.54
CA MET H 1 -33.08 -2.83 -5.58
C MET H 1 -31.56 -2.83 -5.70
N ILE H 2 -30.90 -3.46 -4.73
CA ILE H 2 -29.45 -3.46 -4.67
C ILE H 2 -28.88 -4.25 -5.84
N GLN H 3 -27.67 -3.87 -6.26
CA GLN H 3 -26.92 -4.62 -7.25
C GLN H 3 -25.54 -4.88 -6.69
N LYS H 4 -25.21 -6.15 -6.46
CA LYS H 4 -23.93 -6.56 -5.92
C LYS H 4 -23.07 -7.14 -7.02
N THR H 5 -21.82 -6.68 -7.11
CA THR H 5 -20.92 -7.12 -8.17
C THR H 5 -20.30 -8.47 -7.80
N PRO H 6 -20.40 -9.46 -8.68
CA PRO H 6 -19.85 -10.79 -8.35
C PRO H 6 -18.34 -10.78 -8.19
N GLN H 7 -17.87 -11.51 -7.19
CA GLN H 7 -16.46 -11.83 -7.02
C GLN H 7 -16.19 -13.18 -7.65
N ILE H 8 -15.05 -13.30 -8.33
CA ILE H 8 -14.71 -14.47 -9.13
C ILE H 8 -13.37 -15.01 -8.67
N GLN H 9 -13.30 -16.33 -8.50
CA GLN H 9 -12.04 -17.02 -8.24
C GLN H 9 -11.98 -18.25 -9.14
N VAL H 10 -10.81 -18.50 -9.72
CA VAL H 10 -10.60 -19.61 -10.65
C VAL H 10 -9.41 -20.41 -10.16
N TYR H 11 -9.57 -21.73 -10.11
CA TYR H 11 -8.57 -22.56 -9.45
C TYR H 11 -8.85 -24.01 -9.81
N SER H 12 -7.78 -24.82 -9.82
CA SER H 12 -7.88 -26.21 -10.16
C SER H 12 -8.17 -27.03 -8.91
N ARG H 13 -8.85 -28.16 -9.10
CA ARG H 13 -9.09 -29.06 -7.97
C ARG H 13 -7.76 -29.61 -7.42
N HIS H 14 -6.89 -30.08 -8.29
CA HIS H 14 -5.62 -30.65 -7.87
C HIS H 14 -4.45 -29.80 -8.35
N PRO H 15 -3.23 -29.99 -7.83
CA PRO H 15 -2.08 -29.23 -8.33
C PRO H 15 -1.84 -29.54 -9.79
N PRO H 16 -1.64 -28.51 -10.62
CA PRO H 16 -1.61 -28.71 -12.07
C PRO H 16 -0.30 -29.35 -12.52
N GLU H 17 -0.40 -30.46 -13.23
CA GLU H 17 0.74 -31.09 -13.86
C GLU H 17 0.38 -31.33 -15.32
N ASN H 18 1.21 -30.80 -16.23
CA ASN H 18 0.88 -30.77 -17.65
C ASN H 18 0.67 -32.18 -18.20
N GLY H 19 -0.46 -32.37 -18.88
CA GLY H 19 -0.85 -33.67 -19.38
C GLY H 19 -1.76 -34.46 -18.45
N LYS H 20 -1.84 -34.11 -17.17
CA LYS H 20 -2.61 -34.91 -16.22
C LYS H 20 -4.04 -34.38 -16.13
N PRO H 21 -5.06 -35.21 -16.40
CA PRO H 21 -6.44 -34.78 -16.21
C PRO H 21 -6.66 -34.09 -14.87
N ASN H 22 -7.52 -33.09 -14.88
CA ASN H 22 -7.79 -32.28 -13.70
C ASN H 22 -9.19 -31.70 -13.86
N ILE H 23 -9.66 -31.00 -12.82
CA ILE H 23 -10.93 -30.29 -12.85
C ILE H 23 -10.65 -28.81 -12.55
N LEU H 24 -11.24 -27.93 -13.34
CA LEU H 24 -11.10 -26.49 -13.15
C LEU H 24 -12.36 -25.93 -12.50
N ASN H 25 -12.19 -25.05 -11.51
CA ASN H 25 -13.28 -24.44 -10.78
C ASN H 25 -13.37 -22.95 -11.05
N CYS H 26 -14.60 -22.46 -11.09
CA CYS H 26 -14.89 -21.03 -11.10
C CYS H 26 -15.95 -20.77 -10.03
N TYR H 27 -15.55 -20.06 -8.99
CA TYR H 27 -16.37 -19.85 -7.80
C TYR H 27 -16.79 -18.38 -7.81
N VAL H 28 -18.08 -18.14 -8.03
CA VAL H 28 -18.62 -16.81 -8.21
C VAL H 28 -19.54 -16.52 -7.03
N THR H 29 -19.27 -15.42 -6.32
CA THR H 29 -19.96 -15.15 -5.08
C THR H 29 -20.36 -13.69 -4.96
N GLN H 30 -21.15 -13.42 -3.92
CA GLN H 30 -21.41 -12.07 -3.42
C GLN H 30 -22.21 -11.22 -4.43
N PHE H 31 -23.11 -11.82 -5.21
CA PHE H 31 -23.81 -11.05 -6.24
C PHE H 31 -25.32 -11.06 -6.02
N HIS H 32 -25.97 -10.07 -6.63
CA HIS H 32 -27.42 -9.95 -6.64
C HIS H 32 -27.84 -9.00 -7.76
N PRO H 33 -28.93 -9.32 -8.47
CA PRO H 33 -29.93 -10.39 -8.36
C PRO H 33 -29.36 -11.76 -8.82
N PRO H 34 -30.11 -12.85 -8.63
CA PRO H 34 -29.52 -14.18 -8.84
C PRO H 34 -29.30 -14.55 -10.29
N HIS H 35 -29.90 -13.87 -11.26
CA HIS H 35 -29.66 -14.19 -12.66
C HIS H 35 -28.21 -13.88 -13.03
N ILE H 36 -27.55 -14.83 -13.69
CA ILE H 36 -26.12 -14.69 -13.99
C ILE H 36 -25.76 -15.67 -15.10
N GLU H 37 -24.76 -15.31 -15.90
CA GLU H 37 -24.27 -16.16 -16.98
C GLU H 37 -22.79 -16.42 -16.73
N ILE H 38 -22.44 -17.68 -16.48
CA ILE H 38 -21.08 -18.09 -16.20
C ILE H 38 -20.63 -19.01 -17.32
N GLN H 39 -19.51 -18.65 -17.94
CA GLN H 39 -18.87 -19.41 -19.00
C GLN H 39 -17.42 -19.69 -18.63
N MET H 40 -16.93 -20.86 -19.03
CA MET H 40 -15.53 -21.19 -18.92
C MET H 40 -14.97 -21.37 -20.34
N LEU H 41 -13.78 -20.83 -20.56
CA LEU H 41 -13.19 -20.68 -21.89
C LEU H 41 -11.80 -21.32 -21.91
N LYS H 42 -11.56 -22.16 -22.90
CA LYS H 42 -10.24 -22.71 -23.18
C LYS H 42 -9.75 -22.08 -24.47
N ASN H 43 -8.66 -21.31 -24.37
CA ASN H 43 -8.10 -20.58 -25.49
C ASN H 43 -9.15 -19.68 -26.16
N GLY H 44 -9.91 -18.96 -25.32
CA GLY H 44 -10.92 -18.03 -25.81
C GLY H 44 -12.19 -18.63 -26.38
N LYS H 45 -12.35 -19.96 -26.32
CA LYS H 45 -13.54 -20.62 -26.85
C LYS H 45 -14.30 -21.30 -25.72
N LYS H 46 -15.63 -21.25 -25.81
CA LYS H 46 -16.48 -21.76 -24.74
C LYS H 46 -16.36 -23.28 -24.60
N ILE H 47 -16.04 -23.74 -23.40
CA ILE H 47 -16.02 -25.17 -23.10
C ILE H 47 -17.45 -25.68 -23.04
N PRO H 48 -17.82 -26.70 -23.82
CA PRO H 48 -19.25 -27.04 -23.93
C PRO H 48 -19.84 -27.63 -22.65
N LYS H 49 -19.14 -28.53 -21.97
CA LYS H 49 -19.72 -29.25 -20.84
C LYS H 49 -19.21 -28.64 -19.54
N VAL H 50 -19.91 -27.61 -19.06
CA VAL H 50 -19.62 -26.97 -17.78
C VAL H 50 -20.82 -27.17 -16.88
N GLU H 51 -20.58 -27.66 -15.68
CA GLU H 51 -21.63 -27.96 -14.73
C GLU H 51 -21.64 -26.92 -13.62
N MET H 52 -22.85 -26.53 -13.20
CA MET H 52 -23.11 -25.48 -12.23
C MET H 52 -23.71 -26.08 -10.96
N SER H 53 -23.87 -25.23 -9.94
CA SER H 53 -24.26 -25.66 -8.61
C SER H 53 -25.66 -25.19 -8.18
N ASP H 54 -26.43 -24.58 -9.10
CA ASP H 54 -27.81 -24.18 -8.84
C ASP H 54 -27.97 -23.03 -7.84
N MET H 55 -29.05 -22.28 -7.99
CA MET H 55 -29.28 -21.02 -7.27
C MET H 55 -29.24 -21.23 -5.76
N SER H 56 -28.27 -20.58 -5.10
CA SER H 56 -28.10 -20.66 -3.66
C SER H 56 -27.54 -19.34 -3.14
N PHE H 57 -27.73 -19.09 -1.84
CA PHE H 57 -27.28 -17.83 -1.26
C PHE H 57 -26.82 -18.02 0.18
N SER H 58 -25.98 -17.08 0.61
CA SER H 58 -25.39 -17.06 1.95
C SER H 58 -26.22 -16.18 2.87
N LYS H 59 -25.87 -16.22 4.16
CA LYS H 59 -26.68 -15.56 5.16
C LYS H 59 -26.71 -14.06 5.00
N ASP H 60 -25.73 -13.45 4.33
CA ASP H 60 -25.86 -12.03 4.02
C ASP H 60 -26.73 -11.78 2.79
N TRP H 61 -27.43 -12.81 2.32
CA TRP H 61 -28.42 -12.78 1.23
C TRP H 61 -27.81 -12.93 -0.16
N SER H 62 -26.52 -12.62 -0.34
CA SER H 62 -25.93 -12.65 -1.66
C SER H 62 -25.82 -14.09 -2.18
N PHE H 63 -25.98 -14.23 -3.50
CA PHE H 63 -25.96 -15.54 -4.14
C PHE H 63 -24.54 -15.99 -4.47
N TYR H 64 -24.40 -17.26 -4.84
CA TYR H 64 -23.13 -17.84 -5.24
C TYR H 64 -23.38 -19.06 -6.12
N ILE H 65 -22.40 -19.38 -6.95
CA ILE H 65 -22.45 -20.53 -7.85
C ILE H 65 -21.05 -21.11 -7.97
N LEU H 66 -20.96 -22.44 -7.98
CA LEU H 66 -19.72 -23.13 -8.28
C LEU H 66 -19.83 -23.75 -9.67
N ALA H 67 -19.01 -23.27 -10.61
CA ALA H 67 -18.87 -23.87 -11.92
C ALA H 67 -17.58 -24.68 -11.98
N HIS H 68 -17.64 -25.84 -12.63
CA HIS H 68 -16.51 -26.74 -12.68
C HIS H 68 -16.52 -27.50 -13.99
N THR H 69 -15.33 -27.83 -14.48
CA THR H 69 -15.20 -28.57 -15.72
C THR H 69 -13.91 -29.37 -15.71
N GLU H 70 -13.91 -30.47 -16.44
CA GLU H 70 -12.71 -31.26 -16.63
C GLU H 70 -11.79 -30.54 -17.60
N PHE H 71 -10.49 -30.54 -17.31
CA PHE H 71 -9.50 -30.07 -18.26
C PHE H 71 -8.18 -30.77 -17.98
N THR H 72 -7.32 -30.75 -19.00
CA THR H 72 -5.95 -31.21 -18.86
C THR H 72 -5.02 -30.03 -19.06
N PRO H 73 -4.36 -29.57 -18.00
CA PRO H 73 -3.38 -28.48 -18.15
C PRO H 73 -2.28 -28.86 -19.12
N THR H 74 -1.94 -27.90 -19.97
CA THR H 74 -0.73 -27.96 -20.79
C THR H 74 0.05 -26.69 -20.54
N GLU H 75 1.26 -26.65 -21.10
CA GLU H 75 2.10 -25.47 -20.98
C GLU H 75 1.64 -24.33 -21.86
N THR H 76 0.79 -24.59 -22.85
CA THR H 76 0.40 -23.59 -23.82
C THR H 76 -1.08 -23.19 -23.77
N ASP H 77 -1.93 -23.93 -23.08
CA ASP H 77 -3.36 -23.63 -23.09
C ASP H 77 -3.71 -22.56 -22.06
N THR H 78 -4.65 -21.69 -22.43
CA THR H 78 -5.18 -20.66 -21.55
C THR H 78 -6.57 -21.04 -21.09
N TYR H 79 -6.85 -20.88 -19.80
CA TYR H 79 -8.19 -21.14 -19.29
C TYR H 79 -8.68 -19.92 -18.53
N ALA H 80 -9.95 -19.60 -18.71
CA ALA H 80 -10.50 -18.42 -18.08
C ALA H 80 -11.98 -18.67 -17.79
N CYS H 81 -12.53 -17.82 -16.94
CA CYS H 81 -13.94 -17.86 -16.58
C CYS H 81 -14.54 -16.50 -16.89
N ARG H 82 -15.65 -16.50 -17.64
CA ARG H 82 -16.32 -15.26 -18.03
C ARG H 82 -17.71 -15.18 -17.38
N VAL H 83 -17.98 -14.05 -16.74
CA VAL H 83 -19.20 -13.85 -15.96
C VAL H 83 -19.96 -12.64 -16.51
N LYS H 84 -21.22 -12.85 -16.84
CA LYS H 84 -22.09 -11.78 -17.31
C LYS H 84 -23.16 -11.53 -16.24
N HIS H 85 -23.24 -10.28 -15.77
CA HIS H 85 -24.15 -9.94 -14.68
C HIS H 85 -24.58 -8.49 -14.81
N ALA H 86 -25.84 -8.22 -14.44
CA ALA H 86 -26.43 -6.90 -14.63
C ALA H 86 -25.66 -5.80 -13.90
N SER H 87 -24.99 -6.15 -12.80
CA SER H 87 -24.23 -5.17 -12.02
C SER H 87 -23.01 -4.64 -12.75
N MET H 88 -22.78 -5.10 -13.98
CA MET H 88 -21.55 -4.79 -14.70
C MET H 88 -21.88 -4.41 -16.13
N ALA H 89 -21.29 -3.31 -16.61
CA ALA H 89 -21.48 -2.91 -18.00
C ALA H 89 -20.94 -3.97 -18.96
N GLU H 90 -19.80 -4.57 -18.63
CA GLU H 90 -19.21 -5.54 -19.52
C GLU H 90 -19.03 -6.88 -18.81
N PRO H 91 -19.05 -7.98 -19.54
CA PRO H 91 -18.67 -9.26 -18.93
C PRO H 91 -17.25 -9.19 -18.36
N LYS H 92 -17.05 -9.93 -17.28
CA LYS H 92 -15.80 -9.94 -16.55
C LYS H 92 -15.11 -11.27 -16.80
N THR H 93 -13.85 -11.22 -17.22
CA THR H 93 -13.08 -12.42 -17.50
C THR H 93 -11.94 -12.52 -16.50
N VAL H 94 -11.84 -13.66 -15.83
CA VAL H 94 -10.76 -13.92 -14.87
C VAL H 94 -9.98 -15.13 -15.38
N TYR H 95 -8.67 -14.95 -15.54
CA TYR H 95 -7.80 -15.99 -16.09
C TYR H 95 -7.30 -16.93 -15.01
N TRP H 96 -7.29 -18.21 -15.32
CA TRP H 96 -6.62 -19.17 -14.44
C TRP H 96 -5.13 -18.88 -14.37
N ASP H 97 -4.63 -18.76 -13.14
CA ASP H 97 -3.21 -18.59 -12.88
C ASP H 97 -2.74 -19.80 -12.08
N ARG H 98 -1.97 -20.67 -12.72
CA ARG H 98 -1.49 -21.91 -12.10
C ARG H 98 -0.67 -21.65 -10.84
N ASP H 99 -0.15 -20.44 -10.65
CA ASP H 99 0.57 -20.11 -9.44
C ASP H 99 -0.37 -19.72 -8.30
N MET H 100 -1.64 -19.48 -8.59
CA MET H 100 -2.57 -18.96 -7.60
C MET H 100 -3.90 -19.69 -7.57
N ILE I 1 -36.73 -31.13 9.16
CA ILE I 1 -38.03 -30.63 8.71
C ILE I 1 -37.93 -29.12 8.57
N GLY I 2 -38.38 -28.61 7.43
CA GLY I 2 -38.34 -27.18 7.17
C GLY I 2 -39.54 -26.45 7.74
N PRO I 3 -39.51 -25.13 7.61
CA PRO I 3 -40.59 -24.28 8.15
C PRO I 3 -41.71 -24.06 7.16
N GLY I 4 -42.92 -23.95 7.70
CA GLY I 4 -44.09 -23.53 6.96
C GLY I 4 -44.39 -22.06 7.22
N ARG I 5 -44.83 -21.35 6.19
CA ARG I 5 -45.04 -19.91 6.28
C ARG I 5 -46.14 -19.51 7.28
N ALA I 6 -47.42 -19.77 6.96
CA ALA I 6 -48.59 -19.49 7.81
C ALA I 6 -48.97 -18.02 7.98
N PHE I 7 -48.04 -17.09 7.73
CA PHE I 7 -48.32 -15.67 7.78
C PHE I 7 -47.87 -15.01 6.49
N TYR I 8 -48.49 -13.90 6.15
CA TYR I 8 -48.21 -13.19 4.92
C TYR I 8 -47.61 -11.85 5.17
N VAL I 9 -46.76 -11.35 4.28
CA VAL I 9 -46.19 -10.03 4.48
C VAL I 9 -47.18 -8.86 4.20
N SER J 1 -12.62 -5.34 42.03
CA SER J 1 -11.80 -4.63 41.05
C SER J 1 -12.31 -3.21 40.83
N HIS J 2 -11.66 -2.49 39.92
CA HIS J 2 -12.08 -1.15 39.54
C HIS J 2 -11.83 -0.98 38.05
N SER J 3 -12.55 -0.02 37.45
CA SER J 3 -12.52 0.11 36.00
C SER J 3 -12.52 1.58 35.59
N LEU J 4 -11.92 1.83 34.43
CA LEU J 4 -12.09 3.08 33.69
C LEU J 4 -12.54 2.69 32.30
N ARG J 5 -13.72 3.15 31.89
CA ARG J 5 -14.30 2.77 30.63
C ARG J 5 -14.80 4.01 29.90
N TYR J 6 -14.66 3.98 28.57
CA TYR J 6 -15.02 5.09 27.70
C TYR J 6 -16.03 4.59 26.67
N PHE J 7 -17.21 5.19 26.67
CA PHE J 7 -18.34 4.79 25.84
C PHE J 7 -18.53 5.83 24.75
N VAL J 8 -18.59 5.40 23.50
CA VAL J 8 -18.53 6.30 22.37
C VAL J 8 -19.62 5.95 21.37
N THR J 9 -20.33 6.96 20.89
CA THR J 9 -21.44 6.79 19.96
C THR J 9 -21.27 7.74 18.79
N ALA J 10 -21.53 7.23 17.60
CA ALA J 10 -21.58 8.07 16.40
C ALA J 10 -22.86 7.70 15.67
N VAL J 11 -23.72 8.68 15.44
CA VAL J 11 -25.03 8.45 14.86
C VAL J 11 -25.17 9.37 13.66
N SER J 12 -25.33 8.78 12.48
CA SER J 12 -25.53 9.54 11.25
C SER J 12 -26.96 10.07 11.20
N ARG J 13 -27.13 11.18 10.48
CA ARG J 13 -28.44 11.81 10.30
C ARG J 13 -28.47 12.51 8.96
N PRO J 14 -28.65 11.76 7.87
CA PRO J 14 -28.57 12.36 6.54
C PRO J 14 -29.60 13.47 6.36
N GLY J 15 -29.19 14.53 5.68
CA GLY J 15 -30.01 15.70 5.50
C GLY J 15 -29.86 16.76 6.57
N PHE J 16 -29.38 16.38 7.76
CA PHE J 16 -29.29 17.29 8.89
C PHE J 16 -27.86 17.43 9.37
N GLY J 17 -26.92 17.40 8.43
CA GLY J 17 -25.54 17.70 8.75
C GLY J 17 -24.71 16.48 9.08
N GLU J 18 -23.58 16.76 9.74
CA GLU J 18 -22.62 15.73 10.09
C GLU J 18 -23.18 14.84 11.20
N PRO J 19 -22.66 13.61 11.32
CA PRO J 19 -23.16 12.71 12.37
C PRO J 19 -22.94 13.31 13.75
N ARG J 20 -23.78 12.89 14.70
CA ARG J 20 -23.64 13.35 16.08
C ARG J 20 -22.66 12.45 16.80
N TYR J 21 -21.62 13.04 17.37
CA TYR J 21 -20.55 12.31 18.01
C TYR J 21 -20.58 12.54 19.52
N MET J 22 -20.41 11.45 20.27
CA MET J 22 -20.59 11.46 21.72
C MET J 22 -19.52 10.60 22.38
N GLU J 23 -18.86 11.14 23.40
CA GLU J 23 -17.93 10.39 24.23
C GLU J 23 -18.28 10.62 25.70
N VAL J 24 -18.29 9.53 26.49
CA VAL J 24 -18.56 9.59 27.92
C VAL J 24 -17.63 8.63 28.65
N GLY J 25 -16.92 9.13 29.65
CA GLY J 25 -15.98 8.33 30.44
C GLY J 25 -16.57 7.93 31.78
N TYR J 26 -16.28 6.71 32.20
CA TYR J 26 -16.77 6.16 33.46
C TYR J 26 -15.60 5.68 34.31
N VAL J 27 -15.65 6.00 35.60
CA VAL J 27 -14.81 5.36 36.61
C VAL J 27 -15.70 4.44 37.42
N ASP J 28 -15.37 3.14 37.41
CA ASP J 28 -16.28 2.08 37.84
C ASP J 28 -17.58 2.18 37.04
N ASN J 29 -18.65 2.69 37.66
CA ASN J 29 -19.90 2.95 36.96
C ASN J 29 -20.35 4.39 37.11
N THR J 30 -19.45 5.28 37.51
CA THR J 30 -19.77 6.68 37.73
C THR J 30 -19.16 7.53 36.62
N GLU J 31 -20.00 8.32 35.97
CA GLU J 31 -19.59 9.19 34.88
C GLU J 31 -18.76 10.37 35.40
N PHE J 32 -17.81 10.81 34.58
CA PHE J 32 -17.02 11.99 34.94
C PHE J 32 -16.67 12.91 33.78
N VAL J 33 -16.70 12.49 32.51
CA VAL J 33 -16.38 13.37 31.39
C VAL J 33 -17.32 13.11 30.21
N ARG J 34 -17.52 14.14 29.39
CA ARG J 34 -18.44 14.09 28.26
C ARG J 34 -18.01 15.04 27.15
N PHE J 35 -18.09 14.56 25.91
CA PHE J 35 -17.92 15.37 24.70
C PHE J 35 -19.17 15.22 23.85
N ASP J 36 -19.69 16.33 23.33
CA ASP J 36 -20.89 16.31 22.51
C ASP J 36 -20.71 17.25 21.33
N SER J 37 -20.91 16.71 20.13
CA SER J 37 -20.53 17.43 18.91
C SER J 37 -21.42 18.64 18.67
N ASP J 38 -22.73 18.49 18.80
CA ASP J 38 -23.62 19.60 18.51
C ASP J 38 -23.92 20.46 19.73
N ALA J 39 -23.05 20.42 20.74
CA ALA J 39 -23.14 21.39 21.82
C ALA J 39 -22.42 22.67 21.42
N GLU J 40 -22.88 23.79 21.95
CA GLU J 40 -22.21 25.06 21.68
C GLU J 40 -20.79 25.00 22.21
N ASN J 41 -19.83 25.30 21.33
CA ASN J 41 -18.42 25.11 21.63
C ASN J 41 -18.20 23.66 22.07
N PRO J 42 -18.09 22.73 21.13
CA PRO J 42 -17.90 21.31 21.49
C PRO J 42 -16.55 21.11 22.16
N ARG J 43 -16.57 20.56 23.37
CA ARG J 43 -15.36 20.32 24.13
C ARG J 43 -15.63 19.22 25.13
N TYR J 44 -14.57 18.68 25.71
CA TYR J 44 -14.69 17.68 26.76
C TYR J 44 -15.01 18.39 28.07
N GLU J 45 -16.17 18.07 28.64
CA GLU J 45 -16.67 18.81 29.80
C GLU J 45 -16.63 17.95 31.06
N PRO J 46 -16.25 18.53 32.19
CA PRO J 46 -16.27 17.76 33.45
C PRO J 46 -17.71 17.49 33.90
N ARG J 47 -17.94 16.26 34.38
CA ARG J 47 -19.24 15.84 34.87
C ARG J 47 -19.27 15.46 36.33
N ALA J 48 -18.11 15.19 36.93
CA ALA J 48 -17.98 15.07 38.38
C ALA J 48 -17.01 16.14 38.85
N ARG J 49 -17.28 16.74 40.01
CA ARG J 49 -16.53 17.93 40.42
C ARG J 49 -15.07 17.63 40.67
N TRP J 50 -14.73 16.39 41.03
CA TRP J 50 -13.34 16.09 41.39
C TRP J 50 -12.40 16.11 40.19
N ILE J 51 -12.92 16.05 38.96
CA ILE J 51 -12.07 16.14 37.78
C ILE J 51 -11.81 17.59 37.37
N GLU J 52 -12.52 18.55 37.96
CA GLU J 52 -12.28 19.97 37.65
C GLU J 52 -10.87 20.41 38.00
N GLN J 53 -10.12 19.61 38.76
CA GLN J 53 -8.77 19.96 39.17
C GLN J 53 -7.81 20.07 37.99
N GLU J 54 -8.14 19.45 36.86
CA GLU J 54 -7.22 19.37 35.74
C GLU J 54 -7.02 20.73 35.09
N GLY J 55 -5.79 20.99 34.64
CA GLY J 55 -5.44 22.24 34.01
C GLY J 55 -6.05 22.37 32.64
N PRO J 56 -5.98 23.58 32.06
CA PRO J 56 -6.64 23.80 30.76
C PRO J 56 -6.07 22.98 29.62
N GLU J 57 -4.82 22.48 29.74
CA GLU J 57 -4.27 21.63 28.70
C GLU J 57 -4.95 20.27 28.66
N TYR J 58 -5.39 19.76 29.82
CA TYR J 58 -6.06 18.47 29.87
C TYR J 58 -7.35 18.49 29.06
N TRP J 59 -8.06 19.61 29.07
CA TRP J 59 -9.33 19.70 28.37
C TRP J 59 -9.18 20.09 26.92
N GLU J 60 -8.11 20.79 26.56
CA GLU J 60 -7.81 21.03 25.16
C GLU J 60 -7.11 19.84 24.50
N ARG J 61 -6.50 18.97 25.30
CA ARG J 61 -5.96 17.73 24.76
C ARG J 61 -7.08 16.75 24.39
N GLU J 62 -7.99 16.51 25.32
CA GLU J 62 -9.09 15.59 25.06
C GLU J 62 -10.00 16.09 23.95
N THR J 63 -10.27 17.40 23.92
CA THR J 63 -11.12 17.96 22.88
C THR J 63 -10.55 17.70 21.49
N ARG J 64 -9.22 17.80 21.35
CA ARG J 64 -8.59 17.44 20.08
C ARG J 64 -8.68 15.94 19.83
N ARG J 65 -8.54 15.13 20.89
CA ARG J 65 -8.66 13.69 20.69
C ARG J 65 -10.07 13.29 20.29
N ALA J 66 -11.08 13.92 20.90
CA ALA J 66 -12.45 13.62 20.53
C ALA J 66 -12.73 14.01 19.10
N LYS J 67 -12.30 15.22 18.71
CA LYS J 67 -12.53 15.68 17.35
C LYS J 67 -11.74 14.84 16.34
N GLY J 68 -10.59 14.30 16.75
CA GLY J 68 -9.91 13.35 15.88
C GLY J 68 -10.66 12.03 15.78
N ASN J 69 -11.03 11.46 16.93
CA ASN J 69 -11.91 10.29 16.96
C ASN J 69 -13.19 10.53 16.18
N GLU J 70 -13.80 11.72 16.33
CA GLU J 70 -15.01 12.01 15.57
C GLU J 70 -14.77 11.83 14.07
N GLN J 71 -13.68 12.41 13.56
CA GLN J 71 -13.34 12.26 12.14
C GLN J 71 -13.21 10.79 11.75
N SER J 72 -12.55 9.98 12.59
CA SER J 72 -12.40 8.57 12.27
C SER J 72 -13.76 7.90 12.14
N PHE J 73 -14.68 8.18 13.06
CA PHE J 73 -16.00 7.54 13.00
C PHE J 73 -16.78 7.99 11.78
N ARG J 74 -16.59 9.22 11.33
CA ARG J 74 -17.28 9.66 10.11
C ARG J 74 -16.86 8.83 8.91
N VAL J 75 -15.60 8.39 8.86
CA VAL J 75 -15.18 7.50 7.78
C VAL J 75 -15.76 6.11 7.97
N ASP J 76 -15.69 5.59 9.21
CA ASP J 76 -16.22 4.26 9.51
C ASP J 76 -17.70 4.15 9.11
N LEU J 77 -18.49 5.20 9.37
CA LEU J 77 -19.91 5.12 9.01
C LEU J 77 -20.08 5.04 7.50
N ARG J 78 -19.27 5.78 6.75
CA ARG J 78 -19.34 5.68 5.30
C ARG J 78 -18.82 4.34 4.81
N THR J 79 -17.87 3.74 5.52
CA THR J 79 -17.42 2.41 5.13
C THR J 79 -18.49 1.37 5.42
N ALA J 80 -19.12 1.43 6.58
CA ALA J 80 -20.14 0.45 6.93
C ALA J 80 -21.28 0.44 5.91
N LEU J 81 -21.67 1.63 5.41
CA LEU J 81 -22.64 1.68 4.32
C LEU J 81 -22.20 0.83 3.14
N ARG J 82 -20.91 0.90 2.77
CA ARG J 82 -20.42 0.08 1.67
C ARG J 82 -20.44 -1.40 2.02
N TYR J 83 -19.99 -1.75 3.24
CA TYR J 83 -19.96 -3.15 3.63
C TYR J 83 -21.35 -3.78 3.58
N TYR J 84 -22.40 -3.01 3.84
CA TYR J 84 -23.75 -3.55 3.97
C TYR J 84 -24.69 -3.10 2.86
N ASN J 85 -24.21 -2.36 1.87
CA ASN J 85 -25.03 -1.92 0.73
C ASN J 85 -26.25 -1.10 1.19
N GLN J 86 -26.02 -0.20 2.13
CA GLN J 86 -27.08 0.59 2.73
C GLN J 86 -27.10 1.99 2.12
N SER J 87 -28.29 2.52 1.90
CA SER J 87 -28.44 3.85 1.33
C SER J 87 -27.85 4.90 2.27
N ALA J 88 -27.38 5.99 1.67
CA ALA J 88 -26.92 7.14 2.44
C ALA J 88 -28.07 7.98 2.98
N GLY J 89 -29.30 7.52 2.82
CA GLY J 89 -30.44 8.28 3.30
C GLY J 89 -30.81 7.95 4.72
N GLY J 90 -30.34 6.81 5.23
CA GLY J 90 -30.77 6.31 6.52
C GLY J 90 -29.82 6.66 7.66
N SER J 91 -30.39 6.72 8.86
CA SER J 91 -29.59 6.92 10.07
C SER J 91 -29.02 5.59 10.56
N HIS J 92 -27.77 5.62 11.00
CA HIS J 92 -27.06 4.43 11.44
C HIS J 92 -26.21 4.75 12.66
N THR J 93 -25.94 3.73 13.47
CA THR J 93 -25.25 3.90 14.73
C THR J 93 -23.96 3.10 14.73
N LEU J 94 -22.89 3.73 15.22
CA LEU J 94 -21.65 3.03 15.51
C LEU J 94 -21.33 3.25 16.98
N GLN J 95 -21.06 2.17 17.70
CA GLN J 95 -20.77 2.29 19.12
C GLN J 95 -19.39 1.70 19.43
N TRP J 96 -18.72 2.32 20.39
CA TRP J 96 -17.37 1.94 20.77
C TRP J 96 -17.25 1.99 22.28
N MET J 97 -16.78 0.90 22.87
CA MET J 97 -16.37 0.89 24.28
C MET J 97 -14.99 0.26 24.43
N ALA J 98 -14.16 0.90 25.26
CA ALA J 98 -12.85 0.38 25.57
C ALA J 98 -12.51 0.73 27.02
N GLY J 99 -11.73 -0.12 27.67
CA GLY J 99 -11.35 0.15 29.04
C GLY J 99 -10.56 -0.99 29.64
N CYS J 100 -10.53 -1.01 30.98
CA CYS J 100 -9.71 -1.96 31.71
C CYS J 100 -10.34 -2.27 33.06
N ASP J 101 -10.32 -3.55 33.43
CA ASP J 101 -10.69 -4.01 34.77
C ASP J 101 -9.40 -4.41 35.49
N VAL J 102 -9.02 -3.65 36.53
CA VAL J 102 -7.81 -3.93 37.27
C VAL J 102 -8.11 -3.92 38.77
N GLU J 103 -7.62 -4.94 39.47
CA GLU J 103 -7.66 -4.99 40.92
C GLU J 103 -6.27 -4.75 41.47
N SER J 104 -6.12 -4.91 42.78
CA SER J 104 -4.83 -4.76 43.42
C SER J 104 -3.85 -5.83 42.90
N ASP J 105 -2.71 -5.37 42.38
CA ASP J 105 -1.63 -6.19 41.80
C ASP J 105 -1.91 -7.67 41.64
N ARG J 107 -2.59 -4.90 38.99
CA ARG J 107 -2.43 -5.78 37.84
C ARG J 107 -3.70 -5.82 37.01
N LEU J 108 -3.58 -6.28 35.77
CA LEU J 108 -4.69 -6.28 34.82
C LEU J 108 -5.46 -7.60 34.91
N LEU J 109 -6.79 -7.50 34.87
CA LEU J 109 -7.67 -8.66 34.86
C LEU J 109 -8.41 -8.83 33.54
N ARG J 110 -8.84 -7.74 32.90
CA ARG J 110 -9.56 -7.83 31.65
C ARG J 110 -9.44 -6.50 30.92
N GLY J 111 -9.28 -6.58 29.60
CA GLY J 111 -9.23 -5.40 28.75
C GLY J 111 -10.32 -5.45 27.70
N TYR J 112 -10.89 -4.29 27.39
CA TYR J 112 -12.03 -4.19 26.49
C TYR J 112 -11.73 -3.23 25.35
N TRP J 113 -12.11 -3.62 24.14
CA TRP J 113 -11.92 -2.79 22.94
C TRP J 113 -12.87 -3.37 21.89
N GLN J 114 -14.11 -2.86 21.86
CA GLN J 114 -15.15 -3.53 21.10
C GLN J 114 -16.12 -2.52 20.49
N PHE J 115 -16.86 -2.98 19.49
CA PHE J 115 -17.64 -2.13 18.62
C PHE J 115 -18.97 -2.78 18.30
N ALA J 116 -19.94 -1.93 17.95
CA ALA J 116 -21.25 -2.39 17.54
C ALA J 116 -21.74 -1.54 16.38
N TYR J 117 -22.47 -2.17 15.47
CA TYR J 117 -23.05 -1.46 14.33
C TYR J 117 -24.53 -1.76 14.27
N ASP J 118 -25.32 -0.70 14.15
CA ASP J 118 -26.78 -0.81 14.15
C ASP J 118 -27.27 -1.70 15.30
N GLY J 119 -26.61 -1.56 16.45
CA GLY J 119 -26.99 -2.32 17.63
C GLY J 119 -26.46 -3.74 17.72
N CYS J 120 -25.68 -4.21 16.75
CA CYS J 120 -25.18 -5.59 16.77
C CYS J 120 -23.68 -5.60 17.00
N ASP J 121 -23.20 -6.62 17.72
CA ASP J 121 -21.77 -6.84 17.85
C ASP J 121 -21.10 -6.82 16.48
N TYR J 122 -20.02 -6.05 16.37
CA TYR J 122 -19.26 -5.98 15.12
C TYR J 122 -17.90 -6.65 15.28
N ILE J 123 -16.98 -6.01 16.00
CA ILE J 123 -15.68 -6.60 16.28
C ILE J 123 -15.32 -6.32 17.72
N ALA J 124 -14.74 -7.32 18.40
CA ALA J 124 -14.31 -7.19 19.78
C ALA J 124 -12.94 -7.82 19.96
N LEU J 125 -12.14 -7.23 20.85
CA LEU J 125 -10.85 -7.78 21.23
C LEU J 125 -11.05 -8.93 22.22
N ASN J 126 -10.49 -10.10 21.88
CA ASN J 126 -10.66 -11.27 22.74
C ASN J 126 -9.88 -11.10 24.04
N GLU J 127 -10.08 -12.05 24.95
CA GLU J 127 -9.46 -11.98 26.26
C GLU J 127 -7.93 -11.94 26.17
N ASP J 128 -7.36 -12.61 25.16
CA ASP J 128 -5.91 -12.68 25.03
C ASP J 128 -5.28 -11.38 24.56
N LEU J 129 -6.08 -10.38 24.21
CA LEU J 129 -5.61 -9.06 23.77
C LEU J 129 -4.76 -9.13 22.51
N LYS J 130 -4.79 -10.25 21.79
CA LYS J 130 -3.98 -10.43 20.59
C LYS J 130 -4.79 -10.79 19.36
N THR J 131 -5.99 -11.34 19.54
CA THR J 131 -6.86 -11.74 18.45
C THR J 131 -8.23 -11.07 18.59
N TRP J 132 -8.95 -11.00 17.48
CA TRP J 132 -10.24 -10.32 17.41
C TRP J 132 -11.36 -11.32 17.14
N THR J 133 -12.51 -11.11 17.79
CA THR J 133 -13.74 -11.79 17.47
C THR J 133 -14.52 -10.94 16.46
N ALA J 134 -14.86 -11.53 15.32
CA ALA J 134 -15.62 -10.85 14.29
C ALA J 134 -16.96 -11.54 14.16
N ALA J 135 -18.03 -10.75 14.10
CA ALA J 135 -19.38 -11.31 14.12
C ALA J 135 -19.80 -11.81 12.74
N ASP J 136 -20.07 -10.89 11.82
CA ASP J 136 -20.52 -11.25 10.48
C ASP J 136 -19.37 -11.18 9.47
N MET J 137 -19.70 -11.29 8.18
CA MET J 137 -18.66 -11.29 7.15
C MET J 137 -18.01 -9.92 7.02
N ALA J 138 -18.77 -8.85 7.21
CA ALA J 138 -18.22 -7.51 7.10
C ALA J 138 -17.14 -7.28 8.15
N ALA J 139 -17.40 -7.70 9.38
CA ALA J 139 -16.41 -7.55 10.43
C ALA J 139 -15.15 -8.35 10.12
N GLN J 140 -15.30 -9.44 9.36
CA GLN J 140 -14.14 -10.24 9.01
C GLN J 140 -13.18 -9.46 8.12
N ILE J 141 -13.72 -8.64 7.20
CA ILE J 141 -12.88 -7.73 6.43
C ILE J 141 -12.08 -6.83 7.38
N THR J 142 -12.76 -6.29 8.39
CA THR J 142 -12.07 -5.44 9.36
C THR J 142 -11.01 -6.21 10.12
N ARG J 143 -11.32 -7.45 10.50
CA ARG J 143 -10.38 -8.23 11.30
C ARG J 143 -9.07 -8.43 10.55
N ARG J 144 -9.16 -8.81 9.27
CA ARG J 144 -7.95 -9.04 8.48
C ARG J 144 -7.13 -7.76 8.35
N LYS J 145 -7.80 -6.63 8.12
CA LYS J 145 -7.11 -5.34 8.12
C LYS J 145 -6.34 -5.13 9.42
N TRP J 146 -6.98 -5.39 10.56
CA TRP J 146 -6.34 -5.06 11.82
C TRP J 146 -5.27 -6.07 12.20
N GLU J 147 -5.36 -7.31 11.70
CA GLU J 147 -4.28 -8.27 11.92
C GLU J 147 -3.03 -7.84 11.17
N GLN J 148 -3.19 -7.34 9.94
CA GLN J 148 -2.06 -6.88 9.15
C GLN J 148 -1.44 -5.62 9.74
N ALA J 149 -2.27 -4.73 10.28
CA ALA J 149 -1.80 -3.45 10.80
C ALA J 149 -1.21 -3.55 12.20
N GLY J 150 -1.37 -4.69 12.87
CA GLY J 150 -0.98 -4.77 14.26
C GLY J 150 -1.88 -4.00 15.20
N ALA J 151 -3.16 -3.89 14.88
CA ALA J 151 -4.07 -3.08 15.70
C ALA J 151 -4.14 -3.60 17.12
N ALA J 152 -4.15 -4.93 17.28
CA ALA J 152 -4.17 -5.53 18.61
C ALA J 152 -3.05 -4.98 19.48
N GLU J 153 -1.81 -5.02 18.97
CA GLU J 153 -0.65 -4.69 19.80
C GLU J 153 -0.67 -3.24 20.23
N ARG J 154 -1.06 -2.33 19.33
CA ARG J 154 -1.00 -0.90 19.66
C ARG J 154 -2.13 -0.49 20.60
N ASP J 155 -3.34 -1.03 20.41
CA ASP J 155 -4.44 -0.70 21.32
C ASP J 155 -4.23 -1.36 22.67
N ARG J 156 -3.72 -2.60 22.68
CA ARG J 156 -3.33 -3.25 23.93
C ARG J 156 -2.35 -2.40 24.72
N ALA J 157 -1.47 -1.67 24.04
CA ALA J 157 -0.58 -0.75 24.74
C ALA J 157 -1.36 0.27 25.54
N TYR J 158 -2.45 0.80 24.98
CA TYR J 158 -3.29 1.73 25.71
C TYR J 158 -3.93 1.05 26.92
N LEU J 159 -4.47 -0.16 26.72
CA LEU J 159 -5.14 -0.87 27.81
C LEU J 159 -4.15 -1.24 28.91
N GLU J 160 -3.06 -1.93 28.56
CA GLU J 160 -2.08 -2.33 29.57
C GLU J 160 -1.30 -1.16 30.11
N GLY J 161 -1.37 0.01 29.46
CA GLY J 161 -0.52 1.11 29.82
C GLY J 161 -1.24 2.30 30.41
N GLU J 162 -1.76 3.19 29.55
CA GLU J 162 -2.35 4.43 30.05
C GLU J 162 -3.65 4.18 30.79
N CYS J 163 -4.37 3.11 30.46
CA CYS J 163 -5.62 2.83 31.15
C CYS J 163 -5.38 2.54 32.63
N VAL J 164 -4.36 1.76 32.95
CA VAL J 164 -4.06 1.44 34.34
C VAL J 164 -3.44 2.63 35.04
N GLU J 165 -2.72 3.48 34.31
CA GLU J 165 -2.04 4.62 34.91
C GLU J 165 -3.03 5.68 35.35
N TRP J 166 -3.83 6.20 34.41
CA TRP J 166 -4.78 7.25 34.75
C TRP J 166 -5.84 6.76 35.71
N LEU J 167 -6.12 5.46 35.73
CA LEU J 167 -7.12 4.93 36.67
C LEU J 167 -6.65 5.12 38.11
N ARG J 168 -5.41 4.72 38.40
CA ARG J 168 -4.85 4.96 39.72
C ARG J 168 -4.83 6.46 40.04
N ARG J 169 -4.54 7.29 39.04
CA ARG J 169 -4.51 8.73 39.24
C ARG J 169 -5.91 9.34 39.33
N TYR J 170 -6.94 8.62 38.88
CA TYR J 170 -8.31 9.08 39.06
C TYR J 170 -8.85 8.75 40.44
N LEU J 171 -8.29 7.75 41.12
CA LEU J 171 -8.76 7.39 42.45
C LEU J 171 -8.19 8.29 43.52
N LYS J 172 -6.93 8.72 43.36
CA LYS J 172 -6.34 9.66 44.31
C LYS J 172 -7.16 10.94 44.42
N ASN J 173 -7.33 11.63 43.30
CA ASN J 173 -7.95 12.96 43.32
C ASN J 173 -9.46 12.90 43.48
N GLY J 174 -10.08 11.76 43.21
CA GLY J 174 -11.52 11.65 43.37
C GLY J 174 -11.91 10.77 44.54
N ASN J 175 -10.98 10.56 45.47
CA ASN J 175 -11.21 9.63 46.57
C ASN J 175 -12.43 10.02 47.39
N ALA J 176 -12.59 11.31 47.66
CA ALA J 176 -13.70 11.75 48.52
C ALA J 176 -15.06 11.52 47.86
N THR J 177 -15.11 11.58 46.52
CA THR J 177 -16.36 11.41 45.80
C THR J 177 -16.59 9.99 45.31
N LEU J 178 -15.53 9.27 44.92
CA LEU J 178 -15.70 7.92 44.37
C LEU J 178 -15.98 6.90 45.47
N LEU J 179 -15.35 7.06 46.63
CA LEU J 179 -15.45 6.07 47.71
C LEU J 179 -16.56 6.39 48.71
N ARG J 180 -17.42 7.36 48.41
CA ARG J 180 -18.51 7.68 49.32
C ARG J 180 -19.60 6.63 49.25
N THR J 181 -20.29 6.42 50.37
CA THR J 181 -21.30 5.37 50.47
C THR J 181 -22.54 5.90 51.18
N ASP J 182 -23.69 5.82 50.50
CA ASP J 182 -24.98 6.08 51.12
C ASP J 182 -25.66 4.76 51.39
N PRO J 183 -26.05 4.47 52.64
CA PRO J 183 -26.70 3.19 52.92
C PRO J 183 -28.11 3.17 52.38
N PRO J 184 -28.60 2.02 51.92
CA PRO J 184 -29.98 1.94 51.45
C PRO J 184 -30.96 2.12 52.59
N LYS J 185 -32.21 2.39 52.23
CA LYS J 185 -33.32 2.46 53.17
C LYS J 185 -34.41 1.52 52.69
N ALA J 186 -34.73 0.51 53.49
CA ALA J 186 -35.61 -0.56 53.07
C ALA J 186 -36.96 -0.48 53.78
N HIS J 187 -38.01 -0.82 53.05
CA HIS J 187 -39.34 -1.03 53.63
C HIS J 187 -40.11 -1.97 52.72
N VAL J 188 -41.10 -2.64 53.30
CA VAL J 188 -41.93 -3.60 52.58
C VAL J 188 -43.35 -3.05 52.49
N THR J 189 -43.98 -3.22 51.34
CA THR J 189 -45.35 -2.78 51.15
C THR J 189 -46.26 -3.99 50.93
N HIS J 190 -47.57 -3.73 51.00
CA HIS J 190 -48.58 -4.78 51.08
C HIS J 190 -49.72 -4.42 50.11
N HIS J 191 -49.77 -5.12 48.99
CA HIS J 191 -50.81 -4.92 47.99
C HIS J 191 -51.66 -6.18 47.85
N ARG J 192 -52.90 -6.01 47.41
CA ARG J 192 -53.85 -7.10 47.24
C ARG J 192 -54.14 -7.35 45.77
N ARG J 193 -54.73 -8.51 45.48
CA ARG J 193 -55.02 -8.90 44.11
C ARG J 193 -56.53 -9.01 43.87
N GLY J 196 -56.63 -12.67 43.63
CA GLY J 196 -56.25 -14.06 43.68
C GLY J 196 -55.28 -14.38 44.79
N ASP J 197 -54.56 -13.35 45.23
CA ASP J 197 -53.61 -13.46 46.34
C ASP J 197 -53.16 -12.07 46.79
N VAL J 198 -51.91 -11.96 47.22
CA VAL J 198 -51.32 -10.69 47.62
C VAL J 198 -49.96 -10.55 46.94
N THR J 199 -49.40 -9.35 47.05
CA THR J 199 -48.10 -9.04 46.47
C THR J 199 -47.23 -8.37 47.53
N LEU J 200 -46.15 -9.05 47.92
CA LEU J 200 -45.17 -8.50 48.86
C LEU J 200 -44.02 -7.94 48.05
N ARG J 201 -43.90 -6.61 48.05
CA ARG J 201 -42.86 -5.91 47.30
C ARG J 201 -41.92 -5.22 48.28
N CYS J 202 -40.64 -5.51 48.16
CA CYS J 202 -39.61 -5.01 49.06
C CYS J 202 -38.83 -3.90 48.37
N TRP J 203 -38.78 -2.72 48.99
CA TRP J 203 -38.20 -1.54 48.37
C TRP J 203 -36.83 -1.22 48.96
N ALA J 204 -35.92 -0.73 48.11
CA ALA J 204 -34.57 -0.34 48.52
C ALA J 204 -34.28 1.03 47.91
N LEU J 205 -34.19 2.05 48.75
CA LEU J 205 -34.07 3.43 48.31
C LEU J 205 -32.78 4.05 48.85
N GLY J 206 -32.30 5.06 48.13
CA GLY J 206 -31.22 5.90 48.62
C GLY J 206 -29.88 5.25 48.85
N PHE J 207 -29.44 4.37 47.95
CA PHE J 207 -28.18 3.68 48.11
C PHE J 207 -27.19 4.07 47.03
N TYR J 208 -25.91 4.10 47.41
CA TYR J 208 -24.82 4.39 46.50
C TYR J 208 -23.63 3.53 46.89
N PRO J 209 -23.03 2.82 45.93
CA PRO J 209 -23.31 2.88 44.49
C PRO J 209 -24.55 2.09 44.05
N ALA J 210 -24.76 2.01 42.73
CA ALA J 210 -25.96 1.39 42.18
C ALA J 210 -25.99 -0.11 42.38
N ASP J 211 -24.83 -0.75 42.57
CA ASP J 211 -24.82 -2.20 42.71
C ASP J 211 -25.40 -2.62 44.05
N ILE J 212 -26.26 -3.63 44.02
CA ILE J 212 -27.00 -4.08 45.18
C ILE J 212 -27.63 -5.44 44.88
N THR J 213 -27.84 -6.26 45.91
CA THR J 213 -28.57 -7.51 45.78
C THR J 213 -29.83 -7.44 46.62
N LEU J 214 -30.92 -7.98 46.07
CA LEU J 214 -32.24 -7.87 46.68
C LEU J 214 -33.00 -9.16 46.41
N THR J 215 -33.29 -9.92 47.47
CA THR J 215 -33.84 -11.26 47.31
C THR J 215 -34.94 -11.53 48.32
N TRP J 216 -35.96 -12.26 47.89
CA TRP J 216 -36.95 -12.84 48.79
C TRP J 216 -36.55 -14.28 49.13
N GLN J 217 -37.02 -14.74 50.28
CA GLN J 217 -36.74 -16.10 50.74
C GLN J 217 -37.94 -16.62 51.51
N LEU J 218 -37.97 -17.94 51.69
CA LEU J 218 -38.94 -18.60 52.58
C LEU J 218 -38.14 -19.51 53.49
N ASN J 219 -37.95 -19.06 54.73
CA ASN J 219 -37.20 -19.79 55.76
C ASN J 219 -35.84 -20.24 55.24
N GLY J 220 -34.95 -19.26 55.09
CA GLY J 220 -33.58 -19.52 54.68
C GLY J 220 -33.44 -19.89 53.22
N GLU J 221 -34.25 -20.83 52.75
CA GLU J 221 -34.18 -21.27 51.36
C GLU J 221 -34.54 -20.12 50.42
N GLU J 222 -33.75 -19.97 49.36
CA GLU J 222 -34.01 -18.95 48.36
C GLU J 222 -35.43 -19.10 47.81
N LEU J 223 -36.02 -17.96 47.45
CA LEU J 223 -37.40 -17.96 46.94
C LEU J 223 -37.51 -18.85 45.71
N THR J 224 -37.50 -20.17 45.91
CA THR J 224 -37.84 -21.09 44.83
C THR J 224 -39.22 -20.72 44.32
N GLN J 225 -39.26 -19.70 43.47
CA GLN J 225 -40.46 -19.03 43.01
C GLN J 225 -40.05 -18.02 41.96
N GLU J 226 -40.99 -17.71 41.06
CA GLU J 226 -40.67 -16.83 39.94
C GLU J 226 -40.17 -15.47 40.41
N MET J 227 -40.70 -14.97 41.52
CA MET J 227 -40.37 -13.64 42.04
C MET J 227 -40.65 -12.59 40.98
N GLU J 228 -40.05 -11.41 41.13
CA GLU J 228 -40.12 -10.33 40.16
C GLU J 228 -39.04 -9.32 40.51
N LEU J 229 -38.67 -8.50 39.54
CA LEU J 229 -37.53 -7.62 39.71
C LEU J 229 -37.65 -6.44 38.75
N VAL J 230 -36.97 -5.36 39.10
CA VAL J 230 -36.83 -4.21 38.22
C VAL J 230 -35.36 -3.85 38.11
N GLU J 231 -34.99 -3.26 36.99
CA GLU J 231 -33.64 -2.73 36.88
C GLU J 231 -33.51 -1.51 37.78
N THR J 232 -32.32 -1.35 38.37
CA THR J 232 -32.11 -0.36 39.41
C THR J 232 -32.28 1.06 38.90
N ARG J 233 -33.40 1.67 39.27
CA ARG J 233 -33.69 3.05 38.92
C ARG J 233 -32.72 4.02 39.59
N PRO J 234 -32.46 5.17 38.99
CA PRO J 234 -31.80 6.26 39.72
C PRO J 234 -32.79 7.32 40.17
N ALA J 235 -32.45 8.09 41.21
CA ALA J 235 -33.34 9.13 41.72
C ALA J 235 -32.82 10.53 41.42
N GLY J 236 -32.08 10.70 40.33
CA GLY J 236 -31.55 12.00 39.87
C GLY J 236 -30.52 12.58 40.83
N ASP J 237 -30.87 12.67 42.13
CA ASP J 237 -30.03 13.28 43.17
C ASP J 237 -28.75 12.48 43.47
N GLY J 238 -28.35 11.57 42.60
CA GLY J 238 -27.13 10.80 42.77
C GLY J 238 -27.33 9.41 43.32
N THR J 239 -28.55 9.04 43.69
CA THR J 239 -28.80 7.75 44.31
C THR J 239 -29.64 6.86 43.40
N PHE J 240 -29.83 5.63 43.84
CA PHE J 240 -30.52 4.59 43.07
C PHE J 240 -31.58 3.93 43.93
N GLN J 241 -32.49 3.21 43.27
CA GLN J 241 -33.63 2.57 43.92
C GLN J 241 -33.97 1.29 43.18
N LYS J 242 -34.72 0.39 43.84
CA LYS J 242 -34.99 -0.94 43.30
C LYS J 242 -36.04 -1.63 44.16
N TRP J 243 -36.80 -2.55 43.55
CA TRP J 243 -37.74 -3.38 44.30
C TRP J 243 -37.82 -4.80 43.72
N ALA J 244 -38.25 -5.72 44.58
CA ALA J 244 -38.47 -7.13 44.22
C ALA J 244 -39.77 -7.59 44.87
N SER J 245 -40.50 -8.47 44.17
CA SER J 245 -41.85 -8.83 44.61
C SER J 245 -42.10 -10.31 44.42
N VAL J 246 -42.98 -10.85 45.28
CA VAL J 246 -43.44 -12.23 45.21
C VAL J 246 -44.94 -12.24 45.50
N VAL J 247 -45.62 -13.26 44.98
CA VAL J 247 -47.05 -13.46 45.22
C VAL J 247 -47.21 -14.51 46.31
N VAL J 248 -48.03 -14.19 47.31
CA VAL J 248 -48.16 -15.01 48.52
C VAL J 248 -49.63 -15.02 48.94
N PRO J 249 -50.15 -16.14 49.45
CA PRO J 249 -51.50 -16.11 50.04
C PRO J 249 -51.53 -15.29 51.32
N LEU J 250 -52.61 -14.54 51.50
CA LEU J 250 -52.75 -13.61 52.62
C LEU J 250 -52.57 -14.34 53.95
N GLY J 251 -52.26 -13.57 54.97
CA GLY J 251 -52.08 -14.11 56.31
C GLY J 251 -50.72 -14.76 56.50
N LYS J 252 -50.20 -15.35 55.42
CA LYS J 252 -48.90 -16.03 55.45
C LYS J 252 -47.75 -15.09 55.10
N GLU J 253 -47.84 -13.82 55.47
CA GLU J 253 -46.82 -12.85 55.08
C GLU J 253 -45.58 -12.91 55.97
N GLN J 254 -45.75 -13.25 57.25
CA GLN J 254 -44.63 -13.22 58.20
C GLN J 254 -43.64 -14.35 58.00
N LYS J 255 -43.95 -15.34 57.17
CA LYS J 255 -43.02 -16.42 56.88
C LYS J 255 -42.06 -16.09 55.74
N TYR J 256 -42.02 -14.84 55.30
CA TYR J 256 -41.18 -14.42 54.19
C TYR J 256 -40.24 -13.32 54.64
N THR J 257 -39.08 -13.25 53.98
CA THR J 257 -38.01 -12.33 54.36
C THR J 257 -37.40 -11.70 53.11
N CYS J 258 -37.06 -10.41 53.23
CA CYS J 258 -36.35 -9.68 52.19
C CYS J 258 -34.92 -9.44 52.63
N HIS J 259 -33.99 -9.48 51.66
CA HIS J 259 -32.56 -9.45 51.96
C HIS J 259 -31.86 -8.43 51.09
N VAL J 260 -31.26 -7.42 51.72
CA VAL J 260 -30.54 -6.37 51.04
C VAL J 260 -29.06 -6.49 51.38
N GLU J 261 -28.20 -6.35 50.38
CA GLU J 261 -26.76 -6.47 50.56
C GLU J 261 -26.09 -5.22 50.02
N HIS J 262 -25.60 -4.37 50.92
CA HIS J 262 -25.03 -3.08 50.57
C HIS J 262 -24.45 -2.46 51.84
N GLU J 263 -23.42 -1.64 51.66
CA GLU J 263 -22.77 -0.95 52.78
C GLU J 263 -23.68 0.12 53.37
N LEU J 269 -28.75 -6.51 55.98
CA LEU J 269 -30.10 -6.01 56.27
C LEU J 269 -31.17 -7.03 55.88
N THR J 270 -32.08 -7.28 56.81
CA THR J 270 -33.14 -8.28 56.64
C THR J 270 -34.47 -7.67 57.04
N LEU J 271 -35.45 -7.75 56.14
CA LEU J 271 -36.75 -7.13 56.35
C LEU J 271 -37.86 -8.14 56.13
N ARG J 272 -39.01 -7.84 56.72
CA ARG J 272 -40.23 -8.61 56.53
C ARG J 272 -41.41 -7.70 56.83
N TRP J 273 -42.58 -8.13 56.39
CA TRP J 273 -43.79 -7.31 56.57
C TRP J 273 -44.20 -7.33 58.04
N GLY J 274 -43.92 -6.23 58.74
CA GLY J 274 -44.24 -6.10 60.14
C GLY J 274 -44.41 -4.67 60.59
N MET K 1 -28.65 -5.45 11.70
CA MET K 1 -29.51 -4.42 12.27
C MET K 1 -30.56 -5.00 13.22
N ILE K 2 -30.60 -4.50 14.45
CA ILE K 2 -31.63 -4.92 15.40
C ILE K 2 -32.29 -3.70 16.03
N GLN K 3 -33.58 -3.84 16.32
CA GLN K 3 -34.33 -2.86 17.09
C GLN K 3 -34.64 -3.49 18.45
N LYS K 4 -34.22 -2.82 19.51
CA LYS K 4 -34.53 -3.26 20.87
C LYS K 4 -35.62 -2.36 21.43
N THR K 5 -36.60 -2.98 22.08
CA THR K 5 -37.82 -2.28 22.53
C THR K 5 -37.58 -1.63 23.88
N PRO K 6 -37.94 -0.37 24.05
CA PRO K 6 -37.61 0.33 25.30
C PRO K 6 -38.46 -0.15 26.46
N GLN K 7 -37.79 -0.33 27.60
CA GLN K 7 -38.45 -0.55 28.86
C GLN K 7 -38.65 0.79 29.55
N ILE K 8 -39.84 0.98 30.14
CA ILE K 8 -40.28 2.25 30.71
C ILE K 8 -40.70 2.02 32.16
N GLN K 9 -40.22 2.88 33.05
CA GLN K 9 -40.60 2.83 34.45
C GLN K 9 -40.90 4.24 34.93
N VAL K 10 -42.14 4.48 35.37
CA VAL K 10 -42.58 5.74 35.95
C VAL K 10 -42.66 5.57 37.47
N TYR K 11 -42.26 6.60 38.20
CA TYR K 11 -41.57 6.36 39.46
C TYR K 11 -41.20 7.69 40.12
N SER K 12 -41.70 7.94 41.32
CA SER K 12 -41.43 9.20 42.00
C SER K 12 -40.15 9.10 42.84
N ARG K 13 -39.47 10.24 42.98
CA ARG K 13 -38.22 10.30 43.74
C ARG K 13 -38.42 9.81 45.18
N HIS K 14 -39.49 10.25 45.82
CA HIS K 14 -39.80 9.86 47.19
C HIS K 14 -41.20 9.24 47.24
N PRO K 15 -41.52 8.51 48.32
CA PRO K 15 -42.88 8.00 48.49
C PRO K 15 -43.92 9.11 48.34
N PRO K 16 -44.94 8.89 47.50
CA PRO K 16 -45.88 9.96 47.18
C PRO K 16 -46.85 10.22 48.31
N GLU K 17 -47.03 11.49 48.65
CA GLU K 17 -48.09 11.91 49.54
C GLU K 17 -48.67 13.21 48.97
N ASN K 18 -50.00 13.28 48.90
CA ASN K 18 -50.66 14.36 48.22
C ASN K 18 -50.36 15.70 48.89
N GLY K 19 -50.08 16.72 48.07
CA GLY K 19 -49.77 18.03 48.58
C GLY K 19 -48.32 18.24 48.98
N LYS K 20 -47.43 17.29 48.71
CA LYS K 20 -46.02 17.45 49.02
C LYS K 20 -45.22 17.56 47.73
N PRO K 21 -44.36 18.57 47.61
CA PRO K 21 -43.59 18.73 46.36
C PRO K 21 -42.69 17.53 46.12
N ASN K 22 -42.63 17.08 44.87
CA ASN K 22 -41.90 15.88 44.53
C ASN K 22 -41.49 15.97 43.06
N ILE K 23 -40.75 14.96 42.61
CA ILE K 23 -40.30 14.88 41.22
C ILE K 23 -40.72 13.53 40.66
N LEU K 24 -41.28 13.54 39.46
CA LEU K 24 -41.66 12.31 38.76
C LEU K 24 -40.63 11.97 37.71
N ASN K 25 -40.21 10.70 37.68
CA ASN K 25 -39.21 10.23 36.74
C ASN K 25 -39.81 9.26 35.74
N CYS K 26 -39.23 9.27 34.53
CA CYS K 26 -39.51 8.29 33.49
C CYS K 26 -38.18 7.73 33.03
N TYR K 27 -37.91 6.47 33.35
CA TYR K 27 -36.62 5.85 33.14
C TYR K 27 -36.76 4.85 32.00
N VAL K 28 -36.23 5.21 30.84
CA VAL K 28 -36.40 4.46 29.61
C VAL K 28 -35.07 3.78 29.30
N THR K 29 -35.11 2.47 29.06
CA THR K 29 -33.88 1.69 28.97
C THR K 29 -33.99 0.66 27.85
N GLN K 30 -32.82 0.13 27.46
CA GLN K 30 -32.70 -1.08 26.65
C GLN K 30 -33.21 -0.91 25.23
N PHE K 31 -33.14 0.29 24.67
CA PHE K 31 -33.69 0.53 23.35
C PHE K 31 -32.59 0.76 22.33
N HIS K 32 -32.94 0.49 21.08
CA HIS K 32 -32.05 0.76 19.96
C HIS K 32 -32.88 0.83 18.71
N PRO K 33 -32.62 1.81 17.82
CA PRO K 33 -31.62 2.87 17.76
C PRO K 33 -31.77 3.95 18.85
N PRO K 34 -30.82 4.89 18.92
CA PRO K 34 -30.89 5.90 19.98
C PRO K 34 -32.03 6.90 19.83
N HIS K 35 -32.48 7.19 18.61
CA HIS K 35 -33.55 8.17 18.45
C HIS K 35 -34.82 7.71 19.15
N ILE K 36 -35.36 8.56 20.01
CA ILE K 36 -36.52 8.21 20.82
C ILE K 36 -37.27 9.48 21.20
N GLU K 37 -38.59 9.38 21.30
CA GLU K 37 -39.46 10.48 21.71
C GLU K 37 -40.10 10.14 23.04
N ILE K 38 -39.93 11.01 24.03
CA ILE K 38 -40.46 10.77 25.36
C ILE K 38 -41.30 11.97 25.78
N GLN K 39 -42.53 11.72 26.19
CA GLN K 39 -43.45 12.74 26.71
C GLN K 39 -43.95 12.33 28.08
N MET K 40 -44.12 13.32 28.96
CA MET K 40 -44.74 13.11 30.26
C MET K 40 -46.12 13.76 30.24
N LEU K 41 -47.13 13.03 30.73
CA LEU K 41 -48.52 13.41 30.55
C LEU K 41 -49.21 13.59 31.89
N LYS K 42 -49.93 14.71 32.03
CA LYS K 42 -50.73 15.02 33.20
C LYS K 42 -52.20 14.95 32.78
N ASN K 43 -52.89 13.89 33.22
CA ASN K 43 -54.29 13.65 32.85
C ASN K 43 -54.46 13.56 31.32
N GLY K 44 -53.45 13.03 30.66
CA GLY K 44 -53.46 12.90 29.22
C GLY K 44 -52.94 14.10 28.47
N LYS K 45 -52.69 15.21 29.14
CA LYS K 45 -52.12 16.41 28.53
C LYS K 45 -50.62 16.46 28.83
N LYS K 46 -49.85 16.99 27.87
CA LYS K 46 -48.41 16.97 27.97
C LYS K 46 -47.90 18.01 28.97
N ILE K 47 -46.94 17.60 29.78
CA ILE K 47 -46.30 18.54 30.71
C ILE K 47 -45.28 19.37 29.93
N PRO K 48 -45.30 20.70 30.05
CA PRO K 48 -44.43 21.53 29.21
C PRO K 48 -42.94 21.29 29.44
N LYS K 49 -42.39 21.79 30.54
CA LYS K 49 -40.95 21.72 30.77
C LYS K 49 -40.63 20.37 31.41
N VAL K 50 -40.15 19.43 30.59
CA VAL K 50 -39.61 18.16 31.06
C VAL K 50 -38.13 18.14 30.71
N GLU K 51 -37.30 17.75 31.66
CA GLU K 51 -35.86 17.75 31.49
C GLU K 51 -35.36 16.34 31.21
N MET K 52 -34.39 16.23 30.32
CA MET K 52 -33.89 14.96 29.82
C MET K 52 -32.41 14.80 30.17
N SER K 53 -32.06 13.60 30.65
CA SER K 53 -30.65 13.26 30.78
C SER K 53 -30.03 13.04 29.40
N ASP K 54 -28.72 13.20 29.34
CA ASP K 54 -28.02 13.05 28.07
C ASP K 54 -28.07 11.59 27.60
N MET K 55 -28.03 11.42 26.28
CA MET K 55 -28.05 10.08 25.71
C MET K 55 -26.80 9.30 26.12
N SER K 56 -27.00 8.12 26.70
CA SER K 56 -25.92 7.24 27.13
C SER K 56 -26.24 5.83 26.69
N PHE K 57 -25.31 4.90 26.93
CA PHE K 57 -25.60 3.50 26.66
C PHE K 57 -24.78 2.62 27.59
N SER K 58 -25.11 1.32 27.58
CA SER K 58 -24.58 0.32 28.49
C SER K 58 -23.74 -0.70 27.72
N LYS K 59 -23.16 -1.64 28.47
CA LYS K 59 -22.20 -2.60 27.91
C LYS K 59 -22.84 -3.53 26.88
N ASP K 60 -24.16 -3.76 26.95
CA ASP K 60 -24.82 -4.59 25.96
C ASP K 60 -25.23 -3.79 24.72
N TRP K 61 -24.84 -2.52 24.66
CA TRP K 61 -25.00 -1.55 23.57
C TRP K 61 -26.33 -0.79 23.63
N SER K 62 -27.30 -1.23 24.44
CA SER K 62 -28.59 -0.57 24.43
C SER K 62 -28.54 0.77 25.16
N PHE K 63 -29.25 1.76 24.61
CA PHE K 63 -29.26 3.10 25.17
C PHE K 63 -30.22 3.22 26.35
N TYR K 64 -30.03 4.27 27.14
CA TYR K 64 -30.94 4.59 28.23
C TYR K 64 -30.98 6.10 28.45
N ILE K 65 -32.08 6.57 29.04
CA ILE K 65 -32.29 8.00 29.22
C ILE K 65 -33.29 8.20 30.34
N LEU K 66 -33.20 9.34 31.01
CA LEU K 66 -34.06 9.65 32.15
C LEU K 66 -34.73 11.00 31.94
N ALA K 67 -36.05 11.00 32.06
CA ALA K 67 -36.83 12.23 32.00
C ALA K 67 -37.40 12.51 33.38
N HIS K 68 -37.49 13.80 33.72
CA HIS K 68 -38.00 14.19 35.01
C HIS K 68 -38.67 15.54 34.90
N THR K 69 -39.68 15.75 35.73
CA THR K 69 -40.37 17.03 35.83
C THR K 69 -40.94 17.18 37.24
N GLU K 70 -40.94 18.41 37.73
CA GLU K 70 -41.45 18.68 39.07
C GLU K 70 -42.96 18.55 39.10
N PHE K 71 -43.48 17.98 40.19
CA PHE K 71 -44.91 17.78 40.30
C PHE K 71 -45.29 17.64 41.77
N THR K 72 -46.58 17.83 42.03
CA THR K 72 -47.15 17.58 43.35
C THR K 72 -48.34 16.66 43.17
N PRO K 73 -48.30 15.43 43.68
CA PRO K 73 -49.38 14.49 43.40
C PRO K 73 -50.62 14.86 44.19
N THR K 74 -51.78 14.64 43.56
CA THR K 74 -53.05 14.65 44.25
C THR K 74 -53.71 13.29 44.05
N GLU K 75 -54.82 13.07 44.75
CA GLU K 75 -55.47 11.77 44.70
C GLU K 75 -56.00 11.46 43.30
N THR K 76 -56.50 12.46 42.59
CA THR K 76 -57.17 12.25 41.32
C THR K 76 -56.25 12.37 40.12
N ASP K 77 -55.18 13.17 40.22
CA ASP K 77 -54.31 13.43 39.07
C ASP K 77 -53.68 12.13 38.58
N THR K 78 -53.88 11.84 37.30
CA THR K 78 -53.25 10.71 36.62
C THR K 78 -52.04 11.22 35.86
N TYR K 79 -50.91 10.55 36.05
CA TYR K 79 -49.67 10.89 35.35
C TYR K 79 -49.21 9.69 34.54
N ALA K 80 -48.49 9.97 33.44
CA ALA K 80 -48.07 8.92 32.53
C ALA K 80 -46.88 9.40 31.72
N CYS K 81 -46.10 8.46 31.22
CA CYS K 81 -44.99 8.73 30.32
C CYS K 81 -45.24 7.98 29.03
N ARG K 82 -45.04 8.66 27.90
CA ARG K 82 -45.39 8.15 26.59
C ARG K 82 -44.15 8.14 25.71
N VAL K 83 -43.80 6.95 25.22
CA VAL K 83 -42.57 6.72 24.47
C VAL K 83 -42.92 6.26 23.06
N LYS K 84 -42.37 6.94 22.06
CA LYS K 84 -42.44 6.52 20.68
C LYS K 84 -41.04 6.13 20.20
N HIS K 85 -40.96 5.03 19.47
CA HIS K 85 -39.67 4.46 19.13
C HIS K 85 -39.84 3.51 17.95
N ALA K 86 -38.77 3.36 17.17
CA ALA K 86 -38.81 2.59 15.93
C ALA K 86 -38.99 1.10 16.16
N SER K 87 -38.74 0.61 17.37
CA SER K 87 -38.99 -0.79 17.69
C SER K 87 -40.47 -1.10 17.87
N MET K 88 -41.33 -0.09 18.01
CA MET K 88 -42.73 -0.30 18.38
C MET K 88 -43.66 0.16 17.28
N ALA K 89 -44.72 -0.62 17.03
CA ALA K 89 -45.71 -0.21 16.04
C ALA K 89 -46.44 1.05 16.49
N GLU K 90 -46.87 1.08 17.75
CA GLU K 90 -47.57 2.25 18.27
C GLU K 90 -46.85 2.77 19.51
N PRO K 91 -46.91 4.07 19.77
CA PRO K 91 -46.37 4.60 21.03
C PRO K 91 -46.90 3.84 22.23
N LYS K 92 -46.03 3.67 23.22
CA LYS K 92 -46.35 2.99 24.46
C LYS K 92 -46.51 4.03 25.57
N THR K 93 -47.64 3.98 26.26
CA THR K 93 -47.93 4.87 27.38
C THR K 93 -47.92 4.04 28.67
N VAL K 94 -47.15 4.49 29.65
CA VAL K 94 -47.03 3.80 30.93
C VAL K 94 -47.50 4.76 32.02
N TYR K 95 -48.58 4.40 32.70
CA TYR K 95 -49.13 5.25 33.74
C TYR K 95 -48.41 5.06 35.07
N TRP K 96 -48.33 6.13 35.84
CA TRP K 96 -47.70 6.12 37.15
C TRP K 96 -48.61 5.44 38.16
N ASP K 97 -48.06 4.47 38.89
CA ASP K 97 -48.79 3.74 39.92
C ASP K 97 -48.26 4.16 41.30
N ARG K 98 -49.19 4.40 42.22
CA ARG K 98 -48.81 4.80 43.57
C ARG K 98 -48.22 3.66 44.39
N ASP K 99 -48.10 2.46 43.81
CA ASP K 99 -47.55 1.30 44.52
C ASP K 99 -46.27 0.76 43.91
N MET K 100 -45.86 1.26 42.75
CA MET K 100 -44.68 0.75 42.06
C MET K 100 -44.12 1.76 41.09
N ILE L 1 -7.64 9.05 31.03
CA ILE L 1 -7.61 9.49 29.64
C ILE L 1 -8.23 8.41 28.76
N GLY L 2 -9.00 8.83 27.76
CA GLY L 2 -9.65 7.89 26.87
C GLY L 2 -8.81 7.54 25.65
N PRO L 3 -9.27 6.54 24.90
CA PRO L 3 -8.48 6.01 23.78
C PRO L 3 -8.66 6.78 22.49
N GLY L 4 -7.63 6.75 21.67
CA GLY L 4 -7.64 7.36 20.35
C GLY L 4 -7.78 6.29 19.27
N ARG L 5 -8.59 6.59 18.26
CA ARG L 5 -8.70 5.75 17.08
C ARG L 5 -7.47 5.93 16.20
N ALA L 6 -6.75 4.85 15.92
CA ALA L 6 -5.68 4.84 14.93
C ALA L 6 -5.95 3.90 13.76
N PHE L 7 -6.93 3.02 13.87
CA PHE L 7 -7.27 2.10 12.79
C PHE L 7 -8.71 2.34 12.36
N TYR L 8 -8.99 1.99 11.13
CA TYR L 8 -10.28 2.17 10.57
C TYR L 8 -10.98 0.86 10.39
N VAL L 9 -12.27 0.94 10.25
CA VAL L 9 -13.10 -0.21 10.03
C VAL L 9 -12.98 -0.66 8.58
#